data_3W6V
# 
_entry.id   3W6V 
# 
_audit_conform.dict_name       mmcif_pdbx.dic 
_audit_conform.dict_version    5.381 
_audit_conform.dict_location   http://mmcif.pdb.org/dictionaries/ascii/mmcif_pdbx.dic 
# 
loop_
_database_2.database_id 
_database_2.database_code 
_database_2.pdbx_database_accession 
_database_2.pdbx_DOI 
PDB   3W6V         pdb_00003w6v 10.2210/pdb3w6v/pdb 
NDB   NA2272       ?            ?                   
RCSB  RCSB095960   ?            ?                   
WWPDB D_1000095960 ?            ?                   
# 
_pdbx_database_status.status_code                     REL 
_pdbx_database_status.entry_id                        3W6V 
_pdbx_database_status.recvd_initial_deposition_date   2013-02-22 
_pdbx_database_status.deposit_site                    PDBJ 
_pdbx_database_status.process_site                    PDBJ 
_pdbx_database_status.methods_development_category    ? 
_pdbx_database_status.status_code_sf                  REL 
_pdbx_database_status.status_code_mr                  ? 
_pdbx_database_status.SG_entry                        ? 
_pdbx_database_status.status_code_cs                  ? 
_pdbx_database_status.pdb_format_compatible           Y 
_pdbx_database_status.status_code_nmr_data            ? 
# 
loop_
_audit_author.name 
_audit_author.pdbx_ordinal 
'Yao, M.D.'    1 
'Ohtsuka, J.'  2 
'Nagata, K.'   3 
'Miyazono, K.' 4 
'Ohnishi, Y.'  5 
'Tanokura, M.' 6 
# 
_citation.id                        primary 
_citation.title                     
;Complex Structure of the DNA-binding Domain of AdpA, the Global Transcription Factor in Streptomyces griseus, and a Target Duplex DNA Reveals the Structural Basis of Its Tolerant DNA Sequence Specificity
;
_citation.journal_abbrev            J.Biol.Chem. 
_citation.journal_volume            288 
_citation.page_first                31019 
_citation.page_last                 31029 
_citation.year                      2013 
_citation.journal_id_ASTM           JBCHA3 
_citation.country                   US 
_citation.journal_id_ISSN           0021-9258 
_citation.journal_id_CSD            0071 
_citation.book_publisher            ? 
_citation.pdbx_database_id_PubMed   24019524 
_citation.pdbx_database_id_DOI      10.1074/jbc.M113.473611 
# 
loop_
_citation_author.citation_id 
_citation_author.name 
_citation_author.ordinal 
_citation_author.identifier_ORCID 
primary 'Yao, M.D.'    1 ? 
primary 'Ohtsuka, J.'  2 ? 
primary 'Nagata, K.'   3 ? 
primary 'Miyazono, K.' 4 ? 
primary 'Zhi, Y.'      5 ? 
primary 'Ohnishi, Y.'  6 ? 
primary 'Tanokura, M.' 7 ? 
# 
_cell.entry_id           3W6V 
_cell.length_a           76.510 
_cell.length_b           100.640 
_cell.length_c           100.910 
_cell.angle_alpha        90.00 
_cell.angle_beta         90.00 
_cell.angle_gamma        90.00 
_cell.Z_PDB              8 
_cell.pdbx_unique_axis   ? 
_cell.length_a_esd       ? 
_cell.length_b_esd       ? 
_cell.length_c_esd       ? 
_cell.angle_alpha_esd    ? 
_cell.angle_beta_esd     ? 
_cell.angle_gamma_esd    ? 
# 
_symmetry.entry_id                         3W6V 
_symmetry.space_group_name_H-M             'C 2 2 21' 
_symmetry.pdbx_full_space_group_name_H-M   ? 
_symmetry.cell_setting                     ? 
_symmetry.Int_Tables_number                20 
_symmetry.space_group_name_Hall            ? 
# 
loop_
_entity.id 
_entity.type 
_entity.src_method 
_entity.pdbx_description 
_entity.formula_weight 
_entity.pdbx_number_of_molecules 
_entity.pdbx_ec 
_entity.pdbx_mutation 
_entity.pdbx_fragment 
_entity.details 
1 polymer man AdpA                                                             16743.789 1 ? ? 
'DNA-binding domain, residues 215-340' ? 
2 polymer syn 
;DNA (5'-D(*CP*TP*GP*TP*GP*AP*AP*CP*CP*CP*GP*CP*CP*AP*AP*C)-3')
;
4828.146  1 ? ? ?                                      ? 
3 polymer syn 
;DNA (5'-D(*AP*GP*GP*TP*TP*GP*GP*CP*GP*GP*GP*TP*TP*CP*AP*C)-3')
;
4970.213  1 ? ? ?                                      ? 
4 water   nat water                                                            18.015    9 ? ? ? ? 
# 
loop_
_entity_poly.entity_id 
_entity_poly.type 
_entity_poly.nstd_linkage 
_entity_poly.nstd_monomer 
_entity_poly.pdbx_seq_one_letter_code 
_entity_poly.pdbx_seq_one_letter_code_can 
_entity_poly.pdbx_strand_id 
_entity_poly.pdbx_target_identifier 
1 'polypeptide(L)'        no no 
;MGSSHHHHHHSSGLVPRGSHMGQERYLDRSLPEEIGSDPLAEVVAWALEHLHEQFDVETLAARAYMSRRTFDRRFRSLTG
SAPLQWLITQRVLQAQRLLETSDYSVDEVAGRCGFRSPVALRGHFRRQLGSSPAAYRAAYRARRPQG
;
;MGSSHHHHHHSSGLVPRGSHMGQERYLDRSLPEEIGSDPLAEVVAWALEHLHEQFDVETLAARAYMSRRTFDRRFRSLTG
SAPLQWLITQRVLQAQRLLETSDYSVDEVAGRCGFRSPVALRGHFRRQLGSSPAAYRAAYRARRPQG
;
A ? 
2 polydeoxyribonucleotide no no '(DC)(DT)(DG)(DT)(DG)(DA)(DA)(DC)(DC)(DC)(DG)(DC)(DC)(DA)(DA)(DC)' CTGTGAACCCGCCAAC B ? 
3 polydeoxyribonucleotide no no '(DA)(DG)(DG)(DT)(DT)(DG)(DG)(DC)(DG)(DG)(DG)(DT)(DT)(DC)(DA)(DC)' AGGTTGGCGGGTTCAC C ? 
# 
loop_
_entity_poly_seq.entity_id 
_entity_poly_seq.num 
_entity_poly_seq.mon_id 
_entity_poly_seq.hetero 
1 1   MET n 
1 2   GLY n 
1 3   SER n 
1 4   SER n 
1 5   HIS n 
1 6   HIS n 
1 7   HIS n 
1 8   HIS n 
1 9   HIS n 
1 10  HIS n 
1 11  SER n 
1 12  SER n 
1 13  GLY n 
1 14  LEU n 
1 15  VAL n 
1 16  PRO n 
1 17  ARG n 
1 18  GLY n 
1 19  SER n 
1 20  HIS n 
1 21  MET n 
1 22  GLY n 
1 23  GLN n 
1 24  GLU n 
1 25  ARG n 
1 26  TYR n 
1 27  LEU n 
1 28  ASP n 
1 29  ARG n 
1 30  SER n 
1 31  LEU n 
1 32  PRO n 
1 33  GLU n 
1 34  GLU n 
1 35  ILE n 
1 36  GLY n 
1 37  SER n 
1 38  ASP n 
1 39  PRO n 
1 40  LEU n 
1 41  ALA n 
1 42  GLU n 
1 43  VAL n 
1 44  VAL n 
1 45  ALA n 
1 46  TRP n 
1 47  ALA n 
1 48  LEU n 
1 49  GLU n 
1 50  HIS n 
1 51  LEU n 
1 52  HIS n 
1 53  GLU n 
1 54  GLN n 
1 55  PHE n 
1 56  ASP n 
1 57  VAL n 
1 58  GLU n 
1 59  THR n 
1 60  LEU n 
1 61  ALA n 
1 62  ALA n 
1 63  ARG n 
1 64  ALA n 
1 65  TYR n 
1 66  MET n 
1 67  SER n 
1 68  ARG n 
1 69  ARG n 
1 70  THR n 
1 71  PHE n 
1 72  ASP n 
1 73  ARG n 
1 74  ARG n 
1 75  PHE n 
1 76  ARG n 
1 77  SER n 
1 78  LEU n 
1 79  THR n 
1 80  GLY n 
1 81  SER n 
1 82  ALA n 
1 83  PRO n 
1 84  LEU n 
1 85  GLN n 
1 86  TRP n 
1 87  LEU n 
1 88  ILE n 
1 89  THR n 
1 90  GLN n 
1 91  ARG n 
1 92  VAL n 
1 93  LEU n 
1 94  GLN n 
1 95  ALA n 
1 96  GLN n 
1 97  ARG n 
1 98  LEU n 
1 99  LEU n 
1 100 GLU n 
1 101 THR n 
1 102 SER n 
1 103 ASP n 
1 104 TYR n 
1 105 SER n 
1 106 VAL n 
1 107 ASP n 
1 108 GLU n 
1 109 VAL n 
1 110 ALA n 
1 111 GLY n 
1 112 ARG n 
1 113 CYS n 
1 114 GLY n 
1 115 PHE n 
1 116 ARG n 
1 117 SER n 
1 118 PRO n 
1 119 VAL n 
1 120 ALA n 
1 121 LEU n 
1 122 ARG n 
1 123 GLY n 
1 124 HIS n 
1 125 PHE n 
1 126 ARG n 
1 127 ARG n 
1 128 GLN n 
1 129 LEU n 
1 130 GLY n 
1 131 SER n 
1 132 SER n 
1 133 PRO n 
1 134 ALA n 
1 135 ALA n 
1 136 TYR n 
1 137 ARG n 
1 138 ALA n 
1 139 ALA n 
1 140 TYR n 
1 141 ARG n 
1 142 ALA n 
1 143 ARG n 
1 144 ARG n 
1 145 PRO n 
1 146 GLN n 
1 147 GLY n 
2 1   DC  n 
2 2   DT  n 
2 3   DG  n 
2 4   DT  n 
2 5   DG  n 
2 6   DA  n 
2 7   DA  n 
2 8   DC  n 
2 9   DC  n 
2 10  DC  n 
2 11  DG  n 
2 12  DC  n 
2 13  DC  n 
2 14  DA  n 
2 15  DA  n 
2 16  DC  n 
3 1   DA  n 
3 2   DG  n 
3 3   DG  n 
3 4   DT  n 
3 5   DT  n 
3 6   DG  n 
3 7   DG  n 
3 8   DC  n 
3 9   DG  n 
3 10  DG  n 
3 11  DG  n 
3 12  DT  n 
3 13  DT  n 
3 14  DC  n 
3 15  DA  n 
3 16  DC  n 
# 
_entity_src_gen.entity_id                          1 
_entity_src_gen.pdbx_src_id                        1 
_entity_src_gen.pdbx_alt_source_flag               sample 
_entity_src_gen.pdbx_seq_type                      ? 
_entity_src_gen.pdbx_beg_seq_num                   ? 
_entity_src_gen.pdbx_end_seq_num                   ? 
_entity_src_gen.gene_src_common_name               ? 
_entity_src_gen.gene_src_genus                     ? 
_entity_src_gen.pdbx_gene_src_gene                 adpA 
_entity_src_gen.gene_src_species                   ? 
_entity_src_gen.gene_src_strain                    ? 
_entity_src_gen.gene_src_tissue                    ? 
_entity_src_gen.gene_src_tissue_fraction           ? 
_entity_src_gen.gene_src_details                   ? 
_entity_src_gen.pdbx_gene_src_fragment             ? 
_entity_src_gen.pdbx_gene_src_scientific_name      'Streptomyces griseus' 
_entity_src_gen.pdbx_gene_src_ncbi_taxonomy_id     1911 
_entity_src_gen.pdbx_gene_src_variant              ? 
_entity_src_gen.pdbx_gene_src_cell_line            ? 
_entity_src_gen.pdbx_gene_src_atcc                 ? 
_entity_src_gen.pdbx_gene_src_organ                ? 
_entity_src_gen.pdbx_gene_src_organelle            ? 
_entity_src_gen.pdbx_gene_src_cell                 ? 
_entity_src_gen.pdbx_gene_src_cellular_location    ? 
_entity_src_gen.host_org_common_name               ? 
_entity_src_gen.pdbx_host_org_scientific_name      'Escherichia coli' 
_entity_src_gen.pdbx_host_org_ncbi_taxonomy_id     562 
_entity_src_gen.host_org_genus                     ? 
_entity_src_gen.pdbx_host_org_gene                 ? 
_entity_src_gen.pdbx_host_org_organ                ? 
_entity_src_gen.host_org_species                   ? 
_entity_src_gen.pdbx_host_org_tissue               ? 
_entity_src_gen.pdbx_host_org_tissue_fraction      ? 
_entity_src_gen.pdbx_host_org_strain               'Rosetta(DE3)' 
_entity_src_gen.pdbx_host_org_variant              ? 
_entity_src_gen.pdbx_host_org_cell_line            ? 
_entity_src_gen.pdbx_host_org_atcc                 ? 
_entity_src_gen.pdbx_host_org_culture_collection   ? 
_entity_src_gen.pdbx_host_org_cell                 ? 
_entity_src_gen.pdbx_host_org_organelle            ? 
_entity_src_gen.pdbx_host_org_cellular_location    ? 
_entity_src_gen.pdbx_host_org_vector_type          plasmid 
_entity_src_gen.pdbx_host_org_vector               ? 
_entity_src_gen.host_org_details                   ? 
_entity_src_gen.expression_system_id               ? 
_entity_src_gen.plasmid_name                       pET-28a 
_entity_src_gen.plasmid_details                    ? 
_entity_src_gen.pdbx_description                   ? 
# 
loop_
_struct_ref.id 
_struct_ref.db_name 
_struct_ref.db_code 
_struct_ref.pdbx_db_accession 
_struct_ref.entity_id 
_struct_ref.pdbx_seq_one_letter_code 
_struct_ref.pdbx_align_begin 
_struct_ref.pdbx_db_isoform 
1 UNP Q9S166_STRGR Q9S166 1 
;GQERYLDRSLPEEIGSDPLAEVVAWALEHLHEQFDVETLAARAYMSRRTFDRRFRSLTGSAPLQWLITQRVLQAQRLLET
SDYSVDEVAGRCGFRSPVALRGHFRRQLGSSPAAYRAAYRARRPQG
;
215 ? 
2 PDB 3W6V         3W6V   2 ? ?   ? 
3 PDB 3W6V         3W6V   3 ? ?   ? 
# 
loop_
_struct_ref_seq.align_id 
_struct_ref_seq.ref_id 
_struct_ref_seq.pdbx_PDB_id_code 
_struct_ref_seq.pdbx_strand_id 
_struct_ref_seq.seq_align_beg 
_struct_ref_seq.pdbx_seq_align_beg_ins_code 
_struct_ref_seq.seq_align_end 
_struct_ref_seq.pdbx_seq_align_end_ins_code 
_struct_ref_seq.pdbx_db_accession 
_struct_ref_seq.db_align_beg 
_struct_ref_seq.pdbx_db_align_beg_ins_code 
_struct_ref_seq.db_align_end 
_struct_ref_seq.pdbx_db_align_end_ins_code 
_struct_ref_seq.pdbx_auth_seq_align_beg 
_struct_ref_seq.pdbx_auth_seq_align_end 
1 1 3W6V A 22 ? 147 ? Q9S166 215 ? 340 ? 215 340 
2 2 3W6V B 1  ? 16  ? 3W6V   -3  ? 12  ? -3  12  
3 3 3W6V C 1  ? 16  ? 3W6V   -3  ? 12  ? -3  12  
# 
loop_
_struct_ref_seq_dif.align_id 
_struct_ref_seq_dif.pdbx_pdb_id_code 
_struct_ref_seq_dif.mon_id 
_struct_ref_seq_dif.pdbx_pdb_strand_id 
_struct_ref_seq_dif.seq_num 
_struct_ref_seq_dif.pdbx_pdb_ins_code 
_struct_ref_seq_dif.pdbx_seq_db_name 
_struct_ref_seq_dif.pdbx_seq_db_accession_code 
_struct_ref_seq_dif.db_mon_id 
_struct_ref_seq_dif.pdbx_seq_db_seq_num 
_struct_ref_seq_dif.details 
_struct_ref_seq_dif.pdbx_auth_seq_num 
_struct_ref_seq_dif.pdbx_ordinal 
1 3W6V MET A 1  ? UNP Q9S166 ? ? 'expression tag' 194 1  
1 3W6V GLY A 2  ? UNP Q9S166 ? ? 'expression tag' 195 2  
1 3W6V SER A 3  ? UNP Q9S166 ? ? 'expression tag' 196 3  
1 3W6V SER A 4  ? UNP Q9S166 ? ? 'expression tag' 197 4  
1 3W6V HIS A 5  ? UNP Q9S166 ? ? 'expression tag' 198 5  
1 3W6V HIS A 6  ? UNP Q9S166 ? ? 'expression tag' 199 6  
1 3W6V HIS A 7  ? UNP Q9S166 ? ? 'expression tag' 200 7  
1 3W6V HIS A 8  ? UNP Q9S166 ? ? 'expression tag' 201 8  
1 3W6V HIS A 9  ? UNP Q9S166 ? ? 'expression tag' 202 9  
1 3W6V HIS A 10 ? UNP Q9S166 ? ? 'expression tag' 203 10 
1 3W6V SER A 11 ? UNP Q9S166 ? ? 'expression tag' 204 11 
1 3W6V SER A 12 ? UNP Q9S166 ? ? 'expression tag' 205 12 
1 3W6V GLY A 13 ? UNP Q9S166 ? ? 'expression tag' 206 13 
1 3W6V LEU A 14 ? UNP Q9S166 ? ? 'expression tag' 207 14 
1 3W6V VAL A 15 ? UNP Q9S166 ? ? 'expression tag' 208 15 
1 3W6V PRO A 16 ? UNP Q9S166 ? ? 'expression tag' 209 16 
1 3W6V ARG A 17 ? UNP Q9S166 ? ? 'expression tag' 210 17 
1 3W6V GLY A 18 ? UNP Q9S166 ? ? 'expression tag' 211 18 
1 3W6V SER A 19 ? UNP Q9S166 ? ? 'expression tag' 212 19 
1 3W6V HIS A 20 ? UNP Q9S166 ? ? 'expression tag' 213 20 
1 3W6V MET A 21 ? UNP Q9S166 ? ? 'expression tag' 214 21 
# 
loop_
_chem_comp.id 
_chem_comp.type 
_chem_comp.mon_nstd_flag 
_chem_comp.name 
_chem_comp.pdbx_synonyms 
_chem_comp.formula 
_chem_comp.formula_weight 
ALA 'L-peptide linking' y ALANINE                              ? 'C3 H7 N O2'      89.093  
ARG 'L-peptide linking' y ARGININE                             ? 'C6 H15 N4 O2 1'  175.209 
ASP 'L-peptide linking' y 'ASPARTIC ACID'                      ? 'C4 H7 N O4'      133.103 
CYS 'L-peptide linking' y CYSTEINE                             ? 'C3 H7 N O2 S'    121.158 
DA  'DNA linking'       y "2'-DEOXYADENOSINE-5'-MONOPHOSPHATE" ? 'C10 H14 N5 O6 P' 331.222 
DC  'DNA linking'       y "2'-DEOXYCYTIDINE-5'-MONOPHOSPHATE"  ? 'C9 H14 N3 O7 P'  307.197 
DG  'DNA linking'       y "2'-DEOXYGUANOSINE-5'-MONOPHOSPHATE" ? 'C10 H14 N5 O7 P' 347.221 
DT  'DNA linking'       y "THYMIDINE-5'-MONOPHOSPHATE"         ? 'C10 H15 N2 O8 P' 322.208 
GLN 'L-peptide linking' y GLUTAMINE                            ? 'C5 H10 N2 O3'    146.144 
GLU 'L-peptide linking' y 'GLUTAMIC ACID'                      ? 'C5 H9 N O4'      147.129 
GLY 'peptide linking'   y GLYCINE                              ? 'C2 H5 N O2'      75.067  
HIS 'L-peptide linking' y HISTIDINE                            ? 'C6 H10 N3 O2 1'  156.162 
HOH non-polymer         . WATER                                ? 'H2 O'            18.015  
ILE 'L-peptide linking' y ISOLEUCINE                           ? 'C6 H13 N O2'     131.173 
LEU 'L-peptide linking' y LEUCINE                              ? 'C6 H13 N O2'     131.173 
MET 'L-peptide linking' y METHIONINE                           ? 'C5 H11 N O2 S'   149.211 
PHE 'L-peptide linking' y PHENYLALANINE                        ? 'C9 H11 N O2'     165.189 
PRO 'L-peptide linking' y PROLINE                              ? 'C5 H9 N O2'      115.130 
SER 'L-peptide linking' y SERINE                               ? 'C3 H7 N O3'      105.093 
THR 'L-peptide linking' y THREONINE                            ? 'C4 H9 N O3'      119.119 
TRP 'L-peptide linking' y TRYPTOPHAN                           ? 'C11 H12 N2 O2'   204.225 
TYR 'L-peptide linking' y TYROSINE                             ? 'C9 H11 N O3'     181.189 
VAL 'L-peptide linking' y VALINE                               ? 'C5 H11 N O2'     117.146 
# 
_exptl.entry_id          3W6V 
_exptl.method            'X-RAY DIFFRACTION' 
_exptl.crystals_number   1 
# 
_exptl_crystal.id                    1 
_exptl_crystal.density_meas          ? 
_exptl_crystal.density_Matthews      3.66 
_exptl_crystal.density_percent_sol   66.39 
_exptl_crystal.description           ? 
_exptl_crystal.F_000                 ? 
_exptl_crystal.preparation           ? 
# 
_exptl_crystal_grow.crystal_id      1 
_exptl_crystal_grow.method          'VAPOR DIFFUSION, SITTING DROP' 
_exptl_crystal_grow.temp            277 
_exptl_crystal_grow.temp_details    ? 
_exptl_crystal_grow.pH              7.1 
_exptl_crystal_grow.pdbx_details    
'0.1M sodium HEPES, 10%(v/v) 2-propanol, 16%(w/v) PEG4000, pH 7.1, VAPOR DIFFUSION, SITTING DROP, temperature 277K' 
_exptl_crystal_grow.pdbx_pH_range   ? 
# 
_diffrn.id                     1 
_diffrn.ambient_temp           95 
_diffrn.ambient_temp_details   ? 
_diffrn.crystal_id             1 
# 
_diffrn_detector.diffrn_id              1 
_diffrn_detector.detector               CCD 
_diffrn_detector.type                   'ADSC QUANTUM 270' 
_diffrn_detector.pdbx_collection_date   2010-03-07 
_diffrn_detector.details                diffraction 
# 
_diffrn_radiation.diffrn_id                        1 
_diffrn_radiation.wavelength_id                    1 
_diffrn_radiation.pdbx_monochromatic_or_laue_m_l   M 
_diffrn_radiation.monochromator                    ? 
_diffrn_radiation.pdbx_diffrn_protocol             'SINGLE WAVELENGTH' 
_diffrn_radiation.pdbx_scattering_type             x-ray 
# 
_diffrn_radiation_wavelength.id           1 
_diffrn_radiation_wavelength.wavelength   1.0000 
_diffrn_radiation_wavelength.wt           1.0 
# 
_diffrn_source.diffrn_id                   1 
_diffrn_source.source                      SYNCHROTRON 
_diffrn_source.type                        'PHOTON FACTORY BEAMLINE AR-NE3A' 
_diffrn_source.pdbx_synchrotron_site       'Photon Factory' 
_diffrn_source.pdbx_synchrotron_beamline   AR-NE3A 
_diffrn_source.pdbx_wavelength             ? 
_diffrn_source.pdbx_wavelength_list        1.0000 
# 
_reflns.entry_id                     3W6V 
_reflns.observed_criterion_sigma_I   2.0 
_reflns.observed_criterion_sigma_F   2.0 
_reflns.d_resolution_low             50 
_reflns.d_resolution_high            2.80 
_reflns.number_obs                   9885 
_reflns.number_all                   10045 
_reflns.percent_possible_obs         98.4 
_reflns.pdbx_Rmerge_I_obs            0.077 
_reflns.pdbx_Rsym_value              ? 
_reflns.pdbx_netI_over_sigmaI        11.93 
_reflns.B_iso_Wilson_estimate        ? 
_reflns.pdbx_redundancy              5.4 
_reflns.R_free_details               ? 
_reflns.limit_h_max                  ? 
_reflns.limit_h_min                  ? 
_reflns.limit_k_max                  ? 
_reflns.limit_k_min                  ? 
_reflns.limit_l_max                  ? 
_reflns.limit_l_min                  ? 
_reflns.observed_criterion_F_max     ? 
_reflns.observed_criterion_F_min     ? 
_reflns.pdbx_chi_squared             ? 
_reflns.pdbx_scaling_rejects         ? 
_reflns.pdbx_ordinal                 1 
_reflns.pdbx_diffrn_id               1 
# 
_reflns_shell.d_res_high                  2.80 
_reflns_shell.d_res_low                   2.87 
_reflns_shell.percent_possible_all        98.4 
_reflns_shell.Rmerge_I_obs                0.077 
_reflns_shell.pdbx_Rsym_value             ? 
_reflns_shell.meanI_over_sigI_obs         11.93 
_reflns_shell.pdbx_redundancy             5.4 
_reflns_shell.percent_possible_obs        ? 
_reflns_shell.number_unique_all           10045 
_reflns_shell.number_measured_all         ? 
_reflns_shell.number_measured_obs         ? 
_reflns_shell.number_unique_obs           ? 
_reflns_shell.pdbx_chi_squared            ? 
_reflns_shell.pdbx_rejects                ? 
_reflns_shell.pdbx_netI_over_sigmaI_obs   ? 
_reflns_shell.number_possible             ? 
_reflns_shell.Rmerge_F_all                ? 
_reflns_shell.Rmerge_F_obs                ? 
_reflns_shell.Rmerge_I_all                ? 
_reflns_shell.meanI_over_sigI_all         ? 
_reflns_shell.pdbx_Rrim_I_all             ? 
_reflns_shell.pdbx_Rpim_I_all             ? 
_reflns_shell.pdbx_ordinal                1 
_reflns_shell.pdbx_diffrn_id              1 
# 
_refine.entry_id                                 3W6V 
_refine.ls_number_reflns_obs                     8039 
_refine.ls_number_reflns_all                     8057 
_refine.pdbx_ls_sigma_I                          ? 
_refine.pdbx_ls_sigma_F                          0 
_refine.pdbx_data_cutoff_high_absF               ? 
_refine.pdbx_data_cutoff_low_absF                ? 
_refine.pdbx_data_cutoff_high_rms_absF           ? 
_refine.ls_d_res_low                             19.50 
_refine.ls_d_res_high                            2.95 
_refine.ls_percent_reflns_obs                    99.78 
_refine.ls_R_factor_obs                          0.23787 
_refine.ls_R_factor_all                          ? 
_refine.ls_R_factor_R_work                       0.23600 
_refine.ls_R_factor_R_free                       0.27830 
_refine.ls_R_factor_R_free_error                 ? 
_refine.ls_R_factor_R_free_error_details         ? 
_refine.ls_percent_reflns_R_free                 4.7 
_refine.ls_number_reflns_R_free                  399 
_refine.ls_number_parameters                     ? 
_refine.ls_number_restraints                     ? 
_refine.occupancy_min                            ? 
_refine.occupancy_max                            ? 
_refine.correlation_coeff_Fo_to_Fc               0.926 
_refine.correlation_coeff_Fo_to_Fc_free          0.890 
_refine.B_iso_mean                               66.487 
_refine.aniso_B[1][1]                            0.00 
_refine.aniso_B[2][2]                            -0.10 
_refine.aniso_B[3][3]                            0.10 
_refine.aniso_B[1][2]                            0.00 
_refine.aniso_B[1][3]                            0.00 
_refine.aniso_B[2][3]                            0.00 
_refine.solvent_model_details                    MASK 
_refine.solvent_model_param_ksol                 ? 
_refine.solvent_model_param_bsol                 ? 
_refine.pdbx_solvent_vdw_probe_radii             1.40 
_refine.pdbx_solvent_ion_probe_radii             0.80 
_refine.pdbx_solvent_shrinkage_radii             0.80 
_refine.pdbx_ls_cross_valid_method               THROUGHOUT 
_refine.details                                  'HYDROGENS HAVE BEEN ADDED IN THE RIDING POSITIONS' 
_refine.pdbx_starting_model                      '1D5Y, 1BL0' 
_refine.pdbx_method_to_determine_struct          'MOLECULAR REPLACEMENT' 
_refine.pdbx_isotropic_thermal_model             ? 
_refine.pdbx_stereochemistry_target_values       'MAXIMUM LIKELIHOOD' 
_refine.pdbx_stereochem_target_val_spec_case     ? 
_refine.pdbx_R_Free_selection_details            RANDOM 
_refine.pdbx_overall_ESU_R                       0.655 
_refine.pdbx_overall_ESU_R_Free                  0.367 
_refine.overall_SU_ML                            0.290 
_refine.pdbx_overall_phase_error                 ? 
_refine.overall_SU_B                             15.543 
_refine.overall_SU_R_Cruickshank_DPI             ? 
_refine.ls_redundancy_reflns_obs                 ? 
_refine.B_iso_min                                ? 
_refine.B_iso_max                                ? 
_refine.overall_SU_R_free                        ? 
_refine.ls_wR_factor_R_free                      ? 
_refine.ls_wR_factor_R_work                      ? 
_refine.overall_FOM_free_R_set                   ? 
_refine.overall_FOM_work_R_set                   ? 
_refine.pdbx_diffrn_id                           1 
_refine.pdbx_refine_id                           'X-RAY DIFFRACTION' 
_refine.pdbx_TLS_residual_ADP_flag               ? 
_refine.pdbx_overall_SU_R_free_Cruickshank_DPI   ? 
_refine.pdbx_overall_SU_R_Blow_DPI               ? 
_refine.pdbx_overall_SU_R_free_Blow_DPI          ? 
# 
_refine_hist.pdbx_refine_id                   'X-RAY DIFFRACTION' 
_refine_hist.cycle_id                         LAST 
_refine_hist.pdbx_number_atoms_protein        896 
_refine_hist.pdbx_number_atoms_nucleic_acid   650 
_refine_hist.pdbx_number_atoms_ligand         0 
_refine_hist.number_atoms_solvent             9 
_refine_hist.number_atoms_total               1555 
_refine_hist.d_res_high                       2.95 
_refine_hist.d_res_low                        19.50 
# 
loop_
_refine_ls_restr.type 
_refine_ls_restr.dev_ideal 
_refine_ls_restr.dev_ideal_target 
_refine_ls_restr.weight 
_refine_ls_restr.number 
_refine_ls_restr.pdbx_restraint_function 
_refine_ls_restr.pdbx_refine_id 
r_bond_refined_d       0.009  0.021  ? 1644 ? 'X-RAY DIFFRACTION' 
r_angle_refined_deg    0.881  2.445  ? 2359 ? 'X-RAY DIFFRACTION' 
r_dihedral_angle_1_deg 5.454  5.000  ? 110  ? 'X-RAY DIFFRACTION' 
r_dihedral_angle_2_deg 33.588 20.204 ? 49   ? 'X-RAY DIFFRACTION' 
r_dihedral_angle_3_deg 21.403 15.000 ? 147  ? 'X-RAY DIFFRACTION' 
r_dihedral_angle_4_deg 20.724 15.000 ? 17   ? 'X-RAY DIFFRACTION' 
r_chiral_restr         0.053  0.200  ? 256  ? 'X-RAY DIFFRACTION' 
r_gen_planes_refined   0.005  0.021  ? 1062 ? 'X-RAY DIFFRACTION' 
r_mcbond_it            0.443  1.500  ? 554  ? 'X-RAY DIFFRACTION' 
r_mcangle_it           0.878  2.000  ? 882  ? 'X-RAY DIFFRACTION' 
r_scbond_it            1.166  3.000  ? 1090 ? 'X-RAY DIFFRACTION' 
r_scangle_it           2.053  4.500  ? 1477 ? 'X-RAY DIFFRACTION' 
# 
_refine_ls_shell.pdbx_refine_id                   'X-RAY DIFFRACTION' 
_refine_ls_shell.pdbx_total_number_of_bins_used   20 
_refine_ls_shell.d_res_high                       2.950 
_refine_ls_shell.d_res_low                        3.025 
_refine_ls_shell.number_reflns_R_work             569 
_refine_ls_shell.R_factor_R_work                  0.236 
_refine_ls_shell.percent_reflns_obs               99.67 
_refine_ls_shell.R_factor_R_free                  0.278 
_refine_ls_shell.R_factor_R_free_error            ? 
_refine_ls_shell.percent_reflns_R_free            ? 
_refine_ls_shell.number_reflns_R_free             27 
_refine_ls_shell.number_reflns_all                ? 
_refine_ls_shell.R_factor_all                     ? 
_refine_ls_shell.number_reflns_obs                ? 
_refine_ls_shell.redundancy_reflns_obs            ? 
# 
_struct.entry_id                  3W6V 
_struct.title                     
'Crystal structure of the DNA-binding domain of AdpA, the global transcriptional factor, in complex with a target DNA' 
_struct.pdbx_model_details        ? 
_struct.pdbx_CASP_flag            ? 
_struct.pdbx_model_type_details   ? 
# 
_struct_keywords.entry_id        3W6V 
_struct_keywords.pdbx_keywords   'TRANSCRIPTION ACTIVATOR/DNA' 
_struct_keywords.text            
;H-T-H motif, sequence-specific DNA binding transcription factor activity, DNA-binding, intracellular, TRANSCRIPTION ACTIVATOR-DNA complex
;
# 
loop_
_struct_asym.id 
_struct_asym.pdbx_blank_PDB_chainid_flag 
_struct_asym.pdbx_modified 
_struct_asym.entity_id 
_struct_asym.details 
A N N 1 ? 
B N N 2 ? 
C N N 3 ? 
D N N 4 ? 
E N N 4 ? 
# 
_struct_biol.id        1 
_struct_biol.details   ? 
# 
loop_
_struct_conf.conf_type_id 
_struct_conf.id 
_struct_conf.pdbx_PDB_helix_id 
_struct_conf.beg_label_comp_id 
_struct_conf.beg_label_asym_id 
_struct_conf.beg_label_seq_id 
_struct_conf.pdbx_beg_PDB_ins_code 
_struct_conf.end_label_comp_id 
_struct_conf.end_label_asym_id 
_struct_conf.end_label_seq_id 
_struct_conf.pdbx_end_PDB_ins_code 
_struct_conf.beg_auth_comp_id 
_struct_conf.beg_auth_asym_id 
_struct_conf.beg_auth_seq_id 
_struct_conf.end_auth_comp_id 
_struct_conf.end_auth_asym_id 
_struct_conf.end_auth_seq_id 
_struct_conf.pdbx_PDB_helix_class 
_struct_conf.details 
_struct_conf.pdbx_PDB_helix_length 
HELX_P HELX_P1 1 ASP A 38  ? HIS A 50  ? ASP A 231 HIS A 243 1 ? 13 
HELX_P HELX_P2 2 ASP A 56  ? ARG A 63  ? ASP A 249 ARG A 256 1 ? 8  
HELX_P HELX_P3 3 SER A 67  ? GLY A 80  ? SER A 260 GLY A 273 1 ? 14 
HELX_P HELX_P4 4 ALA A 82  ? SER A 102 ? ALA A 275 SER A 295 1 ? 21 
HELX_P HELX_P5 5 SER A 105 ? CYS A 113 ? SER A 298 CYS A 306 1 ? 9  
HELX_P HELX_P6 6 SER A 117 ? GLY A 130 ? SER A 310 GLY A 323 1 ? 14 
HELX_P HELX_P7 7 SER A 132 ? ARG A 144 ? SER A 325 ARG A 337 1 ? 13 
# 
_struct_conf_type.id          HELX_P 
_struct_conf_type.criteria    ? 
_struct_conf_type.reference   ? 
# 
loop_
_struct_conn.id 
_struct_conn.conn_type_id 
_struct_conn.pdbx_leaving_atom_flag 
_struct_conn.pdbx_PDB_id 
_struct_conn.ptnr1_label_asym_id 
_struct_conn.ptnr1_label_comp_id 
_struct_conn.ptnr1_label_seq_id 
_struct_conn.ptnr1_label_atom_id 
_struct_conn.pdbx_ptnr1_label_alt_id 
_struct_conn.pdbx_ptnr1_PDB_ins_code 
_struct_conn.pdbx_ptnr1_standard_comp_id 
_struct_conn.ptnr1_symmetry 
_struct_conn.ptnr2_label_asym_id 
_struct_conn.ptnr2_label_comp_id 
_struct_conn.ptnr2_label_seq_id 
_struct_conn.ptnr2_label_atom_id 
_struct_conn.pdbx_ptnr2_label_alt_id 
_struct_conn.pdbx_ptnr2_PDB_ins_code 
_struct_conn.ptnr1_auth_asym_id 
_struct_conn.ptnr1_auth_comp_id 
_struct_conn.ptnr1_auth_seq_id 
_struct_conn.ptnr2_auth_asym_id 
_struct_conn.ptnr2_auth_comp_id 
_struct_conn.ptnr2_auth_seq_id 
_struct_conn.ptnr2_symmetry 
_struct_conn.pdbx_ptnr3_label_atom_id 
_struct_conn.pdbx_ptnr3_label_seq_id 
_struct_conn.pdbx_ptnr3_label_comp_id 
_struct_conn.pdbx_ptnr3_label_asym_id 
_struct_conn.pdbx_ptnr3_label_alt_id 
_struct_conn.pdbx_ptnr3_PDB_ins_code 
_struct_conn.details 
_struct_conn.pdbx_dist_value 
_struct_conn.pdbx_value_order 
_struct_conn.pdbx_role 
hydrog1  hydrog ? ? B DG 3  N1 ? ? ? 1_555 C DC 16 N3 ? ? B DG -1 C DC 12 1_555 ? ? ? ? ? ? WATSON-CRICK    ? ? ? 
hydrog2  hydrog ? ? B DG 3  N2 ? ? ? 1_555 C DC 16 O2 ? ? B DG -1 C DC 12 1_555 ? ? ? ? ? ? WATSON-CRICK    ? ? ? 
hydrog3  hydrog ? ? B DG 3  O6 ? ? ? 1_555 C DC 16 N4 ? ? B DG -1 C DC 12 1_555 ? ? ? ? ? ? WATSON-CRICK    ? ? ? 
hydrog4  hydrog ? ? B DT 4  N3 ? ? ? 1_555 C DA 15 N1 ? ? B DT 0  C DA 11 1_555 ? ? ? ? ? ? WATSON-CRICK    ? ? ? 
hydrog5  hydrog ? ? B DT 4  O4 ? ? ? 1_555 C DA 15 N6 ? ? B DT 0  C DA 11 1_555 ? ? ? ? ? ? WATSON-CRICK    ? ? ? 
hydrog6  hydrog ? ? B DG 5  N1 ? ? ? 1_555 C DC 14 N3 ? ? B DG 1  C DC 10 1_555 ? ? ? ? ? ? WATSON-CRICK    ? ? ? 
hydrog7  hydrog ? ? B DG 5  N2 ? ? ? 1_555 C DC 14 O2 ? ? B DG 1  C DC 10 1_555 ? ? ? ? ? ? WATSON-CRICK    ? ? ? 
hydrog8  hydrog ? ? B DG 5  O6 ? ? ? 1_555 C DC 14 N4 ? ? B DG 1  C DC 10 1_555 ? ? ? ? ? ? WATSON-CRICK    ? ? ? 
hydrog9  hydrog ? ? B DA 6  N1 ? ? ? 1_555 C DT 13 N3 ? ? B DA 2  C DT 9  1_555 ? ? ? ? ? ? WATSON-CRICK    ? ? ? 
hydrog10 hydrog ? ? B DA 6  N6 ? ? ? 1_555 C DT 13 O4 ? ? B DA 2  C DT 9  1_555 ? ? ? ? ? ? WATSON-CRICK    ? ? ? 
hydrog11 hydrog ? ? B DA 7  N1 ? ? ? 1_555 C DT 12 N3 ? ? B DA 3  C DT 8  1_555 ? ? ? ? ? ? WATSON-CRICK    ? ? ? 
hydrog12 hydrog ? ? B DA 7  N6 ? ? ? 1_555 C DT 12 O4 ? ? B DA 3  C DT 8  1_555 ? ? ? ? ? ? WATSON-CRICK    ? ? ? 
hydrog13 hydrog ? ? B DC 8  N3 ? ? ? 1_555 C DG 11 N1 ? ? B DC 4  C DG 7  1_555 ? ? ? ? ? ? WATSON-CRICK    ? ? ? 
hydrog14 hydrog ? ? B DC 8  N4 ? ? ? 1_555 C DG 11 O6 ? ? B DC 4  C DG 7  1_555 ? ? ? ? ? ? WATSON-CRICK    ? ? ? 
hydrog15 hydrog ? ? B DC 8  O2 ? ? ? 1_555 C DG 11 N2 ? ? B DC 4  C DG 7  1_555 ? ? ? ? ? ? WATSON-CRICK    ? ? ? 
hydrog16 hydrog ? ? B DC 9  N3 ? ? ? 1_555 C DG 10 N1 ? ? B DC 5  C DG 6  1_555 ? ? ? ? ? ? WATSON-CRICK    ? ? ? 
hydrog17 hydrog ? ? B DC 9  N4 ? ? ? 1_555 C DG 10 O6 ? ? B DC 5  C DG 6  1_555 ? ? ? ? ? ? WATSON-CRICK    ? ? ? 
hydrog18 hydrog ? ? B DC 9  O2 ? ? ? 1_555 C DG 10 N2 ? ? B DC 5  C DG 6  1_555 ? ? ? ? ? ? WATSON-CRICK    ? ? ? 
hydrog19 hydrog ? ? B DC 10 N3 ? ? ? 1_555 C DG 9  N1 ? ? B DC 6  C DG 5  1_555 ? ? ? ? ? ? WATSON-CRICK    ? ? ? 
hydrog20 hydrog ? ? B DC 10 N4 ? ? ? 1_555 C DG 9  O6 ? ? B DC 6  C DG 5  1_555 ? ? ? ? ? ? WATSON-CRICK    ? ? ? 
hydrog21 hydrog ? ? B DC 10 O2 ? ? ? 1_555 C DG 9  N2 ? ? B DC 6  C DG 5  1_555 ? ? ? ? ? ? WATSON-CRICK    ? ? ? 
hydrog22 hydrog ? ? B DG 11 N1 ? ? ? 1_555 C DC 8  N3 ? ? B DG 7  C DC 4  1_555 ? ? ? ? ? ? WATSON-CRICK    ? ? ? 
hydrog23 hydrog ? ? B DG 11 N2 ? ? ? 1_555 C DC 8  O2 ? ? B DG 7  C DC 4  1_555 ? ? ? ? ? ? WATSON-CRICK    ? ? ? 
hydrog24 hydrog ? ? B DG 11 O6 ? ? ? 1_555 C DC 8  N4 ? ? B DG 7  C DC 4  1_555 ? ? ? ? ? ? WATSON-CRICK    ? ? ? 
hydrog25 hydrog ? ? B DC 12 N3 ? ? ? 1_555 C DG 7  N1 ? ? B DC 8  C DG 3  1_555 ? ? ? ? ? ? WATSON-CRICK    ? ? ? 
hydrog26 hydrog ? ? B DC 12 N4 ? ? ? 1_555 C DG 7  O6 ? ? B DC 8  C DG 3  1_555 ? ? ? ? ? ? WATSON-CRICK    ? ? ? 
hydrog27 hydrog ? ? B DC 12 O2 ? ? ? 1_555 C DG 7  N2 ? ? B DC 8  C DG 3  1_555 ? ? ? ? ? ? WATSON-CRICK    ? ? ? 
hydrog28 hydrog ? ? B DC 13 N4 ? ? ? 1_555 C DT 5  O4 ? ? B DC 9  C DT 1  1_555 ? ? ? ? ? ? 'DC-DT MISPAIR' ? ? ? 
hydrog29 hydrog ? ? B DC 13 N3 ? ? ? 1_555 C DG 6  N1 ? ? B DC 9  C DG 2  1_555 ? ? ? ? ? ? WATSON-CRICK    ? ? ? 
hydrog30 hydrog ? ? B DC 13 N4 ? ? ? 1_555 C DG 6  O6 ? ? B DC 9  C DG 2  1_555 ? ? ? ? ? ? WATSON-CRICK    ? ? ? 
hydrog31 hydrog ? ? B DC 13 O2 ? ? ? 1_555 C DG 6  N2 ? ? B DC 9  C DG 2  1_555 ? ? ? ? ? ? WATSON-CRICK    ? ? ? 
hydrog32 hydrog ? ? B DA 14 N1 ? ? ? 1_555 C DT 5  N3 ? ? B DA 10 C DT 1  1_555 ? ? ? ? ? ? 'DA-DT PAIR'    ? ? ? 
hydrog33 hydrog ? ? B DA 15 N1 ? ? ? 1_555 C DT 4  N3 ? ? B DA 11 C DT 0  1_555 ? ? ? ? ? ? WATSON-CRICK    ? ? ? 
hydrog34 hydrog ? ? B DA 15 N6 ? ? ? 1_555 C DT 4  O4 ? ? B DA 11 C DT 0  1_555 ? ? ? ? ? ? WATSON-CRICK    ? ? ? 
hydrog35 hydrog ? ? B DC 16 N3 ? ? ? 1_555 C DG 3  N1 ? ? B DC 12 C DG -1 1_555 ? ? ? ? ? ? WATSON-CRICK    ? ? ? 
hydrog36 hydrog ? ? B DC 16 N4 ? ? ? 1_555 C DG 3  O6 ? ? B DC 12 C DG -1 1_555 ? ? ? ? ? ? WATSON-CRICK    ? ? ? 
hydrog37 hydrog ? ? B DC 16 O2 ? ? ? 1_555 C DG 3  N2 ? ? B DC 12 C DG -1 1_555 ? ? ? ? ? ? WATSON-CRICK    ? ? ? 
# 
_struct_conn_type.id          hydrog 
_struct_conn_type.criteria    ? 
_struct_conn_type.reference   ? 
# 
_atom_sites.entry_id                    3W6V 
_atom_sites.fract_transf_matrix[1][1]   0.00297123 
_atom_sites.fract_transf_matrix[1][2]   -0.01220590 
_atom_sites.fract_transf_matrix[1][3]   0.00360731 
_atom_sites.fract_transf_matrix[2][1]   -0.00939834 
_atom_sites.fract_transf_matrix[2][2]   -0.00277363 
_atom_sites.fract_transf_matrix[2][3]   -0.00164388 
_atom_sites.fract_transf_matrix[3][1]   0.00229470 
_atom_sites.fract_transf_matrix[3][2]   -0.00221442 
_atom_sites.fract_transf_matrix[3][3]   -0.00938290 
_atom_sites.fract_transf_vector[1]      -0.386505 
_atom_sites.fract_transf_vector[2]      -0.076236 
_atom_sites.fract_transf_vector[3]      0.144081 
# 
loop_
_atom_type.symbol 
C 
N 
O 
P 
S 
# 
loop_
_atom_site.group_PDB 
_atom_site.id 
_atom_site.type_symbol 
_atom_site.label_atom_id 
_atom_site.label_alt_id 
_atom_site.label_comp_id 
_atom_site.label_asym_id 
_atom_site.label_entity_id 
_atom_site.label_seq_id 
_atom_site.pdbx_PDB_ins_code 
_atom_site.Cartn_x 
_atom_site.Cartn_y 
_atom_site.Cartn_z 
_atom_site.occupancy 
_atom_site.B_iso_or_equiv 
_atom_site.pdbx_formal_charge 
_atom_site.auth_seq_id 
_atom_site.auth_comp_id 
_atom_site.auth_asym_id 
_atom_site.auth_atom_id 
_atom_site.pdbx_PDB_model_num 
ATOM   1    N N     . SER A 1 37  ? 17.564  16.954  7.040   1.00 76.94 ? 230 SER A N     1 
ATOM   2    C CA    . SER A 1 37  ? 17.288  16.843  5.574   1.00 77.06 ? 230 SER A CA    1 
ATOM   3    C C     . SER A 1 37  ? 17.667  15.438  5.028   1.00 76.94 ? 230 SER A C     1 
ATOM   4    O O     . SER A 1 37  ? 18.857  15.130  4.824   1.00 77.15 ? 230 SER A O     1 
ATOM   5    C CB    . SER A 1 37  ? 18.023  17.954  4.806   1.00 77.08 ? 230 SER A CB    1 
ATOM   6    O OG    . SER A 1 37  ? 17.502  18.107  3.497   1.00 77.29 ? 230 SER A OG    1 
ATOM   7    N N     . ASP A 1 38  ? 16.646  14.602  4.799   1.00 76.29 ? 231 ASP A N     1 
ATOM   8    C CA    . ASP A 1 38  ? 16.844  13.176  4.501   1.00 75.46 ? 231 ASP A CA    1 
ATOM   9    C C     . ASP A 1 38  ? 16.030  12.754  3.270   1.00 74.59 ? 231 ASP A C     1 
ATOM   10   O O     . ASP A 1 38  ? 14.802  12.676  3.332   1.00 74.66 ? 231 ASP A O     1 
ATOM   11   C CB    . ASP A 1 38  ? 16.453  12.325  5.723   1.00 75.65 ? 231 ASP A CB    1 
ATOM   12   C CG    . ASP A 1 38  ? 16.900  10.867  5.604   1.00 76.40 ? 231 ASP A CG    1 
ATOM   13   O OD1   . ASP A 1 38  ? 17.591  10.511  4.617   1.00 77.66 ? 231 ASP A OD1   1 
ATOM   14   O OD2   . ASP A 1 38  ? 16.556  10.076  6.507   1.00 76.99 ? 231 ASP A OD2   1 
ATOM   15   N N     . PRO A 1 39  ? 16.720  12.499  2.137   1.00 73.64 ? 232 PRO A N     1 
ATOM   16   C CA    . PRO A 1 39  ? 16.046  12.173  0.875   1.00 72.75 ? 232 PRO A CA    1 
ATOM   17   C C     . PRO A 1 39  ? 15.416  10.781  0.892   1.00 71.79 ? 232 PRO A C     1 
ATOM   18   O O     . PRO A 1 39  ? 14.351  10.574  0.295   1.00 71.61 ? 232 PRO A O     1 
ATOM   19   C CB    . PRO A 1 39  ? 17.183  12.238  -0.162  1.00 72.80 ? 232 PRO A CB    1 
ATOM   20   C CG    . PRO A 1 39  ? 18.254  13.048  0.493   1.00 73.34 ? 232 PRO A CG    1 
ATOM   21   C CD    . PRO A 1 39  ? 18.164  12.702  1.944   1.00 73.71 ? 232 PRO A CD    1 
ATOM   22   N N     . LEU A 1 40  ? 16.067  9.838   1.575   1.00 70.56 ? 233 LEU A N     1 
ATOM   23   C CA    . LEU A 1 40  ? 15.495  8.518   1.775   1.00 68.96 ? 233 LEU A CA    1 
ATOM   24   C C     . LEU A 1 40  ? 14.193  8.637   2.541   1.00 68.12 ? 233 LEU A C     1 
ATOM   25   O O     . LEU A 1 40  ? 13.232  7.930   2.252   1.00 68.22 ? 233 LEU A O     1 
ATOM   26   C CB    . LEU A 1 40  ? 16.473  7.614   2.525   1.00 69.14 ? 233 LEU A CB    1 
ATOM   27   C CG    . LEU A 1 40  ? 16.060  6.154   2.805   1.00 68.97 ? 233 LEU A CG    1 
ATOM   28   C CD1   . LEU A 1 40  ? 15.729  5.395   1.530   1.00 68.25 ? 233 LEU A CD1   1 
ATOM   29   C CD2   . LEU A 1 40  ? 17.148  5.434   3.582   1.00 68.88 ? 233 LEU A CD2   1 
ATOM   30   N N     . ALA A 1 41  ? 14.154  9.557   3.503   1.00 66.76 ? 234 ALA A N     1 
ATOM   31   C CA    . ALA A 1 41  ? 12.944  9.784   4.295   1.00 65.53 ? 234 ALA A CA    1 
ATOM   32   C C     . ALA A 1 41  ? 11.884  10.500  3.483   1.00 64.62 ? 234 ALA A C     1 
ATOM   33   O O     . ALA A 1 41  ? 10.708  10.134  3.519   1.00 64.48 ? 234 ALA A O     1 
ATOM   34   C CB    . ALA A 1 41  ? 13.267  10.568  5.553   1.00 65.61 ? 234 ALA A CB    1 
ATOM   35   N N     . GLU A 1 42  ? 12.316  11.511  2.736   1.00 63.59 ? 235 GLU A N     1 
ATOM   36   C CA    . GLU A 1 42  ? 11.417  12.358  1.960   1.00 62.80 ? 235 GLU A CA    1 
ATOM   37   C C     . GLU A 1 42  ? 10.656  11.538  0.916   1.00 61.74 ? 235 GLU A C     1 
ATOM   38   O O     . GLU A 1 42  ? 9.461   11.770  0.671   1.00 61.35 ? 235 GLU A O     1 
ATOM   39   C CB    . GLU A 1 42  ? 12.216  13.476  1.285   1.00 63.34 ? 235 GLU A CB    1 
ATOM   40   C CG    . GLU A 1 42  ? 11.371  14.537  0.554   1.00 65.19 ? 235 GLU A CG    1 
ATOM   41   C CD    . GLU A 1 42  ? 12.121  15.176  -0.626  1.00 67.04 ? 235 GLU A CD    1 
ATOM   42   O OE1   . GLU A 1 42  ? 13.299  15.583  -0.437  1.00 66.89 ? 235 GLU A OE1   1 
ATOM   43   O OE2   . GLU A 1 42  ? 11.531  15.259  -1.739  1.00 66.72 ? 235 GLU A OE2   1 
ATOM   44   N N     . VAL A 1 43  ? 11.345  10.562  0.326   1.00 60.51 ? 236 VAL A N     1 
ATOM   45   C CA    . VAL A 1 43  ? 10.744  9.688   -0.673  1.00 59.07 ? 236 VAL A CA    1 
ATOM   46   C C     . VAL A 1 43  ? 9.730   8.729   -0.032  1.00 58.39 ? 236 VAL A C     1 
ATOM   47   O O     . VAL A 1 43  ? 8.726   8.367   -0.655  1.00 58.00 ? 236 VAL A O     1 
ATOM   48   C CB    . VAL A 1 43  ? 11.818  8.906   -1.460  1.00 58.83 ? 236 VAL A CB    1 
ATOM   49   C CG1   . VAL A 1 43  ? 12.248  7.682   -0.703  1.00 59.16 ? 236 VAL A CG1   1 
ATOM   50   C CG2   . VAL A 1 43  ? 11.309  8.530   -2.823  1.00 58.51 ? 236 VAL A CG2   1 
ATOM   51   N N     . VAL A 1 44  ? 9.979   8.349   1.221   1.00 57.59 ? 237 VAL A N     1 
ATOM   52   C CA    . VAL A 1 44  ? 9.040   7.494   1.954   1.00 56.76 ? 237 VAL A CA    1 
ATOM   53   C C     . VAL A 1 44  ? 7.752   8.252   2.245   1.00 56.31 ? 237 VAL A C     1 
ATOM   54   O O     . VAL A 1 44  ? 6.656   7.761   1.956   1.00 56.04 ? 237 VAL A O     1 
ATOM   55   C CB    . VAL A 1 44  ? 9.656   6.938   3.263   1.00 56.75 ? 237 VAL A CB    1 
ATOM   56   C CG1   . VAL A 1 44  ? 8.617   6.204   4.071   1.00 55.98 ? 237 VAL A CG1   1 
ATOM   57   C CG2   . VAL A 1 44  ? 10.804  6.009   2.946   1.00 56.46 ? 237 VAL A CG2   1 
ATOM   58   N N     . ALA A 1 45  ? 7.889   9.463   2.789   1.00 56.06 ? 238 ALA A N     1 
ATOM   59   C CA    . ALA A 1 45  ? 6.735   10.367  3.002   1.00 55.31 ? 238 ALA A CA    1 
ATOM   60   C C     . ALA A 1 45  ? 5.968   10.605  1.698   1.00 54.74 ? 238 ALA A C     1 
ATOM   61   O O     . ALA A 1 45  ? 4.740   10.505  1.666   1.00 54.23 ? 238 ALA A O     1 
ATOM   62   C CB    . ALA A 1 45  ? 7.193   11.687  3.606   1.00 55.14 ? 238 ALA A CB    1 
ATOM   63   N N     . TRP A 1 46  ? 6.706   10.880  0.623   1.00 54.40 ? 239 TRP A N     1 
ATOM   64   C CA    . TRP A 1 46  ? 6.106   11.077  -0.691  1.00 54.43 ? 239 TRP A CA    1 
ATOM   65   C C     . TRP A 1 46  ? 5.302   9.872   -1.152  1.00 54.39 ? 239 TRP A C     1 
ATOM   66   O O     . TRP A 1 46  ? 4.244   10.027  -1.754  1.00 54.56 ? 239 TRP A O     1 
ATOM   67   C CB    . TRP A 1 46  ? 7.165   11.413  -1.737  1.00 54.50 ? 239 TRP A CB    1 
ATOM   68   C CG    . TRP A 1 46  ? 6.595   11.509  -3.123  1.00 55.28 ? 239 TRP A CG    1 
ATOM   69   C CD1   . TRP A 1 46  ? 6.070   12.621  -3.718  1.00 56.10 ? 239 TRP A CD1   1 
ATOM   70   C CD2   . TRP A 1 46  ? 6.445   10.440  -4.070  1.00 55.27 ? 239 TRP A CD2   1 
ATOM   71   N NE1   . TRP A 1 46  ? 5.617   12.315  -4.982  1.00 55.63 ? 239 TRP A NE1   1 
ATOM   72   C CE2   . TRP A 1 46  ? 5.837   10.985  -5.224  1.00 54.78 ? 239 TRP A CE2   1 
ATOM   73   C CE3   . TRP A 1 46  ? 6.777   9.078   -4.060  1.00 54.99 ? 239 TRP A CE3   1 
ATOM   74   C CZ2   . TRP A 1 46  ? 5.554   10.219  -6.357  1.00 54.45 ? 239 TRP A CZ2   1 
ATOM   75   C CZ3   . TRP A 1 46  ? 6.492   8.315   -5.192  1.00 54.92 ? 239 TRP A CZ3   1 
ATOM   76   C CH2   . TRP A 1 46  ? 5.883   8.889   -6.320  1.00 54.57 ? 239 TRP A CH2   1 
ATOM   77   N N     . ALA A 1 47  ? 5.830   8.674   -0.905  1.00 54.52 ? 240 ALA A N     1 
ATOM   78   C CA    . ALA A 1 47  ? 5.150   7.437   -1.287  1.00 54.38 ? 240 ALA A CA    1 
ATOM   79   C C     . ALA A 1 47  ? 3.794   7.329   -0.611  1.00 54.63 ? 240 ALA A C     1 
ATOM   80   O O     . ALA A 1 47  ? 2.784   7.087   -1.264  1.00 54.41 ? 240 ALA A O     1 
ATOM   81   C CB    . ALA A 1 47  ? 6.004   6.238   -0.953  1.00 54.26 ? 240 ALA A CB    1 
ATOM   82   N N     . LEU A 1 48  ? 3.772   7.533   0.699   1.00 55.18 ? 241 LEU A N     1 
ATOM   83   C CA    . LEU A 1 48  ? 2.533   7.484   1.451   1.00 56.02 ? 241 LEU A CA    1 
ATOM   84   C C     . LEU A 1 48  ? 1.477   8.396   0.838   1.00 57.03 ? 241 LEU A C     1 
ATOM   85   O O     . LEU A 1 48  ? 0.397   7.935   0.447   1.00 57.04 ? 241 LEU A O     1 
ATOM   86   C CB    . LEU A 1 48  ? 2.778   7.849   2.909   1.00 55.84 ? 241 LEU A CB    1 
ATOM   87   C CG    . LEU A 1 48  ? 3.677   6.874   3.660   1.00 54.90 ? 241 LEU A CG    1 
ATOM   88   C CD1   . LEU A 1 48  ? 4.293   7.534   4.863   1.00 54.19 ? 241 LEU A CD1   1 
ATOM   89   C CD2   . LEU A 1 48  ? 2.896   5.642   4.064   1.00 55.09 ? 241 LEU A CD2   1 
ATOM   90   N N     . GLU A 1 49  ? 1.804   9.681   0.716   1.00 58.33 ? 242 GLU A N     1 
ATOM   91   C CA    . GLU A 1 49  ? 0.876   10.653  0.127   1.00 59.76 ? 242 GLU A CA    1 
ATOM   92   C C     . GLU A 1 49  ? 0.445   10.250  -1.287  1.00 60.20 ? 242 GLU A C     1 
ATOM   93   O O     . GLU A 1 49  ? -0.709  10.411  -1.653  1.00 60.15 ? 242 GLU A O     1 
ATOM   94   C CB    . GLU A 1 49  ? 1.474   12.073  0.136   1.00 59.94 ? 242 GLU A CB    1 
ATOM   95   C CG    . GLU A 1 49  ? 1.882   12.596  1.552   1.00 62.24 ? 242 GLU A CG    1 
ATOM   96   C CD    . GLU A 1 49  ? 0.721   12.566  2.566   1.00 65.43 ? 242 GLU A CD    1 
ATOM   97   O OE1   . GLU A 1 49  ? -0.225  13.375  2.421   1.00 67.47 ? 242 GLU A OE1   1 
ATOM   98   O OE2   . GLU A 1 49  ? 0.763   11.739  3.512   1.00 66.11 ? 242 GLU A OE2   1 
ATOM   99   N N     . HIS A 1 50  ? 1.366   9.681   -2.056  1.00 61.18 ? 243 HIS A N     1 
ATOM   100  C CA    . HIS A 1 50  ? 1.085   9.350   -3.450  1.00 62.40 ? 243 HIS A CA    1 
ATOM   101  C C     . HIS A 1 50  ? 0.950   7.857   -3.701  1.00 62.85 ? 243 HIS A C     1 
ATOM   102  O O     . HIS A 1 50  ? 1.351   7.360   -4.756  1.00 63.00 ? 243 HIS A O     1 
ATOM   103  C CB    . HIS A 1 50  ? 2.152   9.944   -4.358  1.00 62.77 ? 243 HIS A CB    1 
ATOM   104  C CG    . HIS A 1 50  ? 2.184   11.437  -4.342  1.00 64.61 ? 243 HIS A CG    1 
ATOM   105  N ND1   . HIS A 1 50  ? 2.742   12.157  -3.308  1.00 66.07 ? 243 HIS A ND1   1 
ATOM   106  C CD2   . HIS A 1 50  ? 1.695   12.349  -5.216  1.00 65.96 ? 243 HIS A CD2   1 
ATOM   107  C CE1   . HIS A 1 50  ? 2.606   13.450  -3.551  1.00 67.14 ? 243 HIS A CE1   1 
ATOM   108  N NE2   . HIS A 1 50  ? 1.975   13.593  -4.703  1.00 67.33 ? 243 HIS A NE2   1 
ATOM   109  N N     . LEU A 1 51  ? 0.354   7.145   -2.744  1.00 63.46 ? 244 LEU A N     1 
ATOM   110  C CA    . LEU A 1 51  ? 0.172   5.699   -2.869  1.00 64.03 ? 244 LEU A CA    1 
ATOM   111  C C     . LEU A 1 51  ? -0.718  5.329   -4.039  1.00 64.67 ? 244 LEU A C     1 
ATOM   112  O O     . LEU A 1 51  ? -0.598  4.237   -4.586  1.00 65.07 ? 244 LEU A O     1 
ATOM   113  C CB    . LEU A 1 51  ? -0.391  5.093   -1.575  1.00 64.03 ? 244 LEU A CB    1 
ATOM   114  C CG    . LEU A 1 51  ? 0.589   4.441   -0.581  1.00 63.58 ? 244 LEU A CG    1 
ATOM   115  C CD1   . LEU A 1 51  ? -0.172  3.689   0.500   1.00 62.74 ? 244 LEU A CD1   1 
ATOM   116  C CD2   . LEU A 1 51  ? 1.575   3.518   -1.275  1.00 63.30 ? 244 LEU A CD2   1 
ATOM   117  N N     . HIS A 1 52  ? -1.611  6.239   -4.421  1.00 65.43 ? 245 HIS A N     1 
ATOM   118  C CA    . HIS A 1 52  ? -2.620  5.948   -5.446  1.00 66.13 ? 245 HIS A CA    1 
ATOM   119  C C     . HIS A 1 52  ? -2.047  5.836   -6.865  1.00 66.60 ? 245 HIS A C     1 
ATOM   120  O O     . HIS A 1 52  ? -2.667  5.239   -7.744  1.00 66.75 ? 245 HIS A O     1 
ATOM   121  C CB    . HIS A 1 52  ? -3.757  6.971   -5.403  1.00 66.11 ? 245 HIS A CB    1 
ATOM   122  C CG    . HIS A 1 52  ? -3.307  8.387   -5.569  1.00 66.55 ? 245 HIS A CG    1 
ATOM   123  N ND1   . HIS A 1 52  ? -3.281  9.021   -6.795  1.00 66.99 ? 245 HIS A ND1   1 
ATOM   124  C CD2   . HIS A 1 52  ? -2.882  9.301   -4.664  1.00 66.88 ? 245 HIS A CD2   1 
ATOM   125  C CE1   . HIS A 1 52  ? -2.851  10.260  -6.637  1.00 67.29 ? 245 HIS A CE1   1 
ATOM   126  N NE2   . HIS A 1 52  ? -2.603  10.456  -5.354  1.00 67.36 ? 245 HIS A NE2   1 
ATOM   127  N N     . GLU A 1 53  ? -0.862  6.405   -7.077  1.00 67.18 ? 246 GLU A N     1 
ATOM   128  C CA    . GLU A 1 53  ? -0.169  6.286   -8.359  1.00 67.86 ? 246 GLU A CA    1 
ATOM   129  C C     . GLU A 1 53  ? 0.592   4.970   -8.418  1.00 68.08 ? 246 GLU A C     1 
ATOM   130  O O     . GLU A 1 53  ? 0.890   4.366   -7.378  1.00 68.07 ? 246 GLU A O     1 
ATOM   131  C CB    . GLU A 1 53  ? 0.789   7.466   -8.566  1.00 67.86 ? 246 GLU A CB    1 
ATOM   132  C CG    . GLU A 1 53  ? 0.191   8.815   -8.169  1.00 69.58 ? 246 GLU A CG    1 
ATOM   133  C CD    . GLU A 1 53  ? 0.998   10.004  -8.661  1.00 71.62 ? 246 GLU A CD    1 
ATOM   134  O OE1   . GLU A 1 53  ? 0.535   11.150  -8.469  1.00 72.66 ? 246 GLU A OE1   1 
ATOM   135  O OE2   . GLU A 1 53  ? 2.086   9.800   -9.239  1.00 72.68 ? 246 GLU A OE2   1 
ATOM   136  N N     . GLN A 1 54  ? 0.884   4.511   -9.633  1.00 68.29 ? 247 GLN A N     1 
ATOM   137  C CA    . GLN A 1 54  ? 1.696   3.311   -9.817  1.00 68.60 ? 247 GLN A CA    1 
ATOM   138  C C     . GLN A 1 54  ? 3.090   3.642   -10.374 1.00 68.19 ? 247 GLN A C     1 
ATOM   139  O O     . GLN A 1 54  ? 3.217   4.263   -11.433 1.00 68.06 ? 247 GLN A O     1 
ATOM   140  C CB    . GLN A 1 54  ? 0.965   2.266   -10.685 1.00 68.89 ? 247 GLN A CB    1 
ATOM   141  C CG    . GLN A 1 54  ? 0.379   2.801   -12.009 1.00 70.80 ? 247 GLN A CG    1 
ATOM   142  C CD    . GLN A 1 54  ? 1.129   2.283   -13.257 1.00 73.20 ? 247 GLN A CD    1 
ATOM   143  O OE1   . GLN A 1 54  ? 0.511   1.788   -14.210 1.00 73.10 ? 247 GLN A OE1   1 
ATOM   144  N NE2   . GLN A 1 54  ? 2.463   2.393   -13.243 1.00 73.40 ? 247 GLN A NE2   1 
ATOM   145  N N     . PHE A 1 55  ? 4.128   3.236   -9.636  1.00 67.85 ? 248 PHE A N     1 
ATOM   146  C CA    . PHE A 1 55  ? 5.518   3.576   -9.979  1.00 67.18 ? 248 PHE A CA    1 
ATOM   147  C C     . PHE A 1 55  ? 6.490   2.394   -9.789  1.00 67.24 ? 248 PHE A C     1 
ATOM   148  O O     . PHE A 1 55  ? 6.318   1.562   -8.884  1.00 67.20 ? 248 PHE A O     1 
ATOM   149  C CB    . PHE A 1 55  ? 5.998   4.791   -9.165  1.00 66.74 ? 248 PHE A CB    1 
ATOM   150  C CG    . PHE A 1 55  ? 5.530   4.788   -7.724  1.00 65.03 ? 248 PHE A CG    1 
ATOM   151  C CD1   . PHE A 1 55  ? 6.045   3.880   -6.810  1.00 63.38 ? 248 PHE A CD1   1 
ATOM   152  C CD2   . PHE A 1 55  ? 4.583   5.700   -7.288  1.00 63.83 ? 248 PHE A CD2   1 
ATOM   153  C CE1   . PHE A 1 55  ? 5.616   3.882   -5.491  1.00 62.20 ? 248 PHE A CE1   1 
ATOM   154  C CE2   . PHE A 1 55  ? 4.150   5.701   -5.964  1.00 62.23 ? 248 PHE A CE2   1 
ATOM   155  C CZ    . PHE A 1 55  ? 4.664   4.790   -5.073  1.00 61.69 ? 248 PHE A CZ    1 
ATOM   156  N N     . ASP A 1 56  ? 7.499   2.335   -10.659 1.00 67.04 ? 249 ASP A N     1 
ATOM   157  C CA    . ASP A 1 56  ? 8.634   1.425   -10.511 1.00 66.68 ? 249 ASP A CA    1 
ATOM   158  C C     . ASP A 1 56  ? 9.314   1.650   -9.169  1.00 66.14 ? 249 ASP A C     1 
ATOM   159  O O     . ASP A 1 56  ? 9.318   2.753   -8.658  1.00 66.19 ? 249 ASP A O     1 
ATOM   160  C CB    . ASP A 1 56  ? 9.643   1.691   -11.632 1.00 66.83 ? 249 ASP A CB    1 
ATOM   161  C CG    . ASP A 1 56  ? 10.217  0.415   -12.224 1.00 67.94 ? 249 ASP A CG    1 
ATOM   162  O OD1   . ASP A 1 56  ? 10.881  -0.356  -11.490 1.00 68.08 ? 249 ASP A OD1   1 
ATOM   163  O OD2   . ASP A 1 56  ? 10.027  0.199   -13.441 1.00 68.70 ? 249 ASP A OD2   1 
ATOM   164  N N     . VAL A 1 57  ? 9.879   0.598   -8.594  1.00 65.74 ? 250 VAL A N     1 
ATOM   165  C CA    . VAL A 1 57  ? 10.790  0.759   -7.469  1.00 65.22 ? 250 VAL A CA    1 
ATOM   166  C C     . VAL A 1 57  ? 11.972  1.597   -7.946  1.00 65.30 ? 250 VAL A C     1 
ATOM   167  O O     . VAL A 1 57  ? 12.434  2.506   -7.252  1.00 65.21 ? 250 VAL A O     1 
ATOM   168  C CB    . VAL A 1 57  ? 11.296  -0.612  -6.941  1.00 65.12 ? 250 VAL A CB    1 
ATOM   169  C CG1   . VAL A 1 57  ? 12.493  -0.431  -6.029  1.00 64.65 ? 250 VAL A CG1   1 
ATOM   170  C CG2   . VAL A 1 57  ? 10.176  -1.359  -6.219  1.00 64.72 ? 250 VAL A CG2   1 
ATOM   171  N N     . GLU A 1 58  ? 12.426  1.295   -9.161  1.00 65.39 ? 251 GLU A N     1 
ATOM   172  C CA    . GLU A 1 58  ? 13.453  2.073   -9.858  1.00 65.44 ? 251 GLU A CA    1 
ATOM   173  C C     . GLU A 1 58  ? 13.115  3.578   -9.887  1.00 64.54 ? 251 GLU A C     1 
ATOM   174  O O     . GLU A 1 58  ? 14.010  4.426   -9.826  1.00 64.58 ? 251 GLU A O     1 
ATOM   175  C CB    . GLU A 1 58  ? 13.611  1.530   -11.279 1.00 65.86 ? 251 GLU A CB    1 
ATOM   176  C CG    . GLU A 1 58  ? 14.861  1.956   -12.011 1.00 68.72 ? 251 GLU A CG    1 
ATOM   177  C CD    . GLU A 1 58  ? 14.859  1.473   -13.469 1.00 73.12 ? 251 GLU A CD    1 
ATOM   178  O OE1   . GLU A 1 58  ? 15.251  0.302   -13.714 1.00 74.66 ? 251 GLU A OE1   1 
ATOM   179  O OE2   . GLU A 1 58  ? 14.439  2.255   -14.364 1.00 73.83 ? 251 GLU A OE2   1 
ATOM   180  N N     . THR A 1 59  ? 11.824  3.895   -9.970  1.00 63.52 ? 252 THR A N     1 
ATOM   181  C CA    . THR A 1 59  ? 11.358  5.270   -9.835  1.00 62.55 ? 252 THR A CA    1 
ATOM   182  C C     . THR A 1 59  ? 11.722  5.844   -8.467  1.00 61.69 ? 252 THR A C     1 
ATOM   183  O O     . THR A 1 59  ? 12.453  6.828   -8.383  1.00 61.67 ? 252 THR A O     1 
ATOM   184  C CB    . THR A 1 59  ? 9.838   5.383   -10.043 1.00 62.84 ? 252 THR A CB    1 
ATOM   185  O OG1   . THR A 1 59  ? 9.487   4.922   -11.360 1.00 63.58 ? 252 THR A OG1   1 
ATOM   186  C CG2   . THR A 1 59  ? 9.381   6.825   -9.874  1.00 63.53 ? 252 THR A CG2   1 
ATOM   187  N N     . LEU A 1 60  ? 11.216  5.223   -7.400  1.00 60.56 ? 253 LEU A N     1 
ATOM   188  C CA    . LEU A 1 60  ? 11.542  5.640   -6.028  1.00 59.72 ? 253 LEU A CA    1 
ATOM   189  C C     . LEU A 1 60  ? 13.045  5.822   -5.826  1.00 59.39 ? 253 LEU A C     1 
ATOM   190  O O     . LEU A 1 60  ? 13.483  6.781   -5.204  1.00 59.18 ? 253 LEU A O     1 
ATOM   191  C CB    . LEU A 1 60  ? 11.037  4.621   -5.021  1.00 59.53 ? 253 LEU A CB    1 
ATOM   192  C CG    . LEU A 1 60  ? 9.567   4.256   -4.982  1.00 59.10 ? 253 LEU A CG    1 
ATOM   193  C CD1   . LEU A 1 60  ? 9.439   2.828   -4.497  1.00 59.04 ? 253 LEU A CD1   1 
ATOM   194  C CD2   . LEU A 1 60  ? 8.796   5.206   -4.076  1.00 58.17 ? 253 LEU A CD2   1 
ATOM   195  N N     . ALA A 1 61  ? 13.825  4.872   -6.326  1.00 59.26 ? 254 ALA A N     1 
ATOM   196  C CA    . ALA A 1 61  ? 15.278  4.960   -6.259  1.00 59.00 ? 254 ALA A CA    1 
ATOM   197  C C     . ALA A 1 61  ? 15.765  6.290   -6.825  1.00 58.76 ? 254 ALA A C     1 
ATOM   198  O O     . ALA A 1 61  ? 16.495  7.026   -6.164  1.00 58.52 ? 254 ALA A O     1 
ATOM   199  C CB    . ALA A 1 61  ? 15.904  3.809   -7.006  1.00 59.06 ? 254 ALA A CB    1 
ATOM   200  N N     . ALA A 1 62  ? 15.328  6.597   -8.045  1.00 58.63 ? 255 ALA A N     1 
ATOM   201  C CA    . ALA A 1 62  ? 15.671  7.856   -8.709  1.00 58.54 ? 255 ALA A CA    1 
ATOM   202  C C     . ALA A 1 62  ? 15.254  9.083   -7.885  1.00 58.31 ? 255 ALA A C     1 
ATOM   203  O O     . ALA A 1 62  ? 16.022  10.026  -7.737  1.00 58.01 ? 255 ALA A O     1 
ATOM   204  C CB    . ALA A 1 62  ? 15.040  7.903   -10.101 1.00 58.64 ? 255 ALA A CB    1 
ATOM   205  N N     . ARG A 1 63  ? 14.035  9.044   -7.347  1.00 58.33 ? 256 ARG A N     1 
ATOM   206  C CA    . ARG A 1 63  ? 13.487  10.142  -6.551  1.00 58.31 ? 256 ARG A CA    1 
ATOM   207  C C     . ARG A 1 63  ? 14.258  10.327  -5.249  1.00 58.50 ? 256 ARG A C     1 
ATOM   208  O O     . ARG A 1 63  ? 14.006  11.276  -4.496  1.00 58.80 ? 256 ARG A O     1 
ATOM   209  C CB    . ARG A 1 63  ? 12.003  9.892   -6.244  1.00 58.21 ? 256 ARG A CB    1 
ATOM   210  C CG    . ARG A 1 63  ? 11.096  9.950   -7.463  1.00 58.43 ? 256 ARG A CG    1 
ATOM   211  C CD    . ARG A 1 63  ? 9.615   10.018  -7.079  1.00 59.22 ? 256 ARG A CD    1 
ATOM   212  N NE    . ARG A 1 63  ? 9.278   11.208  -6.283  1.00 59.88 ? 256 ARG A NE    1 
ATOM   213  C CZ    . ARG A 1 63  ? 8.724   12.316  -6.774  1.00 60.44 ? 256 ARG A CZ    1 
ATOM   214  N NH1   . ARG A 1 63  ? 8.448   12.411  -8.068  1.00 60.73 ? 256 ARG A NH1   1 
ATOM   215  N NH2   . ARG A 1 63  ? 8.448   13.333  -5.967  1.00 60.94 ? 256 ARG A NH2   1 
ATOM   216  N N     . ALA A 1 64  ? 15.190  9.413   -4.982  1.00 58.47 ? 257 ALA A N     1 
ATOM   217  C CA    . ALA A 1 64  ? 15.987  9.455   -3.761  1.00 58.54 ? 257 ALA A CA    1 
ATOM   218  C C     . ALA A 1 64  ? 17.466  9.613   -4.099  1.00 58.81 ? 257 ALA A C     1 
ATOM   219  O O     . ALA A 1 64  ? 18.339  9.473   -3.225  1.00 58.95 ? 257 ALA A O     1 
ATOM   220  C CB    . ALA A 1 64  ? 15.754  8.197   -2.936  1.00 58.35 ? 257 ALA A CB    1 
ATOM   221  N N     . TYR A 1 65  ? 17.735  9.928   -5.371  1.00 58.89 ? 258 TYR A N     1 
ATOM   222  C CA    . TYR A 1 65  ? 19.106  10.082  -5.896  1.00 58.91 ? 258 TYR A CA    1 
ATOM   223  C C     . TYR A 1 65  ? 20.044  8.986   -5.410  1.00 58.01 ? 258 TYR A C     1 
ATOM   224  O O     . TYR A 1 65  ? 21.069  9.272   -4.801  1.00 58.12 ? 258 TYR A O     1 
ATOM   225  C CB    . TYR A 1 65  ? 19.694  11.464  -5.543  1.00 59.52 ? 258 TYR A CB    1 
ATOM   226  C CG    . TYR A 1 65  ? 18.674  12.574  -5.360  1.00 62.18 ? 258 TYR A CG    1 
ATOM   227  C CD1   . TYR A 1 65  ? 18.209  13.319  -6.463  1.00 64.84 ? 258 TYR A CD1   1 
ATOM   228  C CD2   . TYR A 1 65  ? 18.200  12.914  -4.074  1.00 63.92 ? 258 TYR A CD2   1 
ATOM   229  C CE1   . TYR A 1 65  ? 17.271  14.369  -6.295  1.00 66.71 ? 258 TYR A CE1   1 
ATOM   230  C CE2   . TYR A 1 65  ? 17.263  13.953  -3.888  1.00 65.88 ? 258 TYR A CE2   1 
ATOM   231  C CZ    . TYR A 1 65  ? 16.805  14.682  -5.003  1.00 67.26 ? 258 TYR A CZ    1 
ATOM   232  O OH    . TYR A 1 65  ? 15.882  15.705  -4.829  1.00 67.42 ? 258 TYR A OH    1 
ATOM   233  N N     . MET A 1 66  ? 19.677  7.734   -5.666  1.00 57.18 ? 259 MET A N     1 
ATOM   234  C CA    . MET A 1 66  ? 20.522  6.582   -5.320  1.00 56.39 ? 259 MET A CA    1 
ATOM   235  C C     . MET A 1 66  ? 20.560  5.587   -6.462  1.00 56.17 ? 259 MET A C     1 
ATOM   236  O O     . MET A 1 66  ? 19.656  5.547   -7.286  1.00 56.11 ? 259 MET A O     1 
ATOM   237  C CB    . MET A 1 66  ? 19.999  5.891   -4.061  1.00 56.10 ? 259 MET A CB    1 
ATOM   238  C CG    . MET A 1 66  ? 20.018  6.761   -2.830  1.00 55.60 ? 259 MET A CG    1 
ATOM   239  S SD    . MET A 1 66  ? 19.402  5.939   -1.361  1.00 54.59 ? 259 MET A SD    1 
ATOM   240  C CE    . MET A 1 66  ? 19.430  7.295   -0.200  1.00 54.35 ? 259 MET A CE    1 
ATOM   241  N N     . SER A 1 67  ? 21.614  4.785   -6.516  1.00 56.11 ? 260 SER A N     1 
ATOM   242  C CA    . SER A 1 67  ? 21.610  3.593   -7.355  1.00 56.25 ? 260 SER A CA    1 
ATOM   243  C C     . SER A 1 67  ? 20.522  2.681   -6.824  1.00 55.87 ? 260 SER A C     1 
ATOM   244  O O     . SER A 1 67  ? 20.161  2.778   -5.660  1.00 56.18 ? 260 SER A O     1 
ATOM   245  C CB    . SER A 1 67  ? 22.953  2.878   -7.262  1.00 56.57 ? 260 SER A CB    1 
ATOM   246  O OG    . SER A 1 67  ? 22.962  1.966   -6.164  1.00 57.79 ? 260 SER A OG    1 
ATOM   247  N N     . ARG A 1 68  ? 20.013  1.779   -7.649  1.00 55.37 ? 261 ARG A N     1 
ATOM   248  C CA    . ARG A 1 68  ? 19.077  0.800   -7.134  1.00 55.08 ? 261 ARG A CA    1 
ATOM   249  C C     . ARG A 1 68  ? 19.674  0.101   -5.929  1.00 54.44 ? 261 ARG A C     1 
ATOM   250  O O     . ARG A 1 68  ? 19.182  0.253   -4.810  1.00 54.57 ? 261 ARG A O     1 
ATOM   251  C CB    . ARG A 1 68  ? 18.674  -0.212  -8.196  1.00 55.41 ? 261 ARG A CB    1 
ATOM   252  C CG    . ARG A 1 68  ? 17.328  0.090   -8.835  1.00 57.61 ? 261 ARG A CG    1 
ATOM   253  C CD    . ARG A 1 68  ? 16.526  -1.186  -9.131  1.00 60.80 ? 261 ARG A CD    1 
ATOM   254  N NE    . ARG A 1 68  ? 16.071  -1.862  -7.908  1.00 61.89 ? 261 ARG A NE    1 
ATOM   255  C CZ    . ARG A 1 68  ? 14.892  -2.476  -7.787  1.00 62.65 ? 261 ARG A CZ    1 
ATOM   256  N NH1   . ARG A 1 68  ? 14.034  -2.472  -8.801  1.00 61.77 ? 261 ARG A NH1   1 
ATOM   257  N NH2   . ARG A 1 68  ? 14.560  -3.078  -6.640  1.00 62.65 ? 261 ARG A NH2   1 
ATOM   258  N N     . ARG A 1 69  ? 20.770  -0.617  -6.146  1.00 53.58 ? 262 ARG A N     1 
ATOM   259  C CA    . ARG A 1 69  ? 21.343  -1.457  -5.102  1.00 52.81 ? 262 ARG A CA    1 
ATOM   260  C C     . ARG A 1 69  ? 21.459  -0.720  -3.757  1.00 52.63 ? 262 ARG A C     1 
ATOM   261  O O     . ARG A 1 69  ? 21.202  -1.307  -2.695  1.00 52.38 ? 262 ARG A O     1 
ATOM   262  C CB    . ARG A 1 69  ? 22.703  -2.018  -5.530  1.00 52.69 ? 262 ARG A CB    1 
ATOM   263  C CG    . ARG A 1 69  ? 22.934  -3.478  -5.125  1.00 51.93 ? 262 ARG A CG    1 
ATOM   264  C CD    . ARG A 1 69  ? 21.946  -3.911  -4.061  1.00 50.57 ? 262 ARG A CD    1 
ATOM   265  N NE    . ARG A 1 69  ? 22.443  -4.991  -3.222  1.00 50.22 ? 262 ARG A NE    1 
ATOM   266  C CZ    . ARG A 1 69  ? 22.056  -5.193  -1.966  1.00 51.72 ? 262 ARG A CZ    1 
ATOM   267  N NH1   . ARG A 1 69  ? 21.170  -4.376  -1.401  1.00 52.22 ? 262 ARG A NH1   1 
ATOM   268  N NH2   . ARG A 1 69  ? 22.556  -6.207  -1.267  1.00 52.78 ? 262 ARG A NH2   1 
ATOM   269  N N     . THR A 1 70  ? 21.835  0.563   -3.804  1.00 52.11 ? 263 THR A N     1 
ATOM   270  C CA    . THR A 1 70  ? 21.897  1.378   -2.588  1.00 51.71 ? 263 THR A CA    1 
ATOM   271  C C     . THR A 1 70  ? 20.501  1.561   -2.031  1.00 51.26 ? 263 THR A C     1 
ATOM   272  O O     . THR A 1 70  ? 20.222  1.172   -0.895  1.00 51.12 ? 263 THR A O     1 
ATOM   273  C CB    . THR A 1 70  ? 22.529  2.758   -2.836  1.00 51.72 ? 263 THR A CB    1 
ATOM   274  O OG1   . THR A 1 70  ? 23.594  2.635   -3.776  1.00 52.50 ? 263 THR A OG1   1 
ATOM   275  C CG2   . THR A 1 70  ? 23.076  3.331   -1.537  1.00 51.20 ? 263 THR A CG2   1 
ATOM   276  N N     . PHE A 1 71  ? 19.614  2.117   -2.854  1.00 50.88 ? 264 PHE A N     1 
ATOM   277  C CA    . PHE A 1 71  ? 18.230  2.305   -2.473  1.00 50.47 ? 264 PHE A CA    1 
ATOM   278  C C     . PHE A 1 71  ? 17.693  1.087   -1.781  1.00 49.94 ? 264 PHE A C     1 
ATOM   279  O O     . PHE A 1 71  ? 17.257  1.168   -0.635  1.00 49.61 ? 264 PHE A O     1 
ATOM   280  C CB    . PHE A 1 71  ? 17.354  2.635   -3.677  1.00 50.68 ? 264 PHE A CB    1 
ATOM   281  C CG    . PHE A 1 71  ? 15.907  2.870   -3.316  1.00 51.63 ? 264 PHE A CG    1 
ATOM   282  C CD1   . PHE A 1 71  ? 15.550  3.900   -2.439  1.00 51.60 ? 264 PHE A CD1   1 
ATOM   283  C CD2   . PHE A 1 71  ? 14.910  2.047   -3.810  1.00 51.55 ? 264 PHE A CD2   1 
ATOM   284  C CE1   . PHE A 1 71  ? 14.224  4.102   -2.082  1.00 50.82 ? 264 PHE A CE1   1 
ATOM   285  C CE2   . PHE A 1 71  ? 13.585  2.254   -3.455  1.00 51.07 ? 264 PHE A CE2   1 
ATOM   286  C CZ    . PHE A 1 71  ? 13.247  3.280   -2.587  1.00 50.62 ? 264 PHE A CZ    1 
ATOM   287  N N     . ASP A 1 72  ? 17.739  -0.051  -2.469  1.00 49.56 ? 265 ASP A N     1 
ATOM   288  C CA    . ASP A 1 72  ? 17.288  -1.310  -1.887  1.00 49.75 ? 265 ASP A CA    1 
ATOM   289  C C     . ASP A 1 72  ? 17.880  -1.518  -0.484  1.00 49.39 ? 265 ASP A C     1 
ATOM   290  O O     . ASP A 1 72  ? 17.136  -1.669  0.492   1.00 49.13 ? 265 ASP A O     1 
ATOM   291  C CB    . ASP A 1 72  ? 17.617  -2.499  -2.804  1.00 50.03 ? 265 ASP A CB    1 
ATOM   292  C CG    . ASP A 1 72  ? 16.607  -2.662  -3.971  1.00 52.02 ? 265 ASP A CG    1 
ATOM   293  O OD1   . ASP A 1 72  ? 16.060  -1.645  -4.450  1.00 54.07 ? 265 ASP A OD1   1 
ATOM   294  O OD2   . ASP A 1 72  ? 16.382  -3.811  -4.419  1.00 54.25 ? 265 ASP A OD2   1 
ATOM   295  N N     . ARG A 1 73  ? 19.206  -1.473  -0.374  1.00 49.15 ? 266 ARG A N     1 
ATOM   296  C CA    . ARG A 1 73  ? 19.861  -1.772  0.904   1.00 49.32 ? 266 ARG A CA    1 
ATOM   297  C C     . ARG A 1 73  ? 19.444  -0.787  1.994   1.00 48.92 ? 266 ARG A C     1 
ATOM   298  O O     . ARG A 1 73  ? 19.025  -1.194  3.093   1.00 48.38 ? 266 ARG A O     1 
ATOM   299  C CB    . ARG A 1 73  ? 21.386  -1.796  0.756   1.00 49.65 ? 266 ARG A CB    1 
ATOM   300  C CG    . ARG A 1 73  ? 22.135  -2.184  2.057   1.00 51.70 ? 266 ARG A CG    1 
ATOM   301  C CD    . ARG A 1 73  ? 23.665  -2.353  1.852   1.00 53.49 ? 266 ARG A CD    1 
ATOM   302  N NE    . ARG A 1 73  ? 24.215  -1.349  0.942   1.00 55.16 ? 266 ARG A NE    1 
ATOM   303  C CZ    . ARG A 1 73  ? 24.771  -1.626  -0.242  1.00 56.76 ? 266 ARG A CZ    1 
ATOM   304  N NH1   . ARG A 1 73  ? 25.222  -0.637  -1.009  1.00 56.43 ? 266 ARG A NH1   1 
ATOM   305  N NH2   . ARG A 1 73  ? 24.883  -2.892  -0.657  1.00 57.45 ? 266 ARG A NH2   1 
ATOM   306  N N     . ARG A 1 74  ? 19.539  0.508   1.678   1.00 48.54 ? 267 ARG A N     1 
ATOM   307  C CA    . ARG A 1 74  ? 19.255  1.568   2.646   1.00 47.95 ? 267 ARG A CA    1 
ATOM   308  C C     . ARG A 1 74  ? 17.777  1.647   3.013   1.00 47.30 ? 267 ARG A C     1 
ATOM   309  O O     . ARG A 1 74  ? 17.421  1.927   4.168   1.00 46.94 ? 267 ARG A O     1 
ATOM   310  C CB    . ARG A 1 74  ? 19.756  2.903   2.131   1.00 48.04 ? 267 ARG A CB    1 
ATOM   311  C CG    . ARG A 1 74  ? 21.264  2.996   2.113   1.00 50.14 ? 267 ARG A CG    1 
ATOM   312  C CD    . ARG A 1 74  ? 21.743  4.423   1.926   1.00 53.53 ? 267 ARG A CD    1 
ATOM   313  N NE    . ARG A 1 74  ? 21.600  5.219   3.143   1.00 56.54 ? 267 ARG A NE    1 
ATOM   314  C CZ    . ARG A 1 74  ? 22.392  6.240   3.470   1.00 59.15 ? 267 ARG A CZ    1 
ATOM   315  N NH1   . ARG A 1 74  ? 23.408  6.590   2.677   1.00 59.28 ? 267 ARG A NH1   1 
ATOM   316  N NH2   . ARG A 1 74  ? 22.171  6.913   4.595   1.00 60.79 ? 267 ARG A NH2   1 
ATOM   317  N N     . PHE A 1 75  ? 16.918  1.374   2.046   1.00 46.78 ? 268 PHE A N     1 
ATOM   318  C CA    . PHE A 1 75  ? 15.508  1.268   2.321   1.00 46.87 ? 268 PHE A CA    1 
ATOM   319  C C     . PHE A 1 75  ? 15.245  0.220   3.405   1.00 47.29 ? 268 PHE A C     1 
ATOM   320  O O     . PHE A 1 75  ? 14.811  0.556   4.505   1.00 47.04 ? 268 PHE A O     1 
ATOM   321  C CB    . PHE A 1 75  ? 14.746  0.923   1.060   1.00 46.53 ? 268 PHE A CB    1 
ATOM   322  C CG    . PHE A 1 75  ? 13.275  1.046   1.199   1.00 46.93 ? 268 PHE A CG    1 
ATOM   323  C CD1   . PHE A 1 75  ? 12.639  2.265   0.954   1.00 46.52 ? 268 PHE A CD1   1 
ATOM   324  C CD2   . PHE A 1 75  ? 12.503  -0.056  1.579   1.00 47.03 ? 268 PHE A CD2   1 
ATOM   325  C CE1   . PHE A 1 75  ? 11.263  2.382   1.080   1.00 45.80 ? 268 PHE A CE1   1 
ATOM   326  C CE2   . PHE A 1 75  ? 11.133  0.049   1.701   1.00 46.18 ? 268 PHE A CE2   1 
ATOM   327  C CZ    . PHE A 1 75  ? 10.506  1.275   1.455   1.00 46.62 ? 268 PHE A CZ    1 
ATOM   328  N N     . ARG A 1 76  ? 15.551  -1.042  3.095   1.00 47.85 ? 269 ARG A N     1 
ATOM   329  C CA    . ARG A 1 76  ? 15.361  -2.147  4.037   1.00 48.15 ? 269 ARG A CA    1 
ATOM   330  C C     . ARG A 1 76  ? 15.977  -1.844  5.387   1.00 48.48 ? 269 ARG A C     1 
ATOM   331  O O     . ARG A 1 76  ? 15.391  -2.147  6.436   1.00 48.44 ? 269 ARG A O     1 
ATOM   332  C CB    . ARG A 1 76  ? 15.954  -3.447  3.472   1.00 48.45 ? 269 ARG A CB    1 
ATOM   333  C CG    . ARG A 1 76  ? 16.290  -4.513  4.532   1.00 47.95 ? 269 ARG A CG    1 
ATOM   334  C CD    . ARG A 1 76  ? 15.799  -5.880  4.106   1.00 49.43 ? 269 ARG A CD    1 
ATOM   335  N NE    . ARG A 1 76  ? 14.468  -6.183  4.641   1.00 50.75 ? 269 ARG A NE    1 
ATOM   336  C CZ    . ARG A 1 76  ? 13.581  -6.977  4.041   1.00 51.90 ? 269 ARG A CZ    1 
ATOM   337  N NH1   . ARG A 1 76  ? 13.880  -7.539  2.870   1.00 51.26 ? 269 ARG A NH1   1 
ATOM   338  N NH2   . ARG A 1 76  ? 12.389  -7.210  4.608   1.00 51.03 ? 269 ARG A NH2   1 
ATOM   339  N N     . SER A 1 77  ? 17.160  -1.242  5.362   1.00 48.76 ? 270 SER A N     1 
ATOM   340  C CA    . SER A 1 77  ? 17.897  -0.983  6.582   1.00 49.35 ? 270 SER A CA    1 
ATOM   341  C C     . SER A 1 77  ? 17.226  0.081   7.420   1.00 49.55 ? 270 SER A C     1 
ATOM   342  O O     . SER A 1 77  ? 17.524  0.217   8.604   1.00 50.22 ? 270 SER A O     1 
ATOM   343  C CB    . SER A 1 77  ? 19.320  -0.569  6.267   1.00 49.48 ? 270 SER A CB    1 
ATOM   344  O OG    . SER A 1 77  ? 20.147  -0.772  7.395   1.00 51.19 ? 270 SER A OG    1 
ATOM   345  N N     . LEU A 1 78  ? 16.334  0.849   6.797   1.00 49.45 ? 271 LEU A N     1 
ATOM   346  C CA    . LEU A 1 78  ? 15.543  1.838   7.500   1.00 48.96 ? 271 LEU A CA    1 
ATOM   347  C C     . LEU A 1 78  ? 14.154  1.290   7.785   1.00 49.23 ? 271 LEU A C     1 
ATOM   348  O O     . LEU A 1 78  ? 13.618  1.475   8.876   1.00 49.77 ? 271 LEU A O     1 
ATOM   349  C CB    . LEU A 1 78  ? 15.450  3.132   6.672   1.00 48.76 ? 271 LEU A CB    1 
ATOM   350  C CG    . LEU A 1 78  ? 14.349  4.154   7.011   1.00 47.37 ? 271 LEU A CG    1 
ATOM   351  C CD1   . LEU A 1 78  ? 14.849  5.558   6.830   1.00 48.34 ? 271 LEU A CD1   1 
ATOM   352  C CD2   . LEU A 1 78  ? 13.136  3.932   6.158   1.00 46.53 ? 271 LEU A CD2   1 
ATOM   353  N N     . THR A 1 79  ? 13.594  0.588   6.803   1.00 49.22 ? 272 THR A N     1 
ATOM   354  C CA    . THR A 1 79  ? 12.157  0.305   6.734   1.00 49.31 ? 272 THR A CA    1 
ATOM   355  C C     . THR A 1 79  ? 11.760  -1.003  7.413   1.00 49.49 ? 272 THR A C     1 
ATOM   356  O O     . THR A 1 79  ? 10.618  -1.167  7.839   1.00 49.31 ? 272 THR A O     1 
ATOM   357  C CB    . THR A 1 79  ? 11.692  0.273   5.254   1.00 49.58 ? 272 THR A CB    1 
ATOM   358  O OG1   . THR A 1 79  ? 11.215  1.570   4.875   1.00 50.86 ? 272 THR A OG1   1 
ATOM   359  C CG2   . THR A 1 79  ? 10.596  -0.740  5.036   1.00 48.97 ? 272 THR A CG2   1 
ATOM   360  N N     . GLY A 1 80  ? 12.705  -1.935  7.500   1.00 49.96 ? 273 GLY A N     1 
ATOM   361  C CA    . GLY A 1 80  ? 12.419  -3.276  7.980   1.00 50.38 ? 273 GLY A CA    1 
ATOM   362  C C     . GLY A 1 80  ? 12.000  -4.171  6.833   1.00 50.97 ? 273 GLY A C     1 
ATOM   363  O O     . GLY A 1 80  ? 12.091  -5.408  6.921   1.00 51.22 ? 273 GLY A O     1 
ATOM   364  N N     . SER A 1 81  ? 11.560  -3.547  5.742   1.00 50.90 ? 274 SER A N     1 
ATOM   365  C CA    . SER A 1 81  ? 11.105  -4.277  4.570   1.00 51.01 ? 274 SER A CA    1 
ATOM   366  C C     . SER A 1 81  ? 11.765  -3.762  3.286   1.00 50.88 ? 274 SER A C     1 
ATOM   367  O O     . SER A 1 81  ? 12.382  -2.698  3.281   1.00 51.21 ? 274 SER A O     1 
ATOM   368  C CB    . SER A 1 81  ? 9.584   -4.205  4.461   1.00 50.96 ? 274 SER A CB    1 
ATOM   369  O OG    . SER A 1 81  ? 9.136   -4.721  3.222   1.00 52.29 ? 274 SER A OG    1 
ATOM   370  N N     . ALA A 1 82  ? 11.660  -4.547  2.215   1.00 50.69 ? 275 ALA A N     1 
ATOM   371  C CA    . ALA A 1 82  ? 12.132  -4.132  0.898   1.00 50.60 ? 275 ALA A CA    1 
ATOM   372  C C     . ALA A 1 82  ? 11.046  -3.324  0.173   1.00 50.48 ? 275 ALA A C     1 
ATOM   373  O O     . ALA A 1 82  ? 9.854   -3.500  0.452   1.00 50.75 ? 275 ALA A O     1 
ATOM   374  C CB    . ALA A 1 82  ? 12.526  -5.343  0.081   1.00 50.78 ? 275 ALA A CB    1 
ATOM   375  N N     . PRO A 1 83  ? 11.456  -2.450  -0.776  1.00 50.03 ? 276 PRO A N     1 
ATOM   376  C CA    . PRO A 1 83  ? 10.604  -1.415  -1.369  1.00 49.66 ? 276 PRO A CA    1 
ATOM   377  C C     . PRO A 1 83  ? 9.194   -1.866  -1.770  1.00 49.38 ? 276 PRO A C     1 
ATOM   378  O O     . PRO A 1 83  ? 8.212   -1.378  -1.203  1.00 49.18 ? 276 PRO A O     1 
ATOM   379  C CB    . PRO A 1 83  ? 11.401  -0.982  -2.583  1.00 49.37 ? 276 PRO A CB    1 
ATOM   380  C CG    . PRO A 1 83  ? 12.796  -1.095  -2.126  1.00 49.57 ? 276 PRO A CG    1 
ATOM   381  C CD    . PRO A 1 83  ? 12.835  -2.348  -1.282  1.00 49.92 ? 276 PRO A CD    1 
ATOM   382  N N     . LEU A 1 84  ? 9.092   -2.780  -2.732  1.00 49.18 ? 277 LEU A N     1 
ATOM   383  C CA    . LEU A 1 84  ? 7.771   -3.201  -3.231  1.00 48.65 ? 277 LEU A CA    1 
ATOM   384  C C     . LEU A 1 84  ? 7.009   -4.083  -2.239  1.00 48.36 ? 277 LEU A C     1 
ATOM   385  O O     . LEU A 1 84  ? 5.811   -4.311  -2.396  1.00 48.94 ? 277 LEU A O     1 
ATOM   386  C CB    . LEU A 1 84  ? 7.880   -3.902  -4.583  1.00 48.55 ? 277 LEU A CB    1 
ATOM   387  C CG    . LEU A 1 84  ? 6.545   -4.362  -5.172  1.00 48.10 ? 277 LEU A CG    1 
ATOM   388  C CD1   . LEU A 1 84  ? 5.976   -3.321  -6.143  1.00 49.69 ? 277 LEU A CD1   1 
ATOM   389  C CD2   . LEU A 1 84  ? 6.699   -5.699  -5.853  1.00 48.13 ? 277 LEU A CD2   1 
ATOM   390  N N     . GLN A 1 85  ? 7.694   -4.587  -1.227  1.00 47.53 ? 278 GLN A N     1 
ATOM   391  C CA    . GLN A 1 85  ? 6.996   -5.287  -0.176  1.00 46.97 ? 278 GLN A CA    1 
ATOM   392  C C     . GLN A 1 85  ? 6.317   -4.277  0.681   1.00 46.48 ? 278 GLN A C     1 
ATOM   393  O O     . GLN A 1 85  ? 5.127   -4.386  0.961   1.00 46.35 ? 278 GLN A O     1 
ATOM   394  C CB    . GLN A 1 85  ? 7.946   -6.156  0.656   1.00 47.12 ? 278 GLN A CB    1 
ATOM   395  C CG    . GLN A 1 85  ? 7.916   -7.620  0.279   1.00 46.78 ? 278 GLN A CG    1 
ATOM   396  C CD    . GLN A 1 85  ? 6.542   -8.069  -0.197  1.00 47.34 ? 278 GLN A CD    1 
ATOM   397  O OE1   . GLN A 1 85  ? 5.599   -8.195  0.600   1.00 48.01 ? 278 GLN A OE1   1 
ATOM   398  N NE2   . GLN A 1 85  ? 6.419   -8.307  -1.502  1.00 47.15 ? 278 GLN A NE2   1 
ATOM   399  N N     . TRP A 1 86  ? 7.082   -3.263  1.064   1.00 46.02 ? 279 TRP A N     1 
ATOM   400  C CA    . TRP A 1 86  ? 6.586   -2.140  1.836   1.00 45.89 ? 279 TRP A CA    1 
ATOM   401  C C     . TRP A 1 86  ? 5.471   -1.402  1.084   1.00 45.94 ? 279 TRP A C     1 
ATOM   402  O O     . TRP A 1 86  ? 4.455   -1.014  1.679   1.00 45.74 ? 279 TRP A O     1 
ATOM   403  C CB    . TRP A 1 86  ? 7.736   -1.200  2.151   1.00 45.43 ? 279 TRP A CB    1 
ATOM   404  C CG    . TRP A 1 86  ? 7.364   -0.032  2.941   1.00 45.88 ? 279 TRP A CG    1 
ATOM   405  C CD1   . TRP A 1 86  ? 7.367   0.070   4.300   1.00 47.11 ? 279 TRP A CD1   1 
ATOM   406  C CD2   . TRP A 1 86  ? 6.970   1.248   2.441   1.00 46.26 ? 279 TRP A CD2   1 
ATOM   407  N NE1   . TRP A 1 86  ? 6.982   1.339   4.686   1.00 46.23 ? 279 TRP A NE1   1 
ATOM   408  C CE2   . TRP A 1 86  ? 6.737   2.084   3.563   1.00 46.12 ? 279 TRP A CE2   1 
ATOM   409  C CE3   . TRP A 1 86  ? 6.781   1.773   1.154   1.00 45.81 ? 279 TRP A CE3   1 
ATOM   410  C CZ2   . TRP A 1 86  ? 6.317   3.412   3.436   1.00 45.48 ? 279 TRP A CZ2   1 
ATOM   411  C CZ3   . TRP A 1 86  ? 6.366   3.095   1.030   1.00 45.97 ? 279 TRP A CZ3   1 
ATOM   412  C CH2   . TRP A 1 86  ? 6.135   3.899   2.169   1.00 45.33 ? 279 TRP A CH2   1 
ATOM   413  N N     . LEU A 1 87  ? 5.651   -1.237  -0.225  1.00 45.85 ? 280 LEU A N     1 
ATOM   414  C CA    . LEU A 1 87  ? 4.624   -0.639  -1.052  1.00 46.22 ? 280 LEU A CA    1 
ATOM   415  C C     . LEU A 1 87  ? 3.323   -1.389  -0.884  1.00 46.22 ? 280 LEU A C     1 
ATOM   416  O O     . LEU A 1 87  ? 2.361   -0.868  -0.319  1.00 46.66 ? 280 LEU A O     1 
ATOM   417  C CB    . LEU A 1 87  ? 5.047   -0.620  -2.520  1.00 46.53 ? 280 LEU A CB    1 
ATOM   418  C CG    . LEU A 1 87  ? 5.828   0.630   -2.975  1.00 48.06 ? 280 LEU A CG    1 
ATOM   419  C CD1   . LEU A 1 87  ? 6.175   0.547   -4.454  1.00 48.30 ? 280 LEU A CD1   1 
ATOM   420  C CD2   . LEU A 1 87  ? 5.043   1.916   -2.671  1.00 48.68 ? 280 LEU A CD2   1 
ATOM   421  N N     . ILE A 1 88  ? 3.304   -2.627  -1.352  1.00 45.95 ? 281 ILE A N     1 
ATOM   422  C CA    . ILE A 1 88  ? 2.196   -3.525  -1.102  1.00 45.46 ? 281 ILE A CA    1 
ATOM   423  C C     . ILE A 1 88  ? 1.642   -3.335  0.317   1.00 45.42 ? 281 ILE A C     1 
ATOM   424  O O     . ILE A 1 88  ? 0.474   -3.019  0.497   1.00 45.14 ? 281 ILE A O     1 
ATOM   425  C CB    . ILE A 1 88  ? 2.637   -4.982  -1.296  1.00 45.36 ? 281 ILE A CB    1 
ATOM   426  C CG1   . ILE A 1 88  ? 2.803   -5.282  -2.792  1.00 45.34 ? 281 ILE A CG1   1 
ATOM   427  C CG2   . ILE A 1 88  ? 1.648   -5.941  -0.630  1.00 45.47 ? 281 ILE A CG2   1 
ATOM   428  C CD1   . ILE A 1 88  ? 3.423   -6.637  -3.098  1.00 44.93 ? 281 ILE A CD1   1 
ATOM   429  N N     . THR A 1 89  ? 2.501   -3.510  1.317   1.00 45.63 ? 282 THR A N     1 
ATOM   430  C CA    . THR A 1 89  ? 2.073   -3.470  2.700   1.00 45.53 ? 282 THR A CA    1 
ATOM   431  C C     . THR A 1 89  ? 1.269   -2.227  2.927   1.00 45.12 ? 282 THR A C     1 
ATOM   432  O O     . THR A 1 89  ? 0.139   -2.291  3.394   1.00 44.84 ? 282 THR A O     1 
ATOM   433  C CB    . THR A 1 89  ? 3.272   -3.493  3.663   1.00 45.92 ? 282 THR A CB    1 
ATOM   434  O OG1   . THR A 1 89  ? 3.860   -4.799  3.656   1.00 46.32 ? 282 THR A OG1   1 
ATOM   435  C CG2   . THR A 1 89  ? 2.832   -3.135  5.100   1.00 46.04 ? 282 THR A CG2   1 
ATOM   436  N N     . GLN A 1 90  ? 1.841   -1.095  2.536   1.00 44.94 ? 283 GLN A N     1 
ATOM   437  C CA    . GLN A 1 90  ? 1.189   0.200   2.687   1.00 44.85 ? 283 GLN A CA    1 
ATOM   438  C C     . GLN A 1 90  ? -0.118  0.324   1.884   1.00 44.49 ? 283 GLN A C     1 
ATOM   439  O O     . GLN A 1 90  ? -1.156  0.676   2.445   1.00 44.47 ? 283 GLN A O     1 
ATOM   440  C CB    . GLN A 1 90  ? 2.157   1.319   2.334   1.00 44.67 ? 283 GLN A CB    1 
ATOM   441  C CG    . GLN A 1 90  ? 2.856   1.963   3.545   1.00 46.16 ? 283 GLN A CG    1 
ATOM   442  C CD    . GLN A 1 90  ? 3.245   0.964   4.660   1.00 46.85 ? 283 GLN A CD    1 
ATOM   443  O OE1   . GLN A 1 90  ? 2.829   1.112   5.821   1.00 45.89 ? 283 GLN A OE1   1 
ATOM   444  N NE2   . GLN A 1 90  ? 4.076   -0.017  4.316   1.00 46.51 ? 283 GLN A NE2   1 
ATOM   445  N N     . ARG A 1 91  ? -0.068  0.005   0.591   1.00 44.43 ? 284 ARG A N     1 
ATOM   446  C CA    . ARG A 1 91  ? -1.271  0.027   -0.265  1.00 45.03 ? 284 ARG A CA    1 
ATOM   447  C C     . ARG A 1 91  ? -2.434  -0.767  0.358   1.00 45.51 ? 284 ARG A C     1 
ATOM   448  O O     . ARG A 1 91  ? -3.580  -0.300  0.389   1.00 45.68 ? 284 ARG A O     1 
ATOM   449  C CB    . ARG A 1 91  ? -0.964  -0.508  -1.675  1.00 44.81 ? 284 ARG A CB    1 
ATOM   450  C CG    . ARG A 1 91  ? 0.167   0.224   -2.420  1.00 45.41 ? 284 ARG A CG    1 
ATOM   451  C CD    . ARG A 1 91  ? -0.074  0.209   -3.938  1.00 46.44 ? 284 ARG A CD    1 
ATOM   452  N NE    . ARG A 1 91  ? 1.165   0.272   -4.720  1.00 48.27 ? 284 ARG A NE    1 
ATOM   453  C CZ    . ARG A 1 91  ? 1.643   1.376   -5.302  1.00 49.29 ? 284 ARG A CZ    1 
ATOM   454  N NH1   . ARG A 1 91  ? 0.997   2.529   -5.196  1.00 48.93 ? 284 ARG A NH1   1 
ATOM   455  N NH2   . ARG A 1 91  ? 2.771   1.324   -5.997  1.00 50.61 ? 284 ARG A NH2   1 
ATOM   456  N N     . VAL A 1 92  ? -2.124  -1.953  0.869   1.00 46.03 ? 285 VAL A N     1 
ATOM   457  C CA    . VAL A 1 92  ? -3.101  -2.770  1.570   1.00 46.80 ? 285 VAL A CA    1 
ATOM   458  C C     . VAL A 1 92  ? -3.726  -2.030  2.763   1.00 47.45 ? 285 VAL A C     1 
ATOM   459  O O     . VAL A 1 92  ? -4.939  -2.037  2.924   1.00 47.67 ? 285 VAL A O     1 
ATOM   460  C CB    . VAL A 1 92  ? -2.484  -4.111  2.051   1.00 46.87 ? 285 VAL A CB    1 
ATOM   461  C CG1   . VAL A 1 92  ? -3.375  -4.774  3.103   1.00 46.62 ? 285 VAL A CG1   1 
ATOM   462  C CG2   . VAL A 1 92  ? -2.260  -5.042  0.871   1.00 46.42 ? 285 VAL A CG2   1 
ATOM   463  N N     . LEU A 1 93  ? -2.890  -1.398  3.590   1.00 48.06 ? 286 LEU A N     1 
ATOM   464  C CA    . LEU A 1 93  ? -3.382  -0.643  4.756   1.00 48.72 ? 286 LEU A CA    1 
ATOM   465  C C     . LEU A 1 93  ? -4.296  0.514   4.352   1.00 49.44 ? 286 LEU A C     1 
ATOM   466  O O     . LEU A 1 93  ? -5.216  0.866   5.084   1.00 49.95 ? 286 LEU A O     1 
ATOM   467  C CB    . LEU A 1 93  ? -2.224  -0.122  5.616   1.00 48.37 ? 286 LEU A CB    1 
ATOM   468  C CG    . LEU A 1 93  ? -1.331  -1.167  6.296   1.00 48.30 ? 286 LEU A CG    1 
ATOM   469  C CD1   . LEU A 1 93  ? -0.170  -0.508  7.001   1.00 47.16 ? 286 LEU A CD1   1 
ATOM   470  C CD2   . LEU A 1 93  ? -2.118  -2.048  7.262   1.00 48.27 ? 286 LEU A CD2   1 
ATOM   471  N N     . GLN A 1 94  ? -4.037  1.104   3.190   1.00 49.81 ? 287 GLN A N     1 
ATOM   472  C CA    . GLN A 1 94  ? -4.939  2.097   2.655   1.00 50.22 ? 287 GLN A CA    1 
ATOM   473  C C     . GLN A 1 94  ? -6.248  1.469   2.199   1.00 50.97 ? 287 GLN A C     1 
ATOM   474  O O     . GLN A 1 94  ? -7.319  2.066   2.351   1.00 51.03 ? 287 GLN A O     1 
ATOM   475  C CB    . GLN A 1 94  ? -4.303  2.848   1.513   1.00 49.99 ? 287 GLN A CB    1 
ATOM   476  C CG    . GLN A 1 94  ? -5.166  3.974   1.003   1.00 49.25 ? 287 GLN A CG    1 
ATOM   477  C CD    . GLN A 1 94  ? -4.420  4.900   0.102   1.00 48.64 ? 287 GLN A CD    1 
ATOM   478  O OE1   . GLN A 1 94  ? -3.568  5.670   0.550   1.00 47.85 ? 287 GLN A OE1   1 
ATOM   479  N NE2   . GLN A 1 94  ? -4.723  4.839   -1.191  1.00 48.54 ? 287 GLN A NE2   1 
ATOM   480  N N     . ALA A 1 95  ? -6.164  0.273   1.621   1.00 51.88 ? 288 ALA A N     1 
ATOM   481  C CA    . ALA A 1 95  ? -7.371  -0.477  1.269   1.00 52.66 ? 288 ALA A CA    1 
ATOM   482  C C     . ALA A 1 95  ? -8.200  -0.695  2.511   1.00 53.27 ? 288 ALA A C     1 
ATOM   483  O O     . ALA A 1 95  ? -9.381  -0.375  2.532   1.00 53.83 ? 288 ALA A O     1 
ATOM   484  C CB    . ALA A 1 95  ? -7.018  -1.801  0.622   1.00 52.43 ? 288 ALA A CB    1 
ATOM   485  N N     . GLN A 1 96  ? -7.553  -1.182  3.570   1.00 54.07 ? 289 GLN A N     1 
ATOM   486  C CA    . GLN A 1 96  ? -8.217  -1.420  4.852   1.00 54.72 ? 289 GLN A CA    1 
ATOM   487  C C     . GLN A 1 96  ? -8.956  -0.184  5.330   1.00 55.11 ? 289 GLN A C     1 
ATOM   488  O O     . GLN A 1 96  ? -10.083 -0.278  5.785   1.00 55.22 ? 289 GLN A O     1 
ATOM   489  C CB    . GLN A 1 96  ? -7.210  -1.874  5.911   1.00 54.78 ? 289 GLN A CB    1 
ATOM   490  C CG    . GLN A 1 96  ? -7.841  -2.320  7.213   1.00 55.32 ? 289 GLN A CG    1 
ATOM   491  C CD    . GLN A 1 96  ? -6.840  -2.945  8.178   1.00 56.85 ? 289 GLN A CD    1 
ATOM   492  O OE1   . GLN A 1 96  ? -5.669  -2.560  8.218   1.00 57.46 ? 289 GLN A OE1   1 
ATOM   493  N NE2   . GLN A 1 96  ? -7.305  -3.903  8.975   1.00 56.80 ? 289 GLN A NE2   1 
ATOM   494  N N     . ARG A 1 97  ? -8.320  0.978   5.205   1.00 55.83 ? 290 ARG A N     1 
ATOM   495  C CA    . ARG A 1 97  ? -8.958  2.243   5.583   1.00 56.64 ? 290 ARG A CA    1 
ATOM   496  C C     . ARG A 1 97  ? -10.194 2.526   4.742   1.00 57.03 ? 290 ARG A C     1 
ATOM   497  O O     . ARG A 1 97  ? -11.268 2.792   5.279   1.00 57.15 ? 290 ARG A O     1 
ATOM   498  C CB    . ARG A 1 97  ? -7.975  3.414   5.488   1.00 56.71 ? 290 ARG A CB    1 
ATOM   499  C CG    . ARG A 1 97  ? -6.917  3.428   6.577   1.00 57.81 ? 290 ARG A CG    1 
ATOM   500  C CD    . ARG A 1 97  ? -6.324  4.815   6.755   1.00 59.97 ? 290 ARG A CD    1 
ATOM   501  N NE    . ARG A 1 97  ? -5.869  5.396   5.489   1.00 61.52 ? 290 ARG A NE    1 
ATOM   502  C CZ    . ARG A 1 97  ? -4.692  5.136   4.923   1.00 62.78 ? 290 ARG A CZ    1 
ATOM   503  N NH1   . ARG A 1 97  ? -3.843  4.286   5.495   1.00 63.51 ? 290 ARG A NH1   1 
ATOM   504  N NH2   . ARG A 1 97  ? -4.369  5.713   3.771   1.00 62.70 ? 290 ARG A NH2   1 
ATOM   505  N N     . LEU A 1 98  ? -10.049 2.451   3.424   1.00 57.57 ? 291 LEU A N     1 
ATOM   506  C CA    . LEU A 1 98  ? -11.153 2.773   2.529   1.00 58.33 ? 291 LEU A CA    1 
ATOM   507  C C     . LEU A 1 98  ? -12.313 1.784   2.683   1.00 58.78 ? 291 LEU A C     1 
ATOM   508  O O     . LEU A 1 98  ? -13.487 2.157   2.565   1.00 58.75 ? 291 LEU A O     1 
ATOM   509  C CB    . LEU A 1 98  ? -10.675 2.839   1.081   1.00 58.29 ? 291 LEU A CB    1 
ATOM   510  C CG    . LEU A 1 98  ? -9.611  3.901   0.783   1.00 58.78 ? 291 LEU A CG    1 
ATOM   511  C CD1   . LEU A 1 98  ? -9.230  3.882   -0.692  1.00 59.11 ? 291 LEU A CD1   1 
ATOM   512  C CD2   . LEU A 1 98  ? -10.074 5.299   1.208   1.00 58.37 ? 291 LEU A CD2   1 
ATOM   513  N N     . LEU A 1 99  ? -11.984 0.535   2.975   1.00 59.37 ? 292 LEU A N     1 
ATOM   514  C CA    . LEU A 1 99  ? -13.002 -0.458  3.242   1.00 60.14 ? 292 LEU A CA    1 
ATOM   515  C C     . LEU A 1 99  ? -13.776 -0.143  4.528   1.00 60.82 ? 292 LEU A C     1 
ATOM   516  O O     . LEU A 1 99  ? -14.929 -0.541  4.672   1.00 61.11 ? 292 LEU A O     1 
ATOM   517  C CB    . LEU A 1 99  ? -12.395 -1.859  3.295   1.00 59.78 ? 292 LEU A CB    1 
ATOM   518  C CG    . LEU A 1 99  ? -12.058 -2.481  1.938   1.00 59.09 ? 292 LEU A CG    1 
ATOM   519  C CD1   . LEU A 1 99  ? -11.294 -3.743  2.137   1.00 58.95 ? 292 LEU A CD1   1 
ATOM   520  C CD2   . LEU A 1 99  ? -13.314 -2.754  1.126   1.00 59.62 ? 292 LEU A CD2   1 
ATOM   521  N N     . GLU A 1 100 ? -13.151 0.605   5.433   1.00 61.52 ? 293 GLU A N     1 
ATOM   522  C CA    . GLU A 1 100 ? -13.794 0.992   6.690   1.00 62.37 ? 293 GLU A CA    1 
ATOM   523  C C     . GLU A 1 100 ? -14.551 2.313   6.564   1.00 63.10 ? 293 GLU A C     1 
ATOM   524  O O     . GLU A 1 100 ? -15.733 2.389   6.895   1.00 63.13 ? 293 GLU A O     1 
ATOM   525  C CB    . GLU A 1 100 ? -12.763 1.081   7.819   1.00 62.32 ? 293 GLU A CB    1 
ATOM   526  C CG    . GLU A 1 100 ? -12.199 -0.268  8.258   1.00 62.33 ? 293 GLU A CG    1 
ATOM   527  C CD    . GLU A 1 100 ? -10.964 -0.136  9.126   1.00 62.37 ? 293 GLU A CD    1 
ATOM   528  O OE1   . GLU A 1 100 ? -10.708 0.979   9.648   1.00 62.46 ? 293 GLU A OE1   1 
ATOM   529  O OE2   . GLU A 1 100 ? -10.253 -1.149  9.293   1.00 61.59 ? 293 GLU A OE2   1 
ATOM   530  N N     . THR A 1 101 ? -13.864 3.342   6.068   1.00 64.01 ? 294 THR A N     1 
ATOM   531  C CA    . THR A 1 101 ? -14.408 4.702   6.021   1.00 65.14 ? 294 THR A CA    1 
ATOM   532  C C     . THR A 1 101 ? -15.419 4.922   4.886   1.00 65.69 ? 294 THR A C     1 
ATOM   533  O O     . THR A 1 101 ? -16.359 5.704   5.033   1.00 65.93 ? 294 THR A O     1 
ATOM   534  C CB    . THR A 1 101 ? -13.288 5.758   5.872   1.00 65.36 ? 294 THR A CB    1 
ATOM   535  O OG1   . THR A 1 101 ? -12.098 5.295   6.519   1.00 65.76 ? 294 THR A OG1   1 
ATOM   536  C CG2   . THR A 1 101 ? -13.718 7.111   6.482   1.00 65.95 ? 294 THR A CG2   1 
ATOM   537  N N     . SER A 1 102 ? -15.211 4.246   3.754   1.00 66.33 ? 295 SER A N     1 
ATOM   538  C CA    . SER A 1 102 ? -15.925 4.578   2.515   1.00 66.96 ? 295 SER A CA    1 
ATOM   539  C C     . SER A 1 102 ? -16.891 3.486   2.057   1.00 67.70 ? 295 SER A C     1 
ATOM   540  O O     . SER A 1 102 ? -16.918 2.389   2.616   1.00 68.00 ? 295 SER A O     1 
ATOM   541  C CB    . SER A 1 102 ? -14.935 4.861   1.400   1.00 66.87 ? 295 SER A CB    1 
ATOM   542  O OG    . SER A 1 102 ? -14.617 3.667   0.712   1.00 66.20 ? 295 SER A OG    1 
ATOM   543  N N     . ASP A 1 103 ? -17.658 3.795   1.010   1.00 68.51 ? 296 ASP A N     1 
ATOM   544  C CA    . ASP A 1 103 ? -18.604 2.843   0.414   1.00 69.33 ? 296 ASP A CA    1 
ATOM   545  C C     . ASP A 1 103 ? -18.234 2.492   -1.032  1.00 69.20 ? 296 ASP A C     1 
ATOM   546  O O     . ASP A 1 103 ? -19.090 2.048   -1.811  1.00 68.96 ? 296 ASP A O     1 
ATOM   547  C CB    . ASP A 1 103 ? -20.027 3.407   0.459   1.00 69.82 ? 296 ASP A CB    1 
ATOM   548  C CG    . ASP A 1 103 ? -20.580 3.489   1.871   1.00 71.87 ? 296 ASP A CG    1 
ATOM   549  O OD1   . ASP A 1 103 ? -20.599 2.437   2.569   1.00 73.40 ? 296 ASP A OD1   1 
ATOM   550  O OD2   . ASP A 1 103 ? -21.006 4.601   2.281   1.00 73.20 ? 296 ASP A OD2   1 
ATOM   551  N N     . TYR A 1 104 ? -16.968 2.705   -1.389  1.00 69.14 ? 297 TYR A N     1 
ATOM   552  C CA    . TYR A 1 104 ? -16.479 2.331   -2.709  1.00 69.17 ? 297 TYR A CA    1 
ATOM   553  C C     . TYR A 1 104 ? -16.437 0.819   -2.845  1.00 69.24 ? 297 TYR A C     1 
ATOM   554  O O     . TYR A 1 104 ? -16.106 0.108   -1.891  1.00 69.08 ? 297 TYR A O     1 
ATOM   555  C CB    . TYR A 1 104 ? -15.089 2.916   -2.964  1.00 69.10 ? 297 TYR A CB    1 
ATOM   556  C CG    . TYR A 1 104 ? -15.019 4.422   -2.885  1.00 68.83 ? 297 TYR A CG    1 
ATOM   557  C CD1   . TYR A 1 104 ? -15.810 5.225   -3.709  1.00 69.47 ? 297 TYR A CD1   1 
ATOM   558  C CD2   . TYR A 1 104 ? -14.142 5.042   -2.015  1.00 69.06 ? 297 TYR A CD2   1 
ATOM   559  C CE1   . TYR A 1 104 ? -15.735 6.622   -3.643  1.00 69.82 ? 297 TYR A CE1   1 
ATOM   560  C CE2   . TYR A 1 104 ? -14.060 6.432   -1.935  1.00 70.10 ? 297 TYR A CE2   1 
ATOM   561  C CZ    . TYR A 1 104 ? -14.854 7.215   -2.750  1.00 70.22 ? 297 TYR A CZ    1 
ATOM   562  O OH    . TYR A 1 104 ? -14.757 8.588   -2.667  1.00 70.32 ? 297 TYR A OH    1 
ATOM   563  N N     . SER A 1 105 ? -16.788 0.331   -4.028  1.00 69.37 ? 298 SER A N     1 
ATOM   564  C CA    . SER A 1 105 ? -16.763 -1.099  -4.305  1.00 69.73 ? 298 SER A CA    1 
ATOM   565  C C     . SER A 1 105 ? -15.338 -1.630  -4.212  1.00 69.74 ? 298 SER A C     1 
ATOM   566  O O     . SER A 1 105 ? -14.375 -0.888  -4.449  1.00 69.57 ? 298 SER A O     1 
ATOM   567  C CB    . SER A 1 105 ? -17.333 -1.380  -5.695  1.00 69.87 ? 298 SER A CB    1 
ATOM   568  O OG    . SER A 1 105 ? -16.582 -0.715  -6.699  1.00 70.45 ? 298 SER A OG    1 
ATOM   569  N N     . VAL A 1 106 ? -15.203 -2.911  -3.871  1.00 69.70 ? 299 VAL A N     1 
ATOM   570  C CA    . VAL A 1 106 ? -13.890 -3.553  -3.817  1.00 69.85 ? 299 VAL A CA    1 
ATOM   571  C C     . VAL A 1 106 ? -13.061 -3.160  -5.039  1.00 70.13 ? 299 VAL A C     1 
ATOM   572  O O     . VAL A 1 106 ? -11.891 -2.799  -4.914  1.00 69.94 ? 299 VAL A O     1 
ATOM   573  C CB    . VAL A 1 106 ? -13.997 -5.105  -3.728  1.00 69.76 ? 299 VAL A CB    1 
ATOM   574  C CG1   . VAL A 1 106 ? -12.620 -5.730  -3.646  1.00 69.66 ? 299 VAL A CG1   1 
ATOM   575  C CG2   . VAL A 1 106 ? -14.824 -5.515  -2.527  1.00 69.82 ? 299 VAL A CG2   1 
ATOM   576  N N     . ASP A 1 107 ? -13.693 -3.182  -6.212  1.00 70.63 ? 300 ASP A N     1 
ATOM   577  C CA    . ASP A 1 107 ? -13.001 -2.874  -7.465  1.00 71.25 ? 300 ASP A CA    1 
ATOM   578  C C     . ASP A 1 107 ? -12.662 -1.381  -7.598  1.00 71.18 ? 300 ASP A C     1 
ATOM   579  O O     . ASP A 1 107 ? -11.640 -1.019  -8.166  1.00 71.29 ? 300 ASP A O     1 
ATOM   580  C CB    . ASP A 1 107 ? -13.814 -3.371  -8.674  1.00 71.59 ? 300 ASP A CB    1 
ATOM   581  C CG    . ASP A 1 107 ? -13.909 -4.925  -8.737  1.00 72.99 ? 300 ASP A CG    1 
ATOM   582  O OD1   . ASP A 1 107 ? -13.854 -5.582  -7.666  1.00 74.27 ? 300 ASP A OD1   1 
ATOM   583  O OD2   . ASP A 1 107 ? -14.052 -5.477  -9.856  1.00 73.40 ? 300 ASP A OD2   1 
ATOM   584  N N     . GLU A 1 108 ? -13.506 -0.528  -7.035  1.00 71.21 ? 301 GLU A N     1 
ATOM   585  C CA    . GLU A 1 108 ? -13.242 0.910   -7.008  1.00 71.19 ? 301 GLU A CA    1 
ATOM   586  C C     . GLU A 1 108 ? -12.085 1.244   -6.056  1.00 70.64 ? 301 GLU A C     1 
ATOM   587  O O     . GLU A 1 108 ? -11.398 2.251   -6.231  1.00 70.70 ? 301 GLU A O     1 
ATOM   588  C CB    . GLU A 1 108 ? -14.499 1.660   -6.575  1.00 71.65 ? 301 GLU A CB    1 
ATOM   589  C CG    . GLU A 1 108 ? -14.769 2.948   -7.336  1.00 73.17 ? 301 GLU A CG    1 
ATOM   590  C CD    . GLU A 1 108 ? -16.239 3.374   -7.253  1.00 75.13 ? 301 GLU A CD    1 
ATOM   591  O OE1   . GLU A 1 108 ? -16.814 3.341   -6.134  1.00 74.88 ? 301 GLU A OE1   1 
ATOM   592  O OE2   . GLU A 1 108 ? -16.816 3.732   -8.307  1.00 75.32 ? 301 GLU A OE2   1 
ATOM   593  N N     . VAL A 1 109 ? -11.883 0.396   -5.049  1.00 69.90 ? 302 VAL A N     1 
ATOM   594  C CA    . VAL A 1 109 ? -10.851 0.629   -4.030  1.00 69.22 ? 302 VAL A CA    1 
ATOM   595  C C     . VAL A 1 109 ? -9.454  0.295   -4.552  1.00 68.79 ? 302 VAL A C     1 
ATOM   596  O O     . VAL A 1 109 ? -8.515  1.063   -4.353  1.00 68.71 ? 302 VAL A O     1 
ATOM   597  C CB    . VAL A 1 109 ? -11.147 -0.161  -2.706  1.00 69.24 ? 302 VAL A CB    1 
ATOM   598  C CG1   . VAL A 1 109 ? -9.887  -0.345  -1.878  1.00 68.93 ? 302 VAL A CG1   1 
ATOM   599  C CG2   . VAL A 1 109 ? -12.211 0.550   -1.893  1.00 69.28 ? 302 VAL A CG2   1 
ATOM   600  N N     . ALA A 1 110 ? -9.328  -0.844  -5.233  1.00 68.30 ? 303 ALA A N     1 
ATOM   601  C CA    . ALA A 1 110 ? -8.057  -1.267  -5.814  1.00 67.82 ? 303 ALA A CA    1 
ATOM   602  C C     . ALA A 1 110 ? -7.431  -0.163  -6.657  1.00 67.59 ? 303 ALA A C     1 
ATOM   603  O O     . ALA A 1 110 ? -6.214  0.021   -6.645  1.00 67.67 ? 303 ALA A O     1 
ATOM   604  C CB    . ALA A 1 110 ? -8.244  -2.521  -6.639  1.00 67.84 ? 303 ALA A CB    1 
ATOM   605  N N     . GLY A 1 111 ? -8.267  0.574   -7.379  1.00 67.42 ? 304 GLY A N     1 
ATOM   606  C CA    . GLY A 1 111 ? -7.808  1.728   -8.150  1.00 67.37 ? 304 GLY A CA    1 
ATOM   607  C C     . GLY A 1 111 ? -7.307  2.850   -7.262  1.00 67.34 ? 304 GLY A C     1 
ATOM   608  O O     . GLY A 1 111 ? -6.227  3.399   -7.485  1.00 67.22 ? 304 GLY A O     1 
ATOM   609  N N     . ARG A 1 112 ? -8.090  3.179   -6.240  1.00 67.52 ? 305 ARG A N     1 
ATOM   610  C CA    . ARG A 1 112 ? -7.739  4.260   -5.331  1.00 67.72 ? 305 ARG A CA    1 
ATOM   611  C C     . ARG A 1 112 ? -6.555  3.895   -4.448  1.00 67.66 ? 305 ARG A C     1 
ATOM   612  O O     . ARG A 1 112 ? -5.944  4.762   -3.839  1.00 67.77 ? 305 ARG A O     1 
ATOM   613  C CB    . ARG A 1 112 ? -8.939  4.649   -4.469  1.00 67.87 ? 305 ARG A CB    1 
ATOM   614  C CG    . ARG A 1 112 ? -10.111 5.222   -5.249  1.00 68.61 ? 305 ARG A CG    1 
ATOM   615  C CD    . ARG A 1 112 ? -10.663 6.466   -4.570  1.00 70.28 ? 305 ARG A CD    1 
ATOM   616  N NE    . ARG A 1 112 ? -11.946 6.883   -5.135  1.00 71.87 ? 305 ARG A NE    1 
ATOM   617  C CZ    . ARG A 1 112 ? -12.424 8.130   -5.088  1.00 73.25 ? 305 ARG A CZ    1 
ATOM   618  N NH1   . ARG A 1 112 ? -11.715 9.107   -4.517  1.00 72.40 ? 305 ARG A NH1   1 
ATOM   619  N NH2   . ARG A 1 112 ? -13.609 8.405   -5.627  1.00 73.81 ? 305 ARG A NH2   1 
ATOM   620  N N     . CYS A 1 113 ? -6.238  2.604   -4.390  1.00 67.93 ? 306 CYS A N     1 
ATOM   621  C CA    . CYS A 1 113 ? -5.124  2.104   -3.577  1.00 68.11 ? 306 CYS A CA    1 
ATOM   622  C C     . CYS A 1 113 ? -3.910  1.748   -4.406  1.00 68.40 ? 306 CYS A C     1 
ATOM   623  O O     . CYS A 1 113 ? -2.936  1.223   -3.886  1.00 68.35 ? 306 CYS A O     1 
ATOM   624  C CB    . CYS A 1 113 ? -5.555  0.892   -2.778  1.00 67.85 ? 306 CYS A CB    1 
ATOM   625  S SG    . CYS A 1 113 ? -6.426  1.301   -1.306  1.00 68.16 ? 306 CYS A SG    1 
ATOM   626  N N     . GLY A 1 114 ? -3.991  2.001   -5.709  1.00 68.98 ? 307 GLY A N     1 
ATOM   627  C CA    . GLY A 1 114 ? -2.846  1.853   -6.592  1.00 69.35 ? 307 GLY A CA    1 
ATOM   628  C C     . GLY A 1 114 ? -2.665  0.462   -7.161  1.00 69.67 ? 307 GLY A C     1 
ATOM   629  O O     . GLY A 1 114 ? -1.827  0.253   -8.028  1.00 69.77 ? 307 GLY A O     1 
ATOM   630  N N     . PHE A 1 115 ? -3.433  -0.498  -6.664  1.00 70.12 ? 308 PHE A N     1 
ATOM   631  C CA    . PHE A 1 115 ? -3.389  -1.847  -7.209  1.00 70.77 ? 308 PHE A CA    1 
ATOM   632  C C     . PHE A 1 115 ? -3.794  -1.828  -8.674  1.00 71.32 ? 308 PHE A C     1 
ATOM   633  O O     . PHE A 1 115 ? -4.790  -1.195  -9.044  1.00 71.25 ? 308 PHE A O     1 
ATOM   634  C CB    . PHE A 1 115 ? -4.300  -2.782  -6.416  1.00 70.77 ? 308 PHE A CB    1 
ATOM   635  C CG    . PHE A 1 115 ? -3.821  -3.052  -5.026  1.00 70.83 ? 308 PHE A CG    1 
ATOM   636  C CD1   . PHE A 1 115 ? -2.872  -4.047  -4.782  1.00 70.95 ? 308 PHE A CD1   1 
ATOM   637  C CD2   . PHE A 1 115 ? -4.301  -2.303  -3.955  1.00 70.63 ? 308 PHE A CD2   1 
ATOM   638  C CE1   . PHE A 1 115 ? -2.414  -4.297  -3.488  1.00 71.13 ? 308 PHE A CE1   1 
ATOM   639  C CE2   . PHE A 1 115 ? -3.850  -2.541  -2.660  1.00 71.09 ? 308 PHE A CE2   1 
ATOM   640  C CZ    . PHE A 1 115 ? -2.900  -3.543  -2.425  1.00 71.49 ? 308 PHE A CZ    1 
ATOM   641  N N     . ARG A 1 116 ? -3.008  -2.504  -9.511  1.00 72.04 ? 309 ARG A N     1 
ATOM   642  C CA    . ARG A 1 116 ? -3.211  -2.458  -10.963 1.00 72.76 ? 309 ARG A CA    1 
ATOM   643  C C     . ARG A 1 116 ? -4.436  -3.248  -11.427 1.00 72.53 ? 309 ARG A C     1 
ATOM   644  O O     . ARG A 1 116 ? -5.019  -2.941  -12.471 1.00 72.75 ? 309 ARG A O     1 
ATOM   645  C CB    . ARG A 1 116 ? -1.951  -2.908  -11.707 1.00 73.25 ? 309 ARG A CB    1 
ATOM   646  C CG    . ARG A 1 116 ? -1.142  -1.746  -12.307 1.00 75.15 ? 309 ARG A CG    1 
ATOM   647  C CD    . ARG A 1 116 ? 0.342   -1.830  -11.923 1.00 78.37 ? 309 ARG A CD    1 
ATOM   648  N NE    . ARG A 1 116 ? 1.211   -1.499  -13.054 1.00 81.11 ? 309 ARG A NE    1 
ATOM   649  C CZ    . ARG A 1 116 ? 1.824   -2.403  -13.824 1.00 82.24 ? 309 ARG A CZ    1 
ATOM   650  N NH1   . ARG A 1 116 ? 1.686   -3.706  -13.575 1.00 82.71 ? 309 ARG A NH1   1 
ATOM   651  N NH2   . ARG A 1 116 ? 2.577   -2.004  -14.845 1.00 82.14 ? 309 ARG A NH2   1 
ATOM   652  N N     . SER A 1 117 ? -4.834  -4.246  -10.637 1.00 72.08 ? 310 SER A N     1 
ATOM   653  C CA    . SER A 1 117 ? -6.083  -4.964  -10.873 1.00 71.45 ? 310 SER A CA    1 
ATOM   654  C C     . SER A 1 117 ? -6.729  -5.401  -9.552  1.00 70.97 ? 310 SER A C     1 
ATOM   655  O O     . SER A 1 117 ? -6.024  -5.699  -8.581  1.00 70.98 ? 310 SER A O     1 
ATOM   656  C CB    . SER A 1 117 ? -5.849  -6.180  -11.783 1.00 71.67 ? 310 SER A CB    1 
ATOM   657  O OG    . SER A 1 117 ? -5.331  -7.284  -11.052 1.00 71.88 ? 310 SER A OG    1 
ATOM   658  N N     . PRO A 1 118 ? -8.076  -5.460  -9.523  1.00 70.37 ? 311 PRO A N     1 
ATOM   659  C CA    . PRO A 1 118 ? -8.834  -5.878  -8.341  1.00 69.89 ? 311 PRO A CA    1 
ATOM   660  C C     . PRO A 1 118 ? -8.453  -7.269  -7.865  1.00 69.51 ? 311 PRO A C     1 
ATOM   661  O O     . PRO A 1 118 ? -8.717  -7.621  -6.717  1.00 69.73 ? 311 PRO A O     1 
ATOM   662  C CB    . PRO A 1 118 ? -10.279 -5.887  -8.840  1.00 69.87 ? 311 PRO A CB    1 
ATOM   663  C CG    . PRO A 1 118 ? -10.287 -4.950  -9.988  1.00 70.21 ? 311 PRO A CG    1 
ATOM   664  C CD    . PRO A 1 118 ? -8.963  -5.102  -10.643 1.00 70.30 ? 311 PRO A CD    1 
ATOM   665  N N     . VAL A 1 119 ? -7.846  -8.056  -8.748  1.00 68.98 ? 312 VAL A N     1 
ATOM   666  C CA    . VAL A 1 119 ? -7.454  -9.427  -8.416  1.00 68.40 ? 312 VAL A CA    1 
ATOM   667  C C     . VAL A 1 119 ? -6.168  -9.432  -7.600  1.00 67.69 ? 312 VAL A C     1 
ATOM   668  O O     . VAL A 1 119 ? -5.946  -10.320 -6.771  1.00 67.58 ? 312 VAL A O     1 
ATOM   669  C CB    . VAL A 1 119 ? -7.261  -10.290 -9.689  1.00 68.60 ? 312 VAL A CB    1 
ATOM   670  C CG1   . VAL A 1 119 ? -7.052  -11.761 -9.311  1.00 68.74 ? 312 VAL A CG1   1 
ATOM   671  C CG2   . VAL A 1 119 ? -8.468  -10.132 -10.649 1.00 68.36 ? 312 VAL A CG2   1 
ATOM   672  N N     . ALA A 1 120 ? -5.324  -8.439  -7.847  1.00 66.86 ? 313 ALA A N     1 
ATOM   673  C CA    . ALA A 1 120 ? -4.096  -8.280  -7.100  1.00 66.07 ? 313 ALA A CA    1 
ATOM   674  C C     . ALA A 1 120 ? -4.416  -7.830  -5.682  1.00 65.62 ? 313 ALA A C     1 
ATOM   675  O O     . ALA A 1 120 ? -3.775  -8.276  -4.723  1.00 65.61 ? 313 ALA A O     1 
ATOM   676  C CB    . ALA A 1 120 ? -3.185  -7.275  -7.790  1.00 66.10 ? 313 ALA A CB    1 
ATOM   677  N N     . LEU A 1 121 ? -5.426  -6.960  -5.550  1.00 64.78 ? 314 LEU A N     1 
ATOM   678  C CA    . LEU A 1 121 ? -5.881  -6.496  -4.245  1.00 64.01 ? 314 LEU A CA    1 
ATOM   679  C C     . LEU A 1 121 ? -6.253  -7.681  -3.371  1.00 63.58 ? 314 LEU A C     1 
ATOM   680  O O     . LEU A 1 121 ? -5.601  -7.946  -2.361  1.00 63.64 ? 314 LEU A O     1 
ATOM   681  C CB    . LEU A 1 121 ? -7.081  -5.557  -4.385  1.00 63.98 ? 314 LEU A CB    1 
ATOM   682  C CG    . LEU A 1 121 ? -7.277  -4.497  -3.285  1.00 64.36 ? 314 LEU A CG    1 
ATOM   683  C CD1   . LEU A 1 121 ? -8.636  -3.823  -3.399  1.00 64.03 ? 314 LEU A CD1   1 
ATOM   684  C CD2   . LEU A 1 121 ? -7.088  -5.068  -1.878  1.00 63.72 ? 314 LEU A CD2   1 
ATOM   685  N N     . ARG A 1 122 ? -7.286  -8.408  -3.773  1.00 62.96 ? 315 ARG A N     1 
ATOM   686  C CA    . ARG A 1 122 ? -7.702  -9.582  -3.025  1.00 62.69 ? 315 ARG A CA    1 
ATOM   687  C C     . ARG A 1 122 ? -6.483  -10.398 -2.605  1.00 62.19 ? 315 ARG A C     1 
ATOM   688  O O     . ARG A 1 122 ? -6.350  -10.766 -1.440  1.00 62.21 ? 315 ARG A O     1 
ATOM   689  C CB    . ARG A 1 122 ? -8.687  -10.441 -3.834  1.00 62.77 ? 315 ARG A CB    1 
ATOM   690  C CG    . ARG A 1 122 ? -9.988  -9.727  -4.201  1.00 63.64 ? 315 ARG A CG    1 
ATOM   691  C CD    . ARG A 1 122 ? -10.918 -10.624 -5.031  1.00 66.59 ? 315 ARG A CD    1 
ATOM   692  N NE    . ARG A 1 122 ? -11.392 -9.955  -6.256  1.00 69.14 ? 315 ARG A NE    1 
ATOM   693  C CZ    . ARG A 1 122 ? -12.365 -9.035  -6.296  1.00 70.19 ? 315 ARG A CZ    1 
ATOM   694  N NH1   . ARG A 1 122 ? -12.986 -8.658  -5.179  1.00 70.87 ? 315 ARG A NH1   1 
ATOM   695  N NH2   . ARG A 1 122 ? -12.720 -8.487  -7.460  1.00 69.82 ? 315 ARG A NH2   1 
ATOM   696  N N     . GLY A 1 123 ? -5.568  -10.622 -3.551  1.00 61.65 ? 316 GLY A N     1 
ATOM   697  C CA    . GLY A 1 123 ? -4.371  -11.431 -3.309  1.00 61.17 ? 316 GLY A CA    1 
ATOM   698  C C     . GLY A 1 123 ? -3.524  -10.972 -2.133  1.00 60.81 ? 316 GLY A C     1 
ATOM   699  O O     . GLY A 1 123 ? -3.227  -11.755 -1.225  1.00 60.56 ? 316 GLY A O     1 
ATOM   700  N N     . HIS A 1 124 ? -3.133  -9.704  -2.143  1.00 60.58 ? 317 HIS A N     1 
ATOM   701  C CA    . HIS A 1 124 ? -2.240  -9.187  -1.109  1.00 60.60 ? 317 HIS A CA    1 
ATOM   702  C C     . HIS A 1 124 ? -2.996  -8.919  0.184   1.00 60.69 ? 317 HIS A C     1 
ATOM   703  O O     . HIS A 1 124 ? -2.452  -9.075  1.282   1.00 60.48 ? 317 HIS A O     1 
ATOM   704  C CB    . HIS A 1 124 ? -1.509  -7.923  -1.592  1.00 60.51 ? 317 HIS A CB    1 
ATOM   705  C CG    . HIS A 1 124 ? -0.767  -8.109  -2.881  1.00 59.87 ? 317 HIS A CG    1 
ATOM   706  N ND1   . HIS A 1 124 ? -0.029  -9.239  -3.161  1.00 59.20 ? 317 HIS A ND1   1 
ATOM   707  C CD2   . HIS A 1 124 ? -0.654  -7.309  -3.967  1.00 59.46 ? 317 HIS A CD2   1 
ATOM   708  C CE1   . HIS A 1 124 ? 0.491   -9.135  -4.371  1.00 59.19 ? 317 HIS A CE1   1 
ATOM   709  N NE2   . HIS A 1 124 ? 0.135   -7.969  -4.877  1.00 58.90 ? 317 HIS A NE2   1 
ATOM   710  N N     . PHE A 1 125 ? -4.255  -8.533  0.049   1.00 60.95 ? 318 PHE A N     1 
ATOM   711  C CA    . PHE A 1 125 ? -5.095  -8.296  1.194   1.00 61.28 ? 318 PHE A CA    1 
ATOM   712  C C     . PHE A 1 125 ? -5.258  -9.579  1.988   1.00 62.04 ? 318 PHE A C     1 
ATOM   713  O O     . PHE A 1 125 ? -4.831  -9.660  3.136   1.00 62.00 ? 318 PHE A O     1 
ATOM   714  C CB    . PHE A 1 125 ? -6.450  -7.780  0.753   1.00 60.99 ? 318 PHE A CB    1 
ATOM   715  C CG    . PHE A 1 125 ? -7.195  -7.074  1.820   1.00 59.90 ? 318 PHE A CG    1 
ATOM   716  C CD1   . PHE A 1 125 ? -7.769  -7.778  2.867   1.00 58.79 ? 318 PHE A CD1   1 
ATOM   717  C CD2   . PHE A 1 125 ? -7.339  -5.695  1.784   1.00 59.19 ? 318 PHE A CD2   1 
ATOM   718  C CE1   . PHE A 1 125 ? -8.471  -7.119  3.866   1.00 58.30 ? 318 PHE A CE1   1 
ATOM   719  C CE2   . PHE A 1 125 ? -8.039  -5.027  2.783   1.00 58.63 ? 318 PHE A CE2   1 
ATOM   720  C CZ    . PHE A 1 125 ? -8.609  -5.741  3.821   1.00 57.80 ? 318 PHE A CZ    1 
ATOM   721  N N     . ARG A 1 126 ? -5.858  -10.592 1.355   1.00 63.04 ? 319 ARG A N     1 
ATOM   722  C CA    . ARG A 1 126 ? -6.029  -11.916 1.975   1.00 64.07 ? 319 ARG A CA    1 
ATOM   723  C C     . ARG A 1 126 ? -4.754  -12.400 2.657   1.00 64.09 ? 319 ARG A C     1 
ATOM   724  O O     . ARG A 1 126 ? -4.809  -12.978 3.738   1.00 64.26 ? 319 ARG A O     1 
ATOM   725  C CB    . ARG A 1 126 ? -6.491  -12.960 0.941   1.00 64.33 ? 319 ARG A CB    1 
ATOM   726  C CG    . ARG A 1 126 ? -8.008  -13.221 0.914   1.00 66.76 ? 319 ARG A CG    1 
ATOM   727  C CD    . ARG A 1 126 ? -8.325  -14.693 0.588   1.00 70.24 ? 319 ARG A CD    1 
ATOM   728  N NE    . ARG A 1 126 ? -7.637  -15.609 1.507   1.00 75.18 ? 319 ARG A NE    1 
ATOM   729  C CZ    . ARG A 1 126 ? -8.118  -16.002 2.694   1.00 77.19 ? 319 ARG A CZ    1 
ATOM   730  N NH1   . ARG A 1 126 ? -9.307  -15.578 3.111   1.00 78.18 ? 319 ARG A NH1   1 
ATOM   731  N NH2   . ARG A 1 126 ? -7.410  -16.829 3.465   1.00 76.97 ? 319 ARG A NH2   1 
ATOM   732  N N     . ARG A 1 127 ? -3.611  -12.157 2.028   1.00 64.22 ? 320 ARG A N     1 
ATOM   733  C CA    . ARG A 1 127 ? -2.368  -12.725 2.505   1.00 64.89 ? 320 ARG A CA    1 
ATOM   734  C C     . ARG A 1 127 ? -1.891  -12.107 3.829   1.00 64.57 ? 320 ARG A C     1 
ATOM   735  O O     . ARG A 1 127 ? -1.423  -12.823 4.718   1.00 64.52 ? 320 ARG A O     1 
ATOM   736  C CB    . ARG A 1 127 ? -1.274  -12.658 1.430   1.00 65.46 ? 320 ARG A CB    1 
ATOM   737  C CG    . ARG A 1 127 ? -0.270  -13.830 1.503   1.00 68.05 ? 320 ARG A CG    1 
ATOM   738  C CD    . ARG A 1 127 ? 0.606   -13.934 0.243   1.00 72.23 ? 320 ARG A CD    1 
ATOM   739  N NE    . ARG A 1 127 ? 1.698   -12.957 0.251   1.00 75.37 ? 320 ARG A NE    1 
ATOM   740  C CZ    . ARG A 1 127 ? 1.772   -11.901 -0.561  1.00 77.18 ? 320 ARG A CZ    1 
ATOM   741  N NH1   . ARG A 1 127 ? 0.826   -11.681 -1.469  1.00 78.10 ? 320 ARG A NH1   1 
ATOM   742  N NH2   . ARG A 1 127 ? 2.803   -11.068 -0.473  1.00 78.29 ? 320 ARG A NH2   1 
ATOM   743  N N     . GLN A 1 128 ? -2.040  -10.792 3.978   1.00 64.19 ? 321 GLN A N     1 
ATOM   744  C CA    . GLN A 1 128 ? -1.548  -10.124 5.187   1.00 63.89 ? 321 GLN A CA    1 
ATOM   745  C C     . GLN A 1 128 ? -2.610  -9.785  6.248   1.00 63.80 ? 321 GLN A C     1 
ATOM   746  O O     . GLN A 1 128 ? -2.260  -9.440  7.378   1.00 63.94 ? 321 GLN A O     1 
ATOM   747  C CB    . GLN A 1 128 ? -0.693  -8.898  4.843   1.00 63.93 ? 321 GLN A CB    1 
ATOM   748  C CG    . GLN A 1 128 ? -1.462  -7.686  4.345   1.00 64.24 ? 321 GLN A CG    1 
ATOM   749  C CD    . GLN A 1 128 ? -0.660  -6.397  4.475   1.00 64.75 ? 321 GLN A CD    1 
ATOM   750  O OE1   . GLN A 1 128 ? 0.312   -6.174  3.746   1.00 65.63 ? 321 GLN A OE1   1 
ATOM   751  N NE2   . GLN A 1 128 ? -1.060  -5.545  5.418   1.00 65.42 ? 321 GLN A NE2   1 
ATOM   752  N N     . LEU A 1 129 ? -3.893  -9.901  5.897   1.00 63.47 ? 322 LEU A N     1 
ATOM   753  C CA    . LEU A 1 129 ? -4.977  -9.585  6.851   1.00 63.30 ? 322 LEU A CA    1 
ATOM   754  C C     . LEU A 1 129 ? -5.884  -10.769 7.225   1.00 63.31 ? 322 LEU A C     1 
ATOM   755  O O     . LEU A 1 129 ? -6.501  -10.767 8.292   1.00 63.08 ? 322 LEU A O     1 
ATOM   756  C CB    . LEU A 1 129 ? -5.804  -8.388  6.373   1.00 63.06 ? 322 LEU A CB    1 
ATOM   757  C CG    . LEU A 1 129 ? -5.437  -7.044  7.015   1.00 63.02 ? 322 LEU A CG    1 
ATOM   758  C CD1   . LEU A 1 129 ? -3.940  -6.788  6.981   1.00 62.00 ? 322 LEU A CD1   1 
ATOM   759  C CD2   . LEU A 1 129 ? -6.177  -5.908  6.356   1.00 62.93 ? 322 LEU A CD2   1 
ATOM   760  N N     . GLY A 1 130 ? -5.977  -11.761 6.340   1.00 63.33 ? 323 GLY A N     1 
ATOM   761  C CA    . GLY A 1 130 ? -6.625  -13.034 6.675   1.00 63.30 ? 323 GLY A CA    1 
ATOM   762  C C     . GLY A 1 130 ? -7.999  -13.266 6.054   1.00 63.38 ? 323 GLY A C     1 
ATOM   763  O O     . GLY A 1 130 ? -8.628  -14.303 6.293   1.00 63.72 ? 323 GLY A O     1 
ATOM   764  N N     . SER A 1 131 ? -8.464  -12.311 5.253   1.00 62.97 ? 324 SER A N     1 
ATOM   765  C CA    . SER A 1 131 ? -9.782  -12.408 4.626   1.00 62.59 ? 324 SER A CA    1 
ATOM   766  C C     . SER A 1 131 ? -9.868  -11.502 3.411   1.00 62.36 ? 324 SER A C     1 
ATOM   767  O O     . SER A 1 131 ? -9.111  -10.540 3.296   1.00 62.79 ? 324 SER A O     1 
ATOM   768  C CB    . SER A 1 131 ? -10.865 -12.025 5.622   1.00 62.69 ? 324 SER A CB    1 
ATOM   769  O OG    . SER A 1 131 ? -10.553 -10.794 6.249   1.00 63.10 ? 324 SER A OG    1 
ATOM   770  N N     . SER A 1 132 ? -10.803 -11.800 2.514   1.00 61.78 ? 325 SER A N     1 
ATOM   771  C CA    . SER A 1 132 ? -11.033 -10.968 1.335   1.00 61.39 ? 325 SER A CA    1 
ATOM   772  C C     . SER A 1 132 ? -11.435 -9.550  1.739   1.00 61.09 ? 325 SER A C     1 
ATOM   773  O O     . SER A 1 132 ? -11.917 -9.332  2.858   1.00 61.09 ? 325 SER A O     1 
ATOM   774  C CB    . SER A 1 132 ? -12.126 -11.579 0.460   1.00 61.59 ? 325 SER A CB    1 
ATOM   775  O OG    . SER A 1 132 ? -13.416 -11.191 0.907   1.00 61.78 ? 325 SER A OG    1 
ATOM   776  N N     . PRO A 1 133 ? -11.261 -8.581  0.822   1.00 60.63 ? 326 PRO A N     1 
ATOM   777  C CA    . PRO A 1 133 ? -11.704 -7.210  1.068   1.00 60.27 ? 326 PRO A CA    1 
ATOM   778  C C     . PRO A 1 133 ? -13.179 -7.157  1.473   1.00 59.94 ? 326 PRO A C     1 
ATOM   779  O O     . PRO A 1 133 ? -13.505 -6.664  2.548   1.00 59.84 ? 326 PRO A O     1 
ATOM   780  C CB    . PRO A 1 133 ? -11.507 -6.529  -0.291  1.00 60.32 ? 326 PRO A CB    1 
ATOM   781  C CG    . PRO A 1 133 ? -10.493 -7.346  -0.983  1.00 60.32 ? 326 PRO A CG    1 
ATOM   782  C CD    . PRO A 1 133 ? -10.700 -8.747  -0.529  1.00 60.46 ? 326 PRO A CD    1 
ATOM   783  N N     . ALA A 1 134 ? -14.052 -7.692  0.621   1.00 59.67 ? 327 ALA A N     1 
ATOM   784  C CA    . ALA A 1 134 ? -15.492 -7.686  0.881   1.00 59.41 ? 327 ALA A CA    1 
ATOM   785  C C     . ALA A 1 134 ? -15.816 -8.322  2.220   1.00 59.21 ? 327 ALA A C     1 
ATOM   786  O O     . ALA A 1 134 ? -16.469 -7.706  3.060   1.00 58.96 ? 327 ALA A O     1 
ATOM   787  C CB    . ALA A 1 134 ? -16.242 -8.394  -0.240  1.00 59.49 ? 327 ALA A CB    1 
ATOM   788  N N     . ALA A 1 135 ? -15.335 -9.552  2.424   1.00 58.96 ? 328 ALA A N     1 
ATOM   789  C CA    . ALA A 1 135 ? -15.597 -10.289 3.661   1.00 58.93 ? 328 ALA A CA    1 
ATOM   790  C C     . ALA A 1 135 ? -15.146 -9.508  4.889   1.00 59.14 ? 328 ALA A C     1 
ATOM   791  O O     . ALA A 1 135 ? -15.824 -9.521  5.927   1.00 58.88 ? 328 ALA A O     1 
ATOM   792  C CB    . ALA A 1 135 ? -14.933 -11.648 3.626   1.00 58.80 ? 328 ALA A CB    1 
ATOM   793  N N     . TYR A 1 136 ? -13.999 -8.832  4.766   1.00 59.22 ? 329 TYR A N     1 
ATOM   794  C CA    . TYR A 1 136 ? -13.501 -7.964  5.825   1.00 59.13 ? 329 TYR A CA    1 
ATOM   795  C C     . TYR A 1 136 ? -14.463 -6.812  6.087   1.00 59.21 ? 329 TYR A C     1 
ATOM   796  O O     . TYR A 1 136 ? -14.839 -6.572  7.224   1.00 59.74 ? 329 TYR A O     1 
ATOM   797  C CB    . TYR A 1 136 ? -12.103 -7.429  5.496   1.00 59.14 ? 329 TYR A CB    1 
ATOM   798  C CG    . TYR A 1 136 ? -11.557 -6.479  6.542   1.00 59.20 ? 329 TYR A CG    1 
ATOM   799  C CD1   . TYR A 1 136 ? -10.935 -6.964  7.696   1.00 59.53 ? 329 TYR A CD1   1 
ATOM   800  C CD2   . TYR A 1 136 ? -11.680 -5.091  6.389   1.00 59.26 ? 329 TYR A CD2   1 
ATOM   801  C CE1   . TYR A 1 136 ? -10.446 -6.093  8.678   1.00 60.10 ? 329 TYR A CE1   1 
ATOM   802  C CE2   . TYR A 1 136 ? -11.194 -4.208  7.364   1.00 59.65 ? 329 TYR A CE2   1 
ATOM   803  C CZ    . TYR A 1 136 ? -10.578 -4.719  8.503   1.00 60.53 ? 329 TYR A CZ    1 
ATOM   804  O OH    . TYR A 1 136 ? -10.101 -3.861  9.466   1.00 61.59 ? 329 TYR A OH    1 
ATOM   805  N N     . ARG A 1 137 ? -14.869 -6.112  5.034   1.00 59.07 ? 330 ARG A N     1 
ATOM   806  C CA    . ARG A 1 137 ? -15.838 -5.027  5.179   1.00 59.22 ? 330 ARG A CA    1 
ATOM   807  C C     . ARG A 1 137 ? -17.150 -5.546  5.762   1.00 59.70 ? 330 ARG A C     1 
ATOM   808  O O     . ARG A 1 137 ? -17.813 -4.858  6.534   1.00 59.92 ? 330 ARG A O     1 
ATOM   809  C CB    . ARG A 1 137 ? -16.088 -4.336  3.836   1.00 59.07 ? 330 ARG A CB    1 
ATOM   810  C CG    . ARG A 1 137 ? -17.271 -3.383  3.824   1.00 58.34 ? 330 ARG A CG    1 
ATOM   811  C CD    . ARG A 1 137 ? -17.478 -2.788  2.441   1.00 59.19 ? 330 ARG A CD    1 
ATOM   812  N NE    . ARG A 1 137 ? -17.011 -1.400  2.354   1.00 58.96 ? 330 ARG A NE    1 
ATOM   813  C CZ    . ARG A 1 137 ? -16.696 -0.778  1.217   1.00 58.14 ? 330 ARG A CZ    1 
ATOM   814  N NH1   . ARG A 1 137 ? -16.770 -1.415  0.057   1.00 57.49 ? 330 ARG A NH1   1 
ATOM   815  N NH2   . ARG A 1 137 ? -16.290 0.475   1.245   1.00 58.18 ? 330 ARG A NH2   1 
ATOM   816  N N     . ALA A 1 138 ? -17.515 -6.768  5.396   1.00 60.12 ? 331 ALA A N     1 
ATOM   817  C CA    . ALA A 1 138 ? -18.767 -7.340  5.847   1.00 60.58 ? 331 ALA A CA    1 
ATOM   818  C C     . ALA A 1 138 ? -18.733 -7.564  7.352   1.00 61.09 ? 331 ALA A C     1 
ATOM   819  O O     . ALA A 1 138 ? -19.678 -7.205  8.060   1.00 61.64 ? 331 ALA A O     1 
ATOM   820  C CB    . ALA A 1 138 ? -19.056 -8.634  5.118   1.00 60.62 ? 331 ALA A CB    1 
ATOM   821  N N     . ALA A 1 139 ? -17.629 -8.134  7.843   1.00 61.21 ? 332 ALA A N     1 
ATOM   822  C CA    . ALA A 1 139 ? -17.476 -8.431  9.265   1.00 61.09 ? 332 ALA A CA    1 
ATOM   823  C C     . ALA A 1 139 ? -17.406 -7.149  10.069  1.00 61.21 ? 332 ALA A C     1 
ATOM   824  O O     . ALA A 1 139 ? -17.896 -7.083  11.200  1.00 61.34 ? 332 ALA A O     1 
ATOM   825  C CB    . ALA A 1 139 ? -16.234 -9.272  9.501   1.00 60.99 ? 332 ALA A CB    1 
ATOM   826  N N     . TYR A 1 140 ? -16.804 -6.129  9.472   1.00 61.26 ? 333 TYR A N     1 
ATOM   827  C CA    . TYR A 1 140 ? -16.613 -4.860  10.135  1.00 61.37 ? 333 TYR A CA    1 
ATOM   828  C C     . TYR A 1 140 ? -17.948 -4.169  10.317  1.00 61.59 ? 333 TYR A C     1 
ATOM   829  O O     . TYR A 1 140 ? -18.360 -3.898  11.437  1.00 61.74 ? 333 TYR A O     1 
ATOM   830  C CB    . TYR A 1 140 ? -15.665 -3.979  9.326   1.00 61.25 ? 333 TYR A CB    1 
ATOM   831  C CG    . TYR A 1 140 ? -15.189 -2.739  10.052  1.00 61.05 ? 333 TYR A CG    1 
ATOM   832  C CD1   . TYR A 1 140 ? -15.935 -1.559  10.025  1.00 60.44 ? 333 TYR A CD1   1 
ATOM   833  C CD2   . TYR A 1 140 ? -13.981 -2.735  10.743  1.00 61.20 ? 333 TYR A CD2   1 
ATOM   834  C CE1   . TYR A 1 140 ? -15.497 -0.420  10.676  1.00 60.72 ? 333 TYR A CE1   1 
ATOM   835  C CE2   . TYR A 1 140 ? -13.533 -1.596  11.400  1.00 60.97 ? 333 TYR A CE2   1 
ATOM   836  C CZ    . TYR A 1 140 ? -14.294 -0.445  11.364  1.00 61.04 ? 333 TYR A CZ    1 
ATOM   837  O OH    . TYR A 1 140 ? -13.854 0.684   12.018  1.00 61.82 ? 333 TYR A OH    1 
ATOM   838  N N     . ARG A 1 141 ? -18.636 -3.911  9.212   1.00 61.85 ? 334 ARG A N     1 
ATOM   839  C CA    . ARG A 1 141 ? -19.925 -3.236  9.257   1.00 62.45 ? 334 ARG A CA    1 
ATOM   840  C C     . ARG A 1 141 ? -20.858 -3.892  10.271  1.00 62.92 ? 334 ARG A C     1 
ATOM   841  O O     . ARG A 1 141 ? -21.700 -3.225  10.873  1.00 62.97 ? 334 ARG A O     1 
ATOM   842  C CB    . ARG A 1 141 ? -20.576 -3.236  7.879   1.00 62.34 ? 334 ARG A CB    1 
ATOM   843  C CG    . ARG A 1 141 ? -19.858 -2.390  6.854   1.00 62.80 ? 334 ARG A CG    1 
ATOM   844  C CD    . ARG A 1 141 ? -20.290 -0.947  6.932   1.00 63.63 ? 334 ARG A CD    1 
ATOM   845  N NE    . ARG A 1 141 ? -19.801 -0.178  5.794   1.00 64.62 ? 334 ARG A NE    1 
ATOM   846  C CZ    . ARG A 1 141 ? -18.647 0.484   5.771   1.00 65.31 ? 334 ARG A CZ    1 
ATOM   847  N NH1   . ARG A 1 141 ? -17.845 0.474   6.826   1.00 65.04 ? 334 ARG A NH1   1 
ATOM   848  N NH2   . ARG A 1 141 ? -18.291 1.156   4.686   1.00 66.56 ? 334 ARG A NH2   1 
ATOM   849  N N     . ALA A 1 142 ? -20.702 -5.203  10.453  1.00 63.38 ? 335 ALA A N     1 
ATOM   850  C CA    . ALA A 1 142 ? -21.518 -5.954  11.399  1.00 63.91 ? 335 ALA A CA    1 
ATOM   851  C C     . ALA A 1 142 ? -21.056 -5.703  12.829  1.00 64.38 ? 335 ALA A C     1 
ATOM   852  O O     . ALA A 1 142 ? -21.839 -5.273  13.678  1.00 64.46 ? 335 ALA A O     1 
ATOM   853  C CB    . ALA A 1 142 ? -21.466 -7.445  11.075  1.00 63.87 ? 335 ALA A CB    1 
ATOM   854  N N     . ARG A 1 143 ? -19.772 -5.969  13.079  1.00 64.84 ? 336 ARG A N     1 
ATOM   855  C CA    . ARG A 1 143 ? -19.178 -5.835  14.406  1.00 65.14 ? 336 ARG A CA    1 
ATOM   856  C C     . ARG A 1 143 ? -19.170 -4.379  14.885  1.00 65.27 ? 336 ARG A C     1 
ATOM   857  O O     . ARG A 1 143 ? -19.451 -4.099  16.049  1.00 65.41 ? 336 ARG A O     1 
ATOM   858  C CB    . ARG A 1 143 ? -17.755 -6.405  14.395  1.00 65.22 ? 336 ARG A CB    1 
ATOM   859  C CG    . ARG A 1 143 ? -16.945 -6.159  15.660  1.00 65.94 ? 336 ARG A CG    1 
ATOM   860  C CD    . ARG A 1 143 ? -15.571 -6.843  15.591  1.00 67.40 ? 336 ARG A CD    1 
ATOM   861  N NE    . ARG A 1 143 ? -14.678 -6.205  14.615  1.00 68.82 ? 336 ARG A NE    1 
ATOM   862  C CZ    . ARG A 1 143 ? -14.435 -6.675  13.387  1.00 69.21 ? 336 ARG A CZ    1 
ATOM   863  N NH1   . ARG A 1 143 ? -15.017 -7.794  12.963  1.00 69.66 ? 336 ARG A NH1   1 
ATOM   864  N NH2   . ARG A 1 143 ? -13.616 -6.020  12.580  1.00 69.60 ? 336 ARG A NH2   1 
ATOM   865  N N     . ARG A 1 144 ? -18.862 -3.460  13.979  1.00 65.48 ? 337 ARG A N     1 
ATOM   866  C CA    . ARG A 1 144 ? -18.771 -2.045  14.325  1.00 65.66 ? 337 ARG A CA    1 
ATOM   867  C C     . ARG A 1 144 ? -19.662 -1.190  13.425  1.00 65.82 ? 337 ARG A C     1 
ATOM   868  O O     . ARG A 1 144 ? -19.162 -0.375  12.657  1.00 65.75 ? 337 ARG A O     1 
ATOM   869  C CB    . ARG A 1 144 ? -17.313 -1.562  14.237  1.00 65.50 ? 337 ARG A CB    1 
ATOM   870  C CG    . ARG A 1 144 ? -16.364 -2.258  15.194  1.00 65.13 ? 337 ARG A CG    1 
ATOM   871  C CD    . ARG A 1 144 ? -14.910 -1.877  14.929  1.00 64.90 ? 337 ARG A CD    1 
ATOM   872  N NE    . ARG A 1 144 ? -14.710 -0.428  14.885  1.00 64.92 ? 337 ARG A NE    1 
ATOM   873  C CZ    . ARG A 1 144 ? -13.559 0.181   15.163  1.00 64.77 ? 337 ARG A CZ    1 
ATOM   874  N NH1   . ARG A 1 144 ? -12.496 -0.526  15.534  1.00 64.35 ? 337 ARG A NH1   1 
ATOM   875  N NH2   . ARG A 1 144 ? -13.472 1.499   15.087  1.00 64.42 ? 337 ARG A NH2   1 
ATOM   876  N N     . PRO A 1 145 ? -20.993 -1.353  13.544  1.00 66.20 ? 338 PRO A N     1 
ATOM   877  C CA    . PRO A 1 145 ? -21.923 -0.631  12.663  1.00 66.56 ? 338 PRO A CA    1 
ATOM   878  C C     . PRO A 1 145 ? -21.687 0.877   12.683  1.00 67.01 ? 338 PRO A C     1 
ATOM   879  O O     . PRO A 1 145 ? -22.053 1.573   11.740  1.00 67.15 ? 338 PRO A O     1 
ATOM   880  C CB    . PRO A 1 145 ? -23.299 -0.951  13.268  1.00 66.38 ? 338 PRO A CB    1 
ATOM   881  C CG    . PRO A 1 145 ? -23.092 -2.169  14.092  1.00 66.15 ? 338 PRO A CG    1 
ATOM   882  C CD    . PRO A 1 145 ? -21.702 -2.069  14.617  1.00 66.28 ? 338 PRO A CD    1 
ATOM   883  N N     . GLN A 1 146 ? -21.040 1.357   13.739  1.00 67.73 ? 339 GLN A N     1 
ATOM   884  C CA    . GLN A 1 146 ? -20.997 2.779   14.052  1.00 68.23 ? 339 GLN A CA    1 
ATOM   885  C C     . GLN A 1 146 ? -19.730 3.446   13.529  1.00 68.84 ? 339 GLN A C     1 
ATOM   886  O O     . GLN A 1 146 ? -19.651 4.677   13.454  1.00 69.13 ? 339 GLN A O     1 
ATOM   887  C CB    . GLN A 1 146 ? -21.111 2.982   15.569  1.00 68.33 ? 339 GLN A CB    1 
ATOM   888  C CG    . GLN A 1 146 ? -22.272 2.217   16.220  1.00 67.58 ? 339 GLN A CG    1 
ATOM   889  C CD    . GLN A 1 146 ? -23.608 2.547   15.579  1.00 66.44 ? 339 GLN A CD    1 
ATOM   890  O OE1   . GLN A 1 146 ? -23.923 3.715   15.343  1.00 66.33 ? 339 GLN A OE1   1 
ATOM   891  N NE2   . GLN A 1 146 ? -24.392 1.519   15.277  1.00 65.42 ? 339 GLN A NE2   1 
ATOM   892  N N     . GLY A 1 147 ? -18.733 2.631   13.184  1.00 69.18 ? 340 GLY A N     1 
ATOM   893  C CA    . GLY A 1 147 ? -17.505 3.134   12.576  1.00 69.61 ? 340 GLY A CA    1 
ATOM   894  C C     . GLY A 1 147 ? -16.238 2.617   13.233  1.00 69.94 ? 340 GLY A C     1 
ATOM   895  O O     . GLY A 1 147 ? -15.134 3.048   12.877  1.00 69.84 ? 340 GLY A O     1 
ATOM   896  O OXT   . GLY A 1 147 ? -16.279 1.760   14.133  1.00 70.21 ? 340 GLY A OXT   1 
ATOM   897  O "O5'" . DC  B 2 1   ? -4.170  -23.751 -7.916  1.00 83.14 ? -3  DC  B "O5'" 1 
ATOM   898  C "C5'" . DC  B 2 1   ? -3.925  -25.072 -8.384  1.00 82.68 ? -3  DC  B "C5'" 1 
ATOM   899  C "C4'" . DC  B 2 1   ? -4.504  -25.273 -9.774  1.00 82.49 ? -3  DC  B "C4'" 1 
ATOM   900  O "O4'" . DC  B 2 1   ? -5.589  -24.344 -10.005 1.00 81.64 ? -3  DC  B "O4'" 1 
ATOM   901  C "C3'" . DC  B 2 1   ? -3.548  -24.996 -10.915 1.00 82.92 ? -3  DC  B "C3'" 1 
ATOM   902  O "O3'" . DC  B 2 1   ? -2.766  -26.132 -11.162 1.00 85.20 ? -3  DC  B "O3'" 1 
ATOM   903  C "C2'" . DC  B 2 1   ? -4.507  -24.761 -12.071 1.00 81.41 ? -3  DC  B "C2'" 1 
ATOM   904  C "C1'" . DC  B 2 1   ? -5.652  -24.028 -11.389 1.00 80.01 ? -3  DC  B "C1'" 1 
ATOM   905  N N1    . DC  B 2 1   ? -5.619  -22.535 -11.571 1.00 77.53 ? -3  DC  B N1    1 
ATOM   906  C C2    . DC  B 2 1   ? -5.670  -21.981 -12.871 1.00 76.50 ? -3  DC  B C2    1 
ATOM   907  O O2    . DC  B 2 1   ? -5.720  -22.731 -13.860 1.00 75.95 ? -3  DC  B O2    1 
ATOM   908  N N3    . DC  B 2 1   ? -5.662  -20.626 -13.006 1.00 75.07 ? -3  DC  B N3    1 
ATOM   909  C C4    . DC  B 2 1   ? -5.600  -19.847 -11.921 1.00 74.65 ? -3  DC  B C4    1 
ATOM   910  N N4    . DC  B 2 1   ? -5.588  -18.530 -12.110 1.00 74.22 ? -3  DC  B N4    1 
ATOM   911  C C5    . DC  B 2 1   ? -5.548  -20.387 -10.597 1.00 74.86 ? -3  DC  B C5    1 
ATOM   912  C C6    . DC  B 2 1   ? -5.561  -21.719 -10.470 1.00 75.99 ? -3  DC  B C6    1 
ATOM   913  P P     . DT  B 2 2   ? -1.284  -25.982 -11.739 1.00 87.00 ? -2  DT  B P     1 
ATOM   914  O OP1   . DT  B 2 2   ? -0.408  -26.743 -10.815 1.00 86.67 ? -2  DT  B OP1   1 
ATOM   915  O OP2   . DT  B 2 2   ? -1.023  -24.548 -12.006 1.00 86.54 ? -2  DT  B OP2   1 
ATOM   916  O "O5'" . DT  B 2 2   ? -1.333  -26.737 -13.161 1.00 87.51 ? -2  DT  B "O5'" 1 
ATOM   917  C "C5'" . DT  B 2 2   ? -2.424  -26.545 -14.074 1.00 88.70 ? -2  DT  B "C5'" 1 
ATOM   918  C "C4'" . DT  B 2 2   ? -2.114  -25.473 -15.111 1.00 89.54 ? -2  DT  B "C4'" 1 
ATOM   919  O "O4'" . DT  B 2 2   ? -2.686  -24.207 -14.709 1.00 89.29 ? -2  DT  B "O4'" 1 
ATOM   920  C "C3'" . DT  B 2 2   ? -0.633  -25.197 -15.332 1.00 90.34 ? -2  DT  B "C3'" 1 
ATOM   921  O "O3'" . DT  B 2 2   ? -0.224  -25.748 -16.565 1.00 92.40 ? -2  DT  B "O3'" 1 
ATOM   922  C "C2'" . DT  B 2 2   ? -0.505  -23.671 -15.345 1.00 89.44 ? -2  DT  B "C2'" 1 
ATOM   923  C "C1'" . DT  B 2 2   ? -1.943  -23.179 -15.315 1.00 87.77 ? -2  DT  B "C1'" 1 
ATOM   924  N N1    . DT  B 2 2   ? -2.084  -21.940 -14.511 1.00 85.74 ? -2  DT  B N1    1 
ATOM   925  C C2    . DT  B 2 2   ? -2.353  -20.743 -15.149 1.00 84.77 ? -2  DT  B C2    1 
ATOM   926  O O2    . DT  B 2 2   ? -2.505  -20.646 -16.357 1.00 83.93 ? -2  DT  B O2    1 
ATOM   927  N N3    . DT  B 2 2   ? -2.450  -19.656 -14.306 1.00 84.16 ? -2  DT  B N3    1 
ATOM   928  C C4    . DT  B 2 2   ? -2.300  -19.649 -12.921 1.00 84.59 ? -2  DT  B C4    1 
ATOM   929  O O4    . DT  B 2 2   ? -2.409  -18.620 -12.251 1.00 83.61 ? -2  DT  B O4    1 
ATOM   930  C C5    . DT  B 2 2   ? -2.011  -20.943 -12.324 1.00 85.14 ? -2  DT  B C5    1 
ATOM   931  C C7    . DT  B 2 2   ? -1.828  -21.079 -10.836 1.00 85.60 ? -2  DT  B C7    1 
ATOM   932  C C6    . DT  B 2 2   ? -1.916  -22.006 -13.139 1.00 85.01 ? -2  DT  B C6    1 
ATOM   933  P P     . DG  B 2 3   ? 1.339   -25.867 -16.900 1.00 93.96 ? -1  DG  B P     1 
ATOM   934  O OP1   . DG  B 2 3   ? 1.503   -26.993 -17.855 1.00 94.07 ? -1  DG  B OP1   1 
ATOM   935  O OP2   . DG  B 2 3   ? 2.080   -25.882 -15.607 1.00 93.74 ? -1  DG  B OP2   1 
ATOM   936  O "O5'" . DG  B 2 3   ? 1.663   -24.478 -17.655 1.00 92.36 ? -1  DG  B "O5'" 1 
ATOM   937  C "C5'" . DG  B 2 3   ? 0.829   -23.995 -18.735 1.00 89.87 ? -1  DG  B "C5'" 1 
ATOM   938  C "C4'" . DG  B 2 3   ? 1.223   -22.580 -19.156 1.00 88.11 ? -1  DG  B "C4'" 1 
ATOM   939  O "O4'" . DG  B 2 3   ? 0.652   -21.589 -18.251 1.00 86.67 ? -1  DG  B "O4'" 1 
ATOM   940  C "C3'" . DG  B 2 3   ? 2.730   -22.301 -19.180 1.00 88.16 ? -1  DG  B "C3'" 1 
ATOM   941  O "O3'" . DG  B 2 3   ? 3.069   -21.616 -20.383 1.00 89.26 ? -1  DG  B "O3'" 1 
ATOM   942  C "C2'" . DG  B 2 3   ? 2.950   -21.419 -17.949 1.00 86.70 ? -1  DG  B "C2'" 1 
ATOM   943  C "C1'" . DG  B 2 3   ? 1.649   -20.629 -17.944 1.00 85.06 ? -1  DG  B "C1'" 1 
ATOM   944  N N9    . DG  B 2 3   ? 1.342   -19.932 -16.680 1.00 82.27 ? -1  DG  B N9    1 
ATOM   945  C C8    . DG  B 2 3   ? 1.353   -20.456 -15.400 1.00 81.50 ? -1  DG  B C8    1 
ATOM   946  N N7    . DG  B 2 3   ? 1.036   -19.585 -14.472 1.00 80.36 ? -1  DG  B N7    1 
ATOM   947  C C5    . DG  B 2 3   ? 0.800   -18.402 -15.174 1.00 79.70 ? -1  DG  B C5    1 
ATOM   948  C C6    . DG  B 2 3   ? 0.422   -17.105 -14.709 1.00 78.78 ? -1  DG  B C6    1 
ATOM   949  O O6    . DG  B 2 3   ? 0.209   -16.728 -13.542 1.00 77.81 ? -1  DG  B O6    1 
ATOM   950  N N1    . DG  B 2 3   ? 0.293   -16.193 -15.759 1.00 78.06 ? -1  DG  B N1    1 
ATOM   951  C C2    . DG  B 2 3   ? 0.503   -16.487 -17.088 1.00 77.80 ? -1  DG  B C2    1 
ATOM   952  N N2    . DG  B 2 3   ? 0.323   -15.478 -17.949 1.00 77.07 ? -1  DG  B N2    1 
ATOM   953  N N3    . DG  B 2 3   ? 0.856   -17.685 -17.539 1.00 78.56 ? -1  DG  B N3    1 
ATOM   954  C C4    . DG  B 2 3   ? 0.988   -18.596 -16.533 1.00 80.27 ? -1  DG  B C4    1 
ATOM   955  P P     . DT  B 2 4   ? 4.582   -21.596 -20.917 1.00 89.79 ? 0   DT  B P     1 
ATOM   956  O OP1   . DT  B 2 4   ? 4.593   -22.232 -22.261 1.00 89.55 ? 0   DT  B OP1   1 
ATOM   957  O OP2   . DT  B 2 4   ? 5.461   -22.094 -19.823 1.00 89.32 ? 0   DT  B OP2   1 
ATOM   958  O "O5'" . DT  B 2 4   ? 4.880   -20.041 -21.101 1.00 88.69 ? 0   DT  B "O5'" 1 
ATOM   959  C "C5'" . DT  B 2 4   ? 4.138   -19.275 -22.038 1.00 86.98 ? 0   DT  B "C5'" 1 
ATOM   960  C "C4'" . DT  B 2 4   ? 4.438   -17.809 -21.823 1.00 85.81 ? 0   DT  B "C4'" 1 
ATOM   961  O "O4'" . DT  B 2 4   ? 3.898   -17.397 -20.541 1.00 84.90 ? 0   DT  B "O4'" 1 
ATOM   962  C "C3'" . DT  B 2 4   ? 5.932   -17.470 -21.784 1.00 85.52 ? 0   DT  B "C3'" 1 
ATOM   963  O "O3'" . DT  B 2 4   ? 6.147   -16.266 -22.508 1.00 85.61 ? 0   DT  B "O3'" 1 
ATOM   964  C "C2'" . DT  B 2 4   ? 6.230   -17.306 -20.288 1.00 84.64 ? 0   DT  B "C2'" 1 
ATOM   965  C "C1'" . DT  B 2 4   ? 4.905   -16.726 -19.809 1.00 83.49 ? 0   DT  B "C1'" 1 
ATOM   966  N N1    . DT  B 2 4   ? 4.620   -16.870 -18.344 1.00 80.98 ? 0   DT  B N1    1 
ATOM   967  C C2    . DT  B 2 4   ? 4.072   -15.792 -17.684 1.00 80.07 ? 0   DT  B C2    1 
ATOM   968  O O2    . DT  B 2 4   ? 3.827   -14.727 -18.233 1.00 79.48 ? 0   DT  B O2    1 
ATOM   969  N N3    . DT  B 2 4   ? 3.822   -16.002 -16.349 1.00 79.43 ? 0   DT  B N3    1 
ATOM   970  C C4    . DT  B 2 4   ? 4.060   -17.161 -15.625 1.00 79.34 ? 0   DT  B C4    1 
ATOM   971  O O4    . DT  B 2 4   ? 3.803   -17.244 -14.423 1.00 78.97 ? 0   DT  B O4    1 
ATOM   972  C C5    . DT  B 2 4   ? 4.633   -18.260 -16.381 1.00 79.16 ? 0   DT  B C5    1 
ATOM   973  C C7    . DT  B 2 4   ? 4.937   -19.568 -15.704 1.00 78.75 ? 0   DT  B C7    1 
ATOM   974  C C6    . DT  B 2 4   ? 4.881   -18.065 -17.690 1.00 79.76 ? 0   DT  B C6    1 
ATOM   975  P P     . DG  B 2 5   ? 7.608   -15.862 -23.026 1.00 85.77 ? 1   DG  B P     1 
ATOM   976  O OP1   . DG  B 2 5   ? 7.674   -16.165 -24.479 1.00 85.51 ? 1   DG  B OP1   1 
ATOM   977  O OP2   . DG  B 2 5   ? 8.612   -16.441 -22.085 1.00 84.54 ? 1   DG  B OP2   1 
ATOM   978  O "O5'" . DG  B 2 5   ? 7.594   -14.268 -22.849 1.00 83.98 ? 1   DG  B "O5'" 1 
ATOM   979  C "C5'" . DG  B 2 5   ? 6.405   -13.593 -22.396 1.00 81.44 ? 1   DG  B "C5'" 1 
ATOM   980  C "C4'" . DG  B 2 5   ? 6.723   -12.632 -21.256 1.00 79.08 ? 1   DG  B "C4'" 1 
ATOM   981  O "O4'" . DG  B 2 5   ? 6.298   -13.191 -19.975 1.00 76.82 ? 1   DG  B "O4'" 1 
ATOM   982  C "C3'" . DG  B 2 5   ? 8.215   -12.285 -21.098 1.00 78.07 ? 1   DG  B "C3'" 1 
ATOM   983  O "O3'" . DG  B 2 5   ? 8.372   -10.846 -21.006 1.00 78.12 ? 1   DG  B "O3'" 1 
ATOM   984  C "C2'" . DG  B 2 5   ? 8.608   -13.019 -19.809 1.00 75.95 ? 1   DG  B "C2'" 1 
ATOM   985  C "C1'" . DG  B 2 5   ? 7.303   -12.887 -19.036 1.00 74.23 ? 1   DG  B "C1'" 1 
ATOM   986  N N9    . DG  B 2 5   ? 7.190   -13.729 -17.843 1.00 71.40 ? 1   DG  B N9    1 
ATOM   987  C C8    . DG  B 2 5   ? 7.551   -15.051 -17.698 1.00 70.11 ? 1   DG  B C8    1 
ATOM   988  N N7    . DG  B 2 5   ? 7.338   -15.519 -16.495 1.00 68.67 ? 1   DG  B N7    1 
ATOM   989  C C5    . DG  B 2 5   ? 6.804   -14.441 -15.793 1.00 68.28 ? 1   DG  B C5    1 
ATOM   990  C C6    . DG  B 2 5   ? 6.372   -14.338 -14.440 1.00 67.28 ? 1   DG  B C6    1 
ATOM   991  O O6    . DG  B 2 5   ? 6.375   -15.209 -13.563 1.00 66.25 ? 1   DG  B O6    1 
ATOM   992  N N1    . DG  B 2 5   ? 5.902   -13.063 -14.138 1.00 66.74 ? 1   DG  B N1    1 
ATOM   993  C C2    . DG  B 2 5   ? 5.853   -12.017 -15.028 1.00 67.17 ? 1   DG  B C2    1 
ATOM   994  N N2    . DG  B 2 5   ? 5.367   -10.869 -14.556 1.00 67.96 ? 1   DG  B N2    1 
ATOM   995  N N3    . DG  B 2 5   ? 6.242   -12.092 -16.293 1.00 67.81 ? 1   DG  B N3    1 
ATOM   996  C C4    . DG  B 2 5   ? 6.710   -13.330 -16.608 1.00 69.32 ? 1   DG  B C4    1 
ATOM   997  P P     . DA  B 2 6   ? 9.833   -10.170 -20.987 1.00 77.89 ? 2   DA  B P     1 
ATOM   998  O OP1   . DA  B 2 6   ? 10.323  -10.131 -22.382 1.00 77.92 ? 2   DA  B OP1   1 
ATOM   999  O OP2   . DA  B 2 6   ? 10.633  -10.856 -19.933 1.00 77.15 ? 2   DA  B OP2   1 
ATOM   1000 O "O5'" . DA  B 2 6   ? 9.549   -8.660  -20.509 1.00 76.54 ? 2   DA  B "O5'" 1 
ATOM   1001 C "C5'" . DA  B 2 6   ? 8.323   -8.325  -19.822 1.00 75.15 ? 2   DA  B "C5'" 1 
ATOM   1002 C "C4'" . DA  B 2 6   ? 8.483   -8.156  -18.296 1.00 73.06 ? 2   DA  B "C4'" 1 
ATOM   1003 O "O4'" . DA  B 2 6   ? 8.524   -9.423  -17.599 1.00 71.71 ? 2   DA  B "O4'" 1 
ATOM   1004 C "C3'" . DA  B 2 6   ? 9.692   -7.377  -17.780 1.00 71.96 ? 2   DA  B "C3'" 1 
ATOM   1005 O "O3'" . DA  B 2 6   ? 9.195   -6.171  -17.208 1.00 71.81 ? 2   DA  B "O3'" 1 
ATOM   1006 C "C2'" . DA  B 2 6   ? 10.315  -8.310  -16.723 1.00 70.91 ? 2   DA  B "C2'" 1 
ATOM   1007 C "C1'" . DA  B 2 6   ? 9.138   -9.194  -16.364 1.00 69.65 ? 2   DA  B "C1'" 1 
ATOM   1008 N N9    . DA  B 2 6   ? 9.476   -10.492 -15.806 1.00 68.31 ? 2   DA  B N9    1 
ATOM   1009 C C8    . DA  B 2 6   ? 10.157  -11.496 -16.429 1.00 68.29 ? 2   DA  B C8    1 
ATOM   1010 N N7    . DA  B 2 6   ? 10.302  -12.580 -15.698 1.00 68.23 ? 2   DA  B N7    1 
ATOM   1011 C C5    . DA  B 2 6   ? 9.660   -12.274 -14.510 1.00 67.84 ? 2   DA  B C5    1 
ATOM   1012 C C6    . DA  B 2 6   ? 9.456   -13.012 -13.311 1.00 67.29 ? 2   DA  B C6    1 
ATOM   1013 N N6    . DA  B 2 6   ? 9.903   -14.258 -13.123 1.00 65.98 ? 2   DA  B N6    1 
ATOM   1014 N N1    . DA  B 2 6   ? 8.771   -12.410 -12.308 1.00 67.64 ? 2   DA  B N1    1 
ATOM   1015 C C2    . DA  B 2 6   ? 8.319   -11.153 -12.500 1.00 68.65 ? 2   DA  B C2    1 
ATOM   1016 N N3    . DA  B 2 6   ? 8.448   -10.359 -13.579 1.00 68.54 ? 2   DA  B N3    1 
ATOM   1017 C C4    . DA  B 2 6   ? 9.134   -10.986 -14.562 1.00 68.48 ? 2   DA  B C4    1 
ATOM   1018 P P     . DA  B 2 7   ? 10.156  -5.113  -16.484 1.00 72.15 ? 3   DA  B P     1 
ATOM   1019 O OP1   . DA  B 2 7   ? 9.583   -3.750  -16.717 1.00 71.07 ? 3   DA  B OP1   1 
ATOM   1020 O OP2   . DA  B 2 7   ? 11.572  -5.423  -16.844 1.00 71.85 ? 3   DA  B OP2   1 
ATOM   1021 O "O5'" . DA  B 2 7   ? 9.986   -5.506  -14.946 1.00 69.31 ? 3   DA  B "O5'" 1 
ATOM   1022 C "C5'" . DA  B 2 7   ? 8.859   -5.068  -14.219 1.00 64.74 ? 3   DA  B "C5'" 1 
ATOM   1023 C "C4'" . DA  B 2 7   ? 9.045   -5.434  -12.765 1.00 61.43 ? 3   DA  B "C4'" 1 
ATOM   1024 O "O4'" . DA  B 2 7   ? 9.282   -6.859  -12.656 1.00 60.83 ? 3   DA  B "O4'" 1 
ATOM   1025 C "C3'" . DA  B 2 7   ? 10.222  -4.745  -12.094 1.00 59.67 ? 3   DA  B "C3'" 1 
ATOM   1026 O "O3'" . DA  B 2 7   ? 9.757   -4.132  -10.902 1.00 57.61 ? 3   DA  B "O3'" 1 
ATOM   1027 C "C2'" . DA  B 2 7   ? 11.228  -5.874  -11.830 1.00 59.67 ? 3   DA  B "C2'" 1 
ATOM   1028 C "C1'" . DA  B 2 7   ? 10.335  -7.104  -11.761 1.00 59.97 ? 3   DA  B "C1'" 1 
ATOM   1029 N N9    . DA  B 2 7   ? 10.985  -8.342  -12.181 1.00 59.95 ? 3   DA  B N9    1 
ATOM   1030 C C8    . DA  B 2 7   ? 11.625  -8.571  -13.367 1.00 60.18 ? 3   DA  B C8    1 
ATOM   1031 N N7    . DA  B 2 7   ? 12.114  -9.787  -13.480 1.00 59.94 ? 3   DA  B N7    1 
ATOM   1032 C C5    . DA  B 2 7   ? 11.763  -10.402 -12.293 1.00 59.41 ? 3   DA  B C5    1 
ATOM   1033 C C6    . DA  B 2 7   ? 11.985  -11.703 -11.790 1.00 58.82 ? 3   DA  B C6    1 
ATOM   1034 N N6    . DA  B 2 7   ? 12.639  -12.646 -12.465 1.00 58.45 ? 3   DA  B N6    1 
ATOM   1035 N N1    . DA  B 2 7   ? 11.506  -12.000 -10.563 1.00 58.76 ? 3   DA  B N1    1 
ATOM   1036 C C2    . DA  B 2 7   ? 10.848  -11.054 -9.883  1.00 59.14 ? 3   DA  B C2    1 
ATOM   1037 N N3    . DA  B 2 7   ? 10.574  -9.798  -10.249 1.00 59.92 ? 3   DA  B N3    1 
ATOM   1038 C C4    . DA  B 2 7   ? 11.062  -9.531  -11.480 1.00 59.89 ? 3   DA  B C4    1 
ATOM   1039 P P     . DC  B 2 8   ? 10.718  -3.229  -9.993  1.00 55.84 ? 4   DC  B P     1 
ATOM   1040 O OP1   . DC  B 2 8   ? 9.910   -2.105  -9.468  1.00 55.57 ? 4   DC  B OP1   1 
ATOM   1041 O OP2   . DC  B 2 8   ? 11.964  -2.945  -10.762 1.00 54.96 ? 4   DC  B OP2   1 
ATOM   1042 O "O5'" . DC  B 2 8   ? 11.038  -4.227  -8.801  1.00 52.58 ? 4   DC  B "O5'" 1 
ATOM   1043 C "C5'" . DC  B 2 8   ? 9.962   -4.885  -8.185  1.00 51.01 ? 4   DC  B "C5'" 1 
ATOM   1044 C "C4'" . DC  B 2 8   ? 10.458  -6.051  -7.357  1.00 50.70 ? 4   DC  B "C4'" 1 
ATOM   1045 O "O4'" . DC  B 2 8   ? 11.120  -7.003  -8.207  1.00 49.69 ? 4   DC  B "O4'" 1 
ATOM   1046 C "C3'" . DC  B 2 8   ? 11.471  -5.702  -6.271  1.00 49.97 ? 4   DC  B "C3'" 1 
ATOM   1047 O "O3'" . DC  B 2 8   ? 11.089  -6.356  -5.092  1.00 49.96 ? 4   DC  B "O3'" 1 
ATOM   1048 C "C2'" . DC  B 2 8   ? 12.774  -6.269  -6.835  1.00 50.01 ? 4   DC  B "C2'" 1 
ATOM   1049 C "C1'" . DC  B 2 8   ? 12.229  -7.499  -7.509  1.00 49.96 ? 4   DC  B "C1'" 1 
ATOM   1050 N N1    . DC  B 2 8   ? 13.101  -8.212  -8.500  1.00 51.71 ? 4   DC  B N1    1 
ATOM   1051 C C2    . DC  B 2 8   ? 13.623  -9.505  -8.210  1.00 52.14 ? 4   DC  B C2    1 
ATOM   1052 O O2    . DC  B 2 8   ? 13.412  -10.027 -7.109  1.00 52.73 ? 4   DC  B O2    1 
ATOM   1053 N N3    . DC  B 2 8   ? 14.365  -10.141 -9.149  1.00 52.08 ? 4   DC  B N3    1 
ATOM   1054 C C4    . DC  B 2 8   ? 14.573  -9.552  -10.336 1.00 53.81 ? 4   DC  B C4    1 
ATOM   1055 N N4    . DC  B 2 8   ? 15.308  -10.201 -11.241 1.00 55.49 ? 4   DC  B N4    1 
ATOM   1056 C C5    . DC  B 2 8   ? 14.042  -8.263  -10.654 1.00 53.87 ? 4   DC  B C5    1 
ATOM   1057 C C6    . DC  B 2 8   ? 13.314  -7.640  -9.720  1.00 52.72 ? 4   DC  B C6    1 
ATOM   1058 P P     . DC  B 2 9   ? 11.400  -5.707  -3.677  1.00 51.85 ? 5   DC  B P     1 
ATOM   1059 O OP1   . DC  B 2 9   ? 10.121  -5.456  -2.995  1.00 51.89 ? 5   DC  B OP1   1 
ATOM   1060 O OP2   . DC  B 2 9   ? 12.358  -4.608  -3.907  1.00 52.25 ? 5   DC  B OP2   1 
ATOM   1061 O "O5'" . DC  B 2 9   ? 12.146  -6.873  -2.854  1.00 52.96 ? 5   DC  B "O5'" 1 
ATOM   1062 C "C5'" . DC  B 2 9   ? 12.706  -8.018  -3.503  1.00 54.83 ? 5   DC  B "C5'" 1 
ATOM   1063 C "C4'" . DC  B 2 9   ? 14.035  -8.443  -2.879  1.00 56.82 ? 5   DC  B "C4'" 1 
ATOM   1064 O "O4'" . DC  B 2 9   ? 14.923  -8.916  -3.922  1.00 58.17 ? 5   DC  B "O4'" 1 
ATOM   1065 C "C3'" . DC  B 2 9   ? 14.856  -7.358  -2.184  1.00 57.95 ? 5   DC  B "C3'" 1 
ATOM   1066 O "O3'" . DC  B 2 9   ? 15.792  -7.966  -1.347  1.00 58.78 ? 5   DC  B "O3'" 1 
ATOM   1067 C "C2'" . DC  B 2 9   ? 15.585  -6.737  -3.362  1.00 57.62 ? 5   DC  B "C2'" 1 
ATOM   1068 C "C1'" . DC  B 2 9   ? 16.028  -8.023  -4.043  1.00 57.99 ? 5   DC  B "C1'" 1 
ATOM   1069 N N1    . DC  B 2 9   ? 16.390  -7.876  -5.483  1.00 57.91 ? 5   DC  B N1    1 
ATOM   1070 C C2    . DC  B 2 9   ? 16.844  -8.997  -6.199  1.00 57.45 ? 5   DC  B C2    1 
ATOM   1071 O O2    . DC  B 2 9   ? 16.938  -10.094 -5.630  1.00 56.63 ? 5   DC  B O2    1 
ATOM   1072 N N3    . DC  B 2 9   ? 17.172  -8.842  -7.505  1.00 58.39 ? 5   DC  B N3    1 
ATOM   1073 C C4    . DC  B 2 9   ? 17.063  -7.638  -8.090  1.00 59.43 ? 5   DC  B C4    1 
ATOM   1074 N N4    . DC  B 2 9   ? 17.392  -7.538  -9.383  1.00 60.99 ? 5   DC  B N4    1 
ATOM   1075 C C5    . DC  B 2 9   ? 16.605  -6.485  -7.380  1.00 58.59 ? 5   DC  B C5    1 
ATOM   1076 C C6    . DC  B 2 9   ? 16.285  -6.649  -6.089  1.00 58.30 ? 5   DC  B C6    1 
ATOM   1077 P P     . DC  B 2 10  ? 15.467  -8.223  0.181   1.00 61.58 ? 6   DC  B P     1 
ATOM   1078 O OP1   . DC  B 2 10  ? 14.287  -9.113  0.252   1.00 60.84 ? 6   DC  B OP1   1 
ATOM   1079 O OP2   . DC  B 2 10  ? 15.471  -6.914  0.876   1.00 61.73 ? 6   DC  B OP2   1 
ATOM   1080 O "O5'" . DC  B 2 10  ? 16.763  -9.036  0.676   1.00 63.56 ? 6   DC  B "O5'" 1 
ATOM   1081 C "C5'" . DC  B 2 10  ? 16.886  -10.454 0.431   1.00 64.43 ? 6   DC  B "C5'" 1 
ATOM   1082 C "C4'" . DC  B 2 10  ? 18.307  -10.834 0.033   1.00 65.11 ? 6   DC  B "C4'" 1 
ATOM   1083 O "O4'" . DC  B 2 10  ? 18.552  -10.520 -1.368  1.00 63.79 ? 6   DC  B "O4'" 1 
ATOM   1084 C "C3'" . DC  B 2 10  ? 19.424  -10.143 0.819   1.00 66.59 ? 6   DC  B "C3'" 1 
ATOM   1085 O "O3'" . DC  B 2 10  ? 20.414  -11.104 1.117   1.00 70.18 ? 6   DC  B "O3'" 1 
ATOM   1086 C "C2'" . DC  B 2 10  ? 19.942  -9.098  -0.167  1.00 64.49 ? 6   DC  B "C2'" 1 
ATOM   1087 C "C1'" . DC  B 2 10  ? 19.798  -9.870  -1.466  1.00 62.88 ? 6   DC  B "C1'" 1 
ATOM   1088 N N1    . DC  B 2 10  ? 19.801  -9.032  -2.678  1.00 61.29 ? 6   DC  B N1    1 
ATOM   1089 C C2    . DC  B 2 10  ? 20.057  -9.615  -3.926  1.00 61.22 ? 6   DC  B C2    1 
ATOM   1090 O O2    . DC  B 2 10  ? 20.278  -10.836 -3.993  1.00 61.20 ? 6   DC  B O2    1 
ATOM   1091 N N3    . DC  B 2 10  ? 20.061  -8.819  -5.035  1.00 60.70 ? 6   DC  B N3    1 
ATOM   1092 C C4    . DC  B 2 10  ? 19.822  -7.507  -4.921  1.00 60.50 ? 6   DC  B C4    1 
ATOM   1093 N N4    . DC  B 2 10  ? 19.831  -6.763  -6.026  1.00 60.07 ? 6   DC  B N4    1 
ATOM   1094 C C5    . DC  B 2 10  ? 19.564  -6.900  -3.661  1.00 61.07 ? 6   DC  B C5    1 
ATOM   1095 C C6    . DC  B 2 10  ? 19.568  -7.693  -2.577  1.00 61.55 ? 6   DC  B C6    1 
ATOM   1096 P P     . DG  B 2 11  ? 21.601  -10.791 2.146   1.00 73.97 ? 7   DG  B P     1 
ATOM   1097 O OP1   . DG  B 2 11  ? 21.012  -10.634 3.504   1.00 73.46 ? 7   DG  B OP1   1 
ATOM   1098 O OP2   . DG  B 2 11  ? 22.435  -9.703  1.578   1.00 73.75 ? 7   DG  B OP2   1 
ATOM   1099 O "O5'" . DG  B 2 11  ? 22.456  -12.157 2.085   1.00 74.20 ? 7   DG  B "O5'" 1 
ATOM   1100 C "C5'" . DG  B 2 11  ? 22.027  -13.243 1.236   1.00 74.50 ? 7   DG  B "C5'" 1 
ATOM   1101 C "C4'" . DG  B 2 11  ? 23.129  -13.697 0.276   1.00 75.05 ? 7   DG  B "C4'" 1 
ATOM   1102 O "O4'" . DG  B 2 11  ? 23.069  -12.977 -0.988  1.00 73.29 ? 7   DG  B "O4'" 1 
ATOM   1103 C "C3'" . DG  B 2 11  ? 24.555  -13.543 0.783   1.00 76.52 ? 7   DG  B "C3'" 1 
ATOM   1104 O "O3'" . DG  B 2 11  ? 25.303  -14.706 0.419   1.00 80.64 ? 7   DG  B "O3'" 1 
ATOM   1105 C "C2'" . DG  B 2 11  ? 25.055  -12.290 0.063   1.00 74.21 ? 7   DG  B "C2'" 1 
ATOM   1106 C "C1'" . DG  B 2 11  ? 24.303  -12.340 -1.262  1.00 71.82 ? 7   DG  B "C1'" 1 
ATOM   1107 N N9    . DG  B 2 11  ? 24.032  -11.001 -1.805  1.00 69.26 ? 7   DG  B N9    1 
ATOM   1108 C C8    . DG  B 2 11  ? 23.643  -9.900  -1.077  1.00 68.29 ? 7   DG  B C8    1 
ATOM   1109 N N7    . DG  B 2 11  ? 23.474  -8.826  -1.791  1.00 67.19 ? 7   DG  B N7    1 
ATOM   1110 C C5    . DG  B 2 11  ? 23.756  -9.231  -3.088  1.00 66.58 ? 7   DG  B C5    1 
ATOM   1111 C C6    . DG  B 2 11  ? 23.740  -8.482  -4.294  1.00 66.34 ? 7   DG  B C6    1 
ATOM   1112 O O6    . DG  B 2 11  ? 23.455  -7.284  -4.451  1.00 66.93 ? 7   DG  B O6    1 
ATOM   1113 N N1    . DG  B 2 11  ? 24.103  -9.250  -5.396  1.00 65.07 ? 7   DG  B N1    1 
ATOM   1114 C C2    . DG  B 2 11  ? 24.438  -10.575 -5.346  1.00 64.77 ? 7   DG  B C2    1 
ATOM   1115 N N2    . DG  B 2 11  ? 24.757  -11.128 -6.523  1.00 63.55 ? 7   DG  B N2    1 
ATOM   1116 N N3    . DG  B 2 11  ? 24.464  -11.301 -4.219  1.00 65.45 ? 7   DG  B N3    1 
ATOM   1117 C C4    . DG  B 2 11  ? 24.111  -10.566 -3.125  1.00 66.95 ? 7   DG  B C4    1 
ATOM   1118 P P     . DC  B 2 12  ? 26.803  -14.914 0.943   1.00 83.05 ? 8   DC  B P     1 
ATOM   1119 O OP1   . DC  B 2 12  ? 27.036  -16.376 1.052   1.00 83.33 ? 8   DC  B OP1   1 
ATOM   1120 O OP2   . DC  B 2 12  ? 26.986  -14.047 2.137   1.00 83.18 ? 8   DC  B OP2   1 
ATOM   1121 O "O5'" . DC  B 2 12  ? 27.681  -14.330 -0.271  1.00 82.27 ? 8   DC  B "O5'" 1 
ATOM   1122 C "C5'" . DC  B 2 12  ? 27.563  -14.919 -1.564  1.00 83.37 ? 8   DC  B "C5'" 1 
ATOM   1123 C "C4'" . DC  B 2 12  ? 28.385  -14.171 -2.600  1.00 84.54 ? 8   DC  B "C4'" 1 
ATOM   1124 O "O4'" . DC  B 2 12  ? 27.675  -12.978 -3.027  1.00 84.72 ? 8   DC  B "O4'" 1 
ATOM   1125 C "C3'" . DC  B 2 12  ? 29.773  -13.707 -2.141  1.00 85.88 ? 8   DC  B "C3'" 1 
ATOM   1126 O "O3'" . DC  B 2 12  ? 30.762  -14.077 -3.123  1.00 88.24 ? 8   DC  B "O3'" 1 
ATOM   1127 C "C2'" . DC  B 2 12  ? 29.618  -12.190 -2.036  1.00 85.07 ? 8   DC  B "C2'" 1 
ATOM   1128 C "C1'" . DC  B 2 12  ? 28.605  -11.924 -3.141  1.00 84.13 ? 8   DC  B "C1'" 1 
ATOM   1129 N N1    . DC  B 2 12  ? 27.912  -10.572 -3.042  1.00 83.21 ? 8   DC  B N1    1 
ATOM   1130 C C2    . DC  B 2 12  ? 27.730  -9.781  -4.202  1.00 82.69 ? 8   DC  B C2    1 
ATOM   1131 O O2    . DC  B 2 12  ? 28.116  -10.205 -5.299  1.00 82.91 ? 8   DC  B O2    1 
ATOM   1132 N N3    . DC  B 2 12  ? 27.125  -8.564  -4.088  1.00 81.77 ? 8   DC  B N3    1 
ATOM   1133 C C4    . DC  B 2 12  ? 26.724  -8.126  -2.890  1.00 81.41 ? 8   DC  B C4    1 
ATOM   1134 N N4    . DC  B 2 12  ? 26.136  -6.933  -2.834  1.00 80.57 ? 8   DC  B N4    1 
ATOM   1135 C C5    . DC  B 2 12  ? 26.900  -8.902  -1.699  1.00 82.07 ? 8   DC  B C5    1 
ATOM   1136 C C6    . DC  B 2 12  ? 27.495  -10.102 -1.819  1.00 82.84 ? 8   DC  B C6    1 
ATOM   1137 P P     . DC  B 2 13  ? 32.352  -13.963 -2.844  1.00 90.01 ? 9   DC  B P     1 
ATOM   1138 O OP1   . DC  B 2 13  ? 33.014  -14.970 -3.713  1.00 89.75 ? 9   DC  B OP1   1 
ATOM   1139 O OP2   . DC  B 2 13  ? 32.592  -13.959 -1.369  1.00 88.38 ? 9   DC  B OP2   1 
ATOM   1140 O "O5'" . DC  B 2 13  ? 32.718  -12.512 -3.404  1.00 89.12 ? 9   DC  B "O5'" 1 
ATOM   1141 C "C5'" . DC  B 2 13  ? 32.482  -12.173 -4.770  1.00 89.62 ? 9   DC  B "C5'" 1 
ATOM   1142 C "C4'" . DC  B 2 13  ? 33.036  -10.787 -5.035  1.00 90.27 ? 9   DC  B "C4'" 1 
ATOM   1143 O "O4'" . DC  B 2 13  ? 32.037  -9.786  -4.698  1.00 90.45 ? 9   DC  B "O4'" 1 
ATOM   1144 C "C3'" . DC  B 2 13  ? 34.266  -10.446 -4.190  1.00 90.72 ? 9   DC  B "C3'" 1 
ATOM   1145 O "O3'" . DC  B 2 13  ? 35.223  -9.747  -4.975  1.00 90.67 ? 9   DC  B "O3'" 1 
ATOM   1146 C "C2'" . DC  B 2 13  ? 33.697  -9.564  -3.080  1.00 90.61 ? 9   DC  B "C2'" 1 
ATOM   1147 C "C1'" . DC  B 2 13  ? 32.628  -8.812  -3.857  1.00 90.51 ? 9   DC  B "C1'" 1 
ATOM   1148 N N1    . DC  B 2 13  ? 31.587  -8.140  -2.986  1.00 90.15 ? 9   DC  B N1    1 
ATOM   1149 C C2    . DC  B 2 13  ? 30.882  -7.011  -3.460  1.00 89.14 ? 9   DC  B C2    1 
ATOM   1150 O O2    . DC  B 2 13  ? 31.106  -6.583  -4.596  1.00 87.92 ? 9   DC  B O2    1 
ATOM   1151 N N3    . DC  B 2 13  ? 29.963  -6.423  -2.649  1.00 89.02 ? 9   DC  B N3    1 
ATOM   1152 C C4    . DC  B 2 13  ? 29.744  -6.909  -1.420  1.00 89.64 ? 9   DC  B C4    1 
ATOM   1153 N N4    . DC  B 2 13  ? 28.835  -6.300  -0.657  1.00 90.15 ? 9   DC  B N4    1 
ATOM   1154 C C5    . DC  B 2 13  ? 30.451  -8.043  -0.917  1.00 90.16 ? 9   DC  B C5    1 
ATOM   1155 C C6    . DC  B 2 13  ? 31.355  -8.618  -1.720  1.00 90.38 ? 9   DC  B C6    1 
ATOM   1156 P P     . DA  B 2 14  ? 36.771  -9.763  -4.566  1.00 89.66 ? 10  DA  B P     1 
ATOM   1157 O OP1   . DA  B 2 14  ? 37.204  -11.178 -4.479  1.00 89.58 ? 10  DA  B OP1   1 
ATOM   1158 O OP2   . DA  B 2 14  ? 36.958  -8.880  -3.391  1.00 89.06 ? 10  DA  B OP2   1 
ATOM   1159 O "O5'" . DA  B 2 14  ? 37.446  -9.067  -5.842  1.00 89.79 ? 10  DA  B "O5'" 1 
ATOM   1160 C "C5'" . DA  B 2 14  ? 36.767  -9.031  -7.100  1.00 90.73 ? 10  DA  B "C5'" 1 
ATOM   1161 C "C4'" . DA  B 2 14  ? 36.356  -7.613  -7.454  1.00 91.89 ? 10  DA  B "C4'" 1 
ATOM   1162 O "O4'" . DA  B 2 14  ? 35.338  -7.154  -6.529  1.00 92.48 ? 10  DA  B "O4'" 1 
ATOM   1163 C "C3'" . DA  B 2 14  ? 37.473  -6.573  -7.387  1.00 93.08 ? 10  DA  B "C3'" 1 
ATOM   1164 O "O3'" . DA  B 2 14  ? 37.375  -5.682  -8.516  1.00 94.86 ? 10  DA  B "O3'" 1 
ATOM   1165 C "C2'" . DA  B 2 14  ? 37.210  -5.862  -6.055  1.00 92.58 ? 10  DA  B "C2'" 1 
ATOM   1166 C "C1'" . DA  B 2 14  ? 35.692  -5.881  -6.027  1.00 92.43 ? 10  DA  B "C1'" 1 
ATOM   1167 N N9    . DA  B 2 14  ? 35.090  -5.714  -4.701  1.00 92.37 ? 10  DA  B N9    1 
ATOM   1168 C C8    . DA  B 2 14  ? 35.396  -6.404  -3.556  1.00 92.69 ? 10  DA  B C8    1 
ATOM   1169 N N7    . DA  B 2 14  ? 34.680  -6.058  -2.505  1.00 92.57 ? 10  DA  B N7    1 
ATOM   1170 C C5    . DA  B 2 14  ? 33.840  -5.069  -2.994  1.00 92.43 ? 10  DA  B C5    1 
ATOM   1171 C C6    . DA  B 2 14  ? 32.832  -4.290  -2.380  1.00 92.04 ? 10  DA  B C6    1 
ATOM   1172 N N6    . DA  B 2 14  ? 32.506  -4.400  -1.088  1.00 91.46 ? 10  DA  B N6    1 
ATOM   1173 N N1    . DA  B 2 14  ? 32.180  -3.382  -3.150  1.00 91.93 ? 10  DA  B N1    1 
ATOM   1174 C C2    . DA  B 2 14  ? 32.513  -3.271  -4.448  1.00 91.77 ? 10  DA  B C2    1 
ATOM   1175 N N3    . DA  B 2 14  ? 33.437  -3.949  -5.139  1.00 92.18 ? 10  DA  B N3    1 
ATOM   1176 C C4    . DA  B 2 14  ? 34.074  -4.843  -4.348  1.00 92.47 ? 10  DA  B C4    1 
ATOM   1177 P P     . DA  B 2 15  ? 38.418  -4.467  -8.704  1.00 95.98 ? 11  DA  B P     1 
ATOM   1178 O OP1   . DA  B 2 15  ? 38.521  -4.149  -10.153 1.00 95.24 ? 11  DA  B OP1   1 
ATOM   1179 O OP2   . DA  B 2 15  ? 39.635  -4.788  -7.922  1.00 94.94 ? 11  DA  B OP2   1 
ATOM   1180 O "O5'" . DA  B 2 15  ? 37.681  -3.260  -7.959  1.00 95.27 ? 11  DA  B "O5'" 1 
ATOM   1181 C "C5'" . DA  B 2 15  ? 36.636  -2.529  -8.593  1.00 93.44 ? 11  DA  B "C5'" 1 
ATOM   1182 C "C4'" . DA  B 2 15  ? 36.187  -1.414  -7.671  1.00 92.43 ? 11  DA  B "C4'" 1 
ATOM   1183 O "O4'" . DA  B 2 15  ? 35.806  -1.972  -6.387  1.00 91.79 ? 11  DA  B "O4'" 1 
ATOM   1184 C "C3'" . DA  B 2 15  ? 37.259  -0.363  -7.356  1.00 91.66 ? 11  DA  B "C3'" 1 
ATOM   1185 O "O3'" . DA  B 2 15  ? 36.792  0.920   -7.728  1.00 91.37 ? 11  DA  B "O3'" 1 
ATOM   1186 C "C2'" . DA  B 2 15  ? 37.463  -0.471  -5.841  1.00 91.09 ? 11  DA  B "C2'" 1 
ATOM   1187 C "C1'" . DA  B 2 15  ? 36.113  -1.012  -5.410  1.00 91.21 ? 11  DA  B "C1'" 1 
ATOM   1188 N N9    . DA  B 2 15  ? 36.077  -1.638  -4.088  1.00 90.83 ? 11  DA  B N9    1 
ATOM   1189 C C8    . DA  B 2 15  ? 36.931  -2.587  -3.597  1.00 90.94 ? 11  DA  B C8    1 
ATOM   1190 N N7    . DA  B 2 15  ? 36.651  -2.972  -2.371  1.00 90.83 ? 11  DA  B N7    1 
ATOM   1191 C C5    . DA  B 2 15  ? 35.529  -2.233  -2.038  1.00 90.56 ? 11  DA  B C5    1 
ATOM   1192 C C6    . DA  B 2 15  ? 34.741  -2.179  -0.867  1.00 90.38 ? 11  DA  B C6    1 
ATOM   1193 N N6    . DA  B 2 15  ? 34.989  -2.926  0.212   1.00 90.02 ? 11  DA  B N6    1 
ATOM   1194 N N1    . DA  B 2 15  ? 33.684  -1.332  -0.855  1.00 90.21 ? 11  DA  B N1    1 
ATOM   1195 C C2    . DA  B 2 15  ? 33.444  -0.586  -1.943  1.00 90.38 ? 11  DA  B C2    1 
ATOM   1196 N N3    . DA  B 2 15  ? 34.118  -0.547  -3.098  1.00 90.46 ? 11  DA  B N3    1 
ATOM   1197 C C4    . DA  B 2 15  ? 35.159  -1.404  -3.082  1.00 90.58 ? 11  DA  B C4    1 
ATOM   1198 P P     . DC  B 2 16  ? 37.827  2.057   -8.166  1.00 92.04 ? 12  DC  B P     1 
ATOM   1199 O OP1   . DC  B 2 16  ? 37.052  3.255   -8.566  1.00 92.27 ? 12  DC  B OP1   1 
ATOM   1200 O OP2   . DC  B 2 16  ? 38.777  1.468   -9.132  1.00 92.91 ? 12  DC  B OP2   1 
ATOM   1201 O "O5'" . DC  B 2 16  ? 38.626  2.335   -6.801  1.00 91.71 ? 12  DC  B "O5'" 1 
ATOM   1202 C "C5'" . DC  B 2 16  ? 38.639  3.633   -6.200  1.00 90.94 ? 12  DC  B "C5'" 1 
ATOM   1203 C "C4'" . DC  B 2 16  ? 37.273  3.995   -5.635  1.00 89.92 ? 12  DC  B "C4'" 1 
ATOM   1204 O "O4'" . DC  B 2 16  ? 36.730  2.880   -4.879  1.00 88.99 ? 12  DC  B "O4'" 1 
ATOM   1205 C "C3'" . DC  B 2 16  ? 37.268  5.208   -4.713  1.00 89.72 ? 12  DC  B "C3'" 1 
ATOM   1206 O "O3'" . DC  B 2 16  ? 36.270  6.130   -5.132  1.00 90.21 ? 12  DC  B "O3'" 1 
ATOM   1207 C "C2'" . DC  B 2 16  ? 36.966  4.627   -3.333  1.00 88.85 ? 12  DC  B "C2'" 1 
ATOM   1208 C "C1'" . DC  B 2 16  ? 36.232  3.330   -3.642  1.00 87.95 ? 12  DC  B "C1'" 1 
ATOM   1209 N N1    . DC  B 2 16  ? 36.478  2.269   -2.613  1.00 86.93 ? 12  DC  B N1    1 
ATOM   1210 C C2    . DC  B 2 16  ? 35.703  2.227   -1.441  1.00 86.22 ? 12  DC  B C2    1 
ATOM   1211 O O2    . DC  B 2 16  ? 34.817  3.067   -1.273  1.00 86.12 ? 12  DC  B O2    1 
ATOM   1212 N N3    . DC  B 2 16  ? 35.951  1.261   -0.517  1.00 85.55 ? 12  DC  B N3    1 
ATOM   1213 C C4    . DC  B 2 16  ? 36.927  0.372   -0.726  1.00 85.57 ? 12  DC  B C4    1 
ATOM   1214 N N4    . DC  B 2 16  ? 37.137  -0.561  0.205   1.00 85.16 ? 12  DC  B N4    1 
ATOM   1215 C C5    . DC  B 2 16  ? 37.730  0.401   -1.906  1.00 86.00 ? 12  DC  B C5    1 
ATOM   1216 C C6    . DC  B 2 16  ? 37.477  1.356   -2.811  1.00 86.58 ? 12  DC  B C6    1 
ATOM   1217 O "O5'" . DA  C 3 1   ? 43.551  -0.235  11.765  1.00 91.99 ? -3  DA  C "O5'" 1 
ATOM   1218 C "C5'" . DA  C 3 1   ? 43.172  -1.595  12.000  1.00 91.21 ? -3  DA  C "C5'" 1 
ATOM   1219 C "C4'" . DA  C 3 1   ? 41.669  -1.792  11.811  1.00 89.82 ? -3  DA  C "C4'" 1 
ATOM   1220 O "O4'" . DA  C 3 1   ? 41.244  -1.247  10.535  1.00 87.35 ? -3  DA  C "O4'" 1 
ATOM   1221 C "C3'" . DA  C 3 1   ? 41.182  -3.243  11.809  1.00 90.29 ? -3  DA  C "C3'" 1 
ATOM   1222 O "O3'" . DA  C 3 1   ? 39.833  -3.378  12.377  1.00 93.08 ? -3  DA  C "O3'" 1 
ATOM   1223 C "C2'" . DA  C 3 1   ? 41.226  -3.603  10.317  1.00 87.67 ? -3  DA  C "C2'" 1 
ATOM   1224 C "C1'" . DA  C 3 1   ? 40.727  -2.288  9.721   1.00 85.41 ? -3  DA  C "C1'" 1 
ATOM   1225 N N9    . DA  C 3 1   ? 41.115  -1.994  8.345   1.00 81.87 ? -3  DA  C N9    1 
ATOM   1226 C C8    . DA  C 3 1   ? 41.605  -2.844  7.385   1.00 80.21 ? -3  DA  C C8    1 
ATOM   1227 N N7    . DA  C 3 1   ? 41.845  -2.250  6.236   1.00 78.66 ? -3  DA  C N7    1 
ATOM   1228 C C5    . DA  C 3 1   ? 41.476  -0.929  6.460   1.00 78.60 ? -3  DA  C C5    1 
ATOM   1229 C C6    . DA  C 3 1   ? 41.475  0.218   5.641   1.00 78.12 ? -3  DA  C C6    1 
ATOM   1230 N N6    . DA  C 3 1   ? 41.885  0.213   4.372   1.00 77.89 ? -3  DA  C N6    1 
ATOM   1231 N N1    . DA  C 3 1   ? 41.038  1.382   6.185   1.00 77.84 ? -3  DA  C N1    1 
ATOM   1232 C C2    . DA  C 3 1   ? 40.629  1.397   7.462   1.00 77.22 ? -3  DA  C C2    1 
ATOM   1233 N N3    . DA  C 3 1   ? 40.586  0.390   8.327   1.00 77.51 ? -3  DA  C N3    1 
ATOM   1234 C C4    . DA  C 3 1   ? 41.024  -0.756  7.755   1.00 79.45 ? -3  DA  C C4    1 
ATOM   1235 P P     . DG  C 3 2   ? 38.952  -2.169  13.032  1.00 94.77 ? -2  DG  C P     1 
ATOM   1236 O OP1   . DG  C 3 2   ? 39.409  -0.850  12.530  1.00 94.58 ? -2  DG  C OP1   1 
ATOM   1237 O OP2   . DG  C 3 2   ? 38.888  -2.389  14.496  1.00 95.23 ? -2  DG  C OP2   1 
ATOM   1238 O "O5'" . DG  C 3 2   ? 37.500  -2.490  12.415  1.00 93.80 ? -2  DG  C "O5'" 1 
ATOM   1239 C "C5'" . DG  C 3 2   ? 36.355  -1.714  12.776  1.00 92.53 ? -2  DG  C "C5'" 1 
ATOM   1240 C "C4'" . DG  C 3 2   ? 36.111  -0.559  11.807  1.00 91.08 ? -2  DG  C "C4'" 1 
ATOM   1241 O "O4'" . DG  C 3 2   ? 37.127  -0.511  10.786  1.00 89.55 ? -2  DG  C "O4'" 1 
ATOM   1242 C "C3'" . DG  C 3 2   ? 34.833  -0.637  10.996  1.00 90.90 ? -2  DG  C "C3'" 1 
ATOM   1243 O "O3'" . DG  C 3 2   ? 33.709  -0.221  11.782  1.00 91.90 ? -2  DG  C "O3'" 1 
ATOM   1244 C "C2'" . DG  C 3 2   ? 35.126  0.364   9.879   1.00 89.52 ? -2  DG  C "C2'" 1 
ATOM   1245 C "C1'" . DG  C 3 2   ? 36.643  0.295   9.731   1.00 87.39 ? -2  DG  C "C1'" 1 
ATOM   1246 N N9    . DG  C 3 2   ? 37.070  -0.270  8.456   1.00 84.25 ? -2  DG  C N9    1 
ATOM   1247 C C8    . DG  C 3 2   ? 37.463  -1.562  8.200   1.00 82.74 ? -2  DG  C C8    1 
ATOM   1248 N N7    . DG  C 3 2   ? 37.792  -1.766  6.954   1.00 81.75 ? -2  DG  C N7    1 
ATOM   1249 C C5    . DG  C 3 2   ? 37.601  -0.530  6.342   1.00 81.40 ? -2  DG  C C5    1 
ATOM   1250 C C6    . DG  C 3 2   ? 37.793  -0.131  4.993   1.00 80.55 ? -2  DG  C C6    1 
ATOM   1251 O O6    . DG  C 3 2   ? 38.178  -0.824  4.044   1.00 79.74 ? -2  DG  C O6    1 
ATOM   1252 N N1    . DG  C 3 2   ? 37.478  1.218   4.791   1.00 80.46 ? -2  DG  C N1    1 
ATOM   1253 C C2    . DG  C 3 2   ? 37.031  2.076   5.778   1.00 81.20 ? -2  DG  C C2    1 
ATOM   1254 N N2    . DG  C 3 2   ? 36.772  3.341   5.407   1.00 80.83 ? -2  DG  C N2    1 
ATOM   1255 N N3    . DG  C 3 2   ? 36.849  1.715   7.048   1.00 81.70 ? -2  DG  C N3    1 
ATOM   1256 C C4    . DG  C 3 2   ? 37.152  0.401   7.256   1.00 82.52 ? -2  DG  C C4    1 
ATOM   1257 P P     . DG  C 3 3   ? 32.231  -0.767  11.450  1.00 92.13 ? -1  DG  C P     1 
ATOM   1258 O OP1   . DG  C 3 3   ? 31.323  -0.242  12.499  1.00 91.89 ? -1  DG  C OP1   1 
ATOM   1259 O OP2   . DG  C 3 3   ? 32.317  -2.231  11.188  1.00 91.64 ? -1  DG  C OP2   1 
ATOM   1260 O "O5'" . DG  C 3 3   ? 31.876  -0.051  10.067  1.00 89.90 ? -1  DG  C "O5'" 1 
ATOM   1261 C "C5'" . DG  C 3 3   ? 31.667  1.348   10.043  1.00 86.50 ? -1  DG  C "C5'" 1 
ATOM   1262 C "C4'" . DG  C 3 3   ? 31.731  1.849   8.620   1.00 84.36 ? -1  DG  C "C4'" 1 
ATOM   1263 O "O4'" . DG  C 3 3   ? 32.984  1.475   8.010   1.00 82.86 ? -1  DG  C "O4'" 1 
ATOM   1264 C "C3'" . DG  C 3 3   ? 30.747  1.222   7.658   1.00 83.37 ? -1  DG  C "C3'" 1 
ATOM   1265 O "O3'" . DG  C 3 3   ? 29.447  1.748   7.851   1.00 83.23 ? -1  DG  C "O3'" 1 
ATOM   1266 C "C2'" . DG  C 3 3   ? 31.339  1.688   6.332   1.00 82.29 ? -1  DG  C "C2'" 1 
ATOM   1267 C "C1'" . DG  C 3 3   ? 32.833  1.680   6.618   1.00 80.32 ? -1  DG  C "C1'" 1 
ATOM   1268 N N9    . DG  C 3 3   ? 33.496  0.632   5.870   1.00 76.56 ? -1  DG  C N9    1 
ATOM   1269 C C8    . DG  C 3 3   ? 33.765  -0.655  6.267   1.00 75.13 ? -1  DG  C C8    1 
ATOM   1270 N N7    . DG  C 3 3   ? 34.360  -1.357  5.340   1.00 73.92 ? -1  DG  C N7    1 
ATOM   1271 C C5    . DG  C 3 3   ? 34.472  -0.480  4.267   1.00 73.54 ? -1  DG  C C5    1 
ATOM   1272 C C6    . DG  C 3 3   ? 35.031  -0.671  2.979   1.00 73.35 ? -1  DG  C C6    1 
ATOM   1273 O O6    . DG  C 3 3   ? 35.559  -1.692  2.517   1.00 73.15 ? -1  DG  C O6    1 
ATOM   1274 N N1    . DG  C 3 3   ? 34.934  0.484   2.196   1.00 73.33 ? -1  DG  C N1    1 
ATOM   1275 C C2    . DG  C 3 3   ? 34.370  1.675   2.614   1.00 73.22 ? -1  DG  C C2    1 
ATOM   1276 N N2    . DG  C 3 3   ? 34.368  2.677   1.727   1.00 73.00 ? -1  DG  C N2    1 
ATOM   1277 N N3    . DG  C 3 3   ? 33.844  1.864   3.817   1.00 72.89 ? -1  DG  C N3    1 
ATOM   1278 C C4    . DG  C 3 3   ? 33.934  0.746   4.582   1.00 74.28 ? -1  DG  C C4    1 
ATOM   1279 P P     . DT  C 3 4   ? 28.283  1.381   6.808   1.00 83.18 ? 0   DT  C P     1 
ATOM   1280 O OP1   . DT  C 3 4   ? 27.027  1.992   7.312   1.00 83.19 ? 0   DT  C OP1   1 
ATOM   1281 O OP2   . DT  C 3 4   ? 28.346  -0.083  6.535   1.00 82.51 ? 0   DT  C OP2   1 
ATOM   1282 O "O5'" . DT  C 3 4   ? 28.741  2.141   5.477   1.00 79.23 ? 0   DT  C "O5'" 1 
ATOM   1283 C "C5'" . DT  C 3 4   ? 28.713  3.555   5.391   1.00 74.45 ? 0   DT  C "C5'" 1 
ATOM   1284 C "C4'" . DT  C 3 4   ? 28.893  3.937   3.938   1.00 71.22 ? 0   DT  C "C4'" 1 
ATOM   1285 O "O4'" . DT  C 3 4   ? 30.017  3.195   3.396   1.00 69.02 ? 0   DT  C "O4'" 1 
ATOM   1286 C "C3'" . DT  C 3 4   ? 27.696  3.590   3.056   1.00 69.96 ? 0   DT  C "C3'" 1 
ATOM   1287 O "O3'" . DT  C 3 4   ? 27.451  4.642   2.124   1.00 69.16 ? 0   DT  C "O3'" 1 
ATOM   1288 C "C2'" . DT  C 3 4   ? 28.126  2.299   2.365   1.00 68.65 ? 0   DT  C "C2'" 1 
ATOM   1289 C "C1'" . DT  C 3 4   ? 29.623  2.525   2.222   1.00 67.17 ? 0   DT  C "C1'" 1 
ATOM   1290 N N1    . DT  C 3 4   ? 30.378  1.248   2.086   1.00 64.75 ? 0   DT  C N1    1 
ATOM   1291 C C2    . DT  C 3 4   ? 31.026  0.980   0.902   1.00 64.10 ? 0   DT  C C2    1 
ATOM   1292 O O2    . DT  C 3 4   ? 31.038  1.734   -0.047  1.00 63.78 ? 0   DT  C O2    1 
ATOM   1293 N N3    . DT  C 3 4   ? 31.666  -0.224  0.861   1.00 64.36 ? 0   DT  C N3    1 
ATOM   1294 C C4    . DT  C 3 4   ? 31.735  -1.172  1.863   1.00 63.71 ? 0   DT  C C4    1 
ATOM   1295 O O4    . DT  C 3 4   ? 32.349  -2.221  1.714   1.00 64.42 ? 0   DT  C O4    1 
ATOM   1296 C C5    . DT  C 3 4   ? 31.040  -0.836  3.085   1.00 63.20 ? 0   DT  C C5    1 
ATOM   1297 C C7    . DT  C 3 4   ? 31.042  -1.791  4.253   1.00 62.35 ? 0   DT  C C7    1 
ATOM   1298 C C6    . DT  C 3 4   ? 30.399  0.346   3.134   1.00 63.75 ? 0   DT  C C6    1 
ATOM   1299 P P     . DT  C 3 5   ? 26.360  4.443   0.969   1.00 68.10 ? 1   DT  C P     1 
ATOM   1300 O OP1   . DT  C 3 5   ? 25.854  5.785   0.576   1.00 67.71 ? 1   DT  C OP1   1 
ATOM   1301 O OP2   . DT  C 3 5   ? 25.426  3.383   1.426   1.00 67.33 ? 1   DT  C OP2   1 
ATOM   1302 O "O5'" . DT  C 3 5   ? 27.220  3.837   -0.236  1.00 66.78 ? 1   DT  C "O5'" 1 
ATOM   1303 C "C5'" . DT  C 3 5   ? 27.801  4.685   -1.210  1.00 64.97 ? 1   DT  C "C5'" 1 
ATOM   1304 C "C4'" . DT  C 3 5   ? 28.395  3.843   -2.312  1.00 63.36 ? 1   DT  C "C4'" 1 
ATOM   1305 O "O4'" . DT  C 3 5   ? 28.925  2.651   -1.721  1.00 63.12 ? 1   DT  C "O4'" 1 
ATOM   1306 C "C3'" . DT  C 3 5   ? 27.394  3.363   -3.345  1.00 63.08 ? 1   DT  C "C3'" 1 
ATOM   1307 O "O3'" . DT  C 3 5   ? 27.616  4.041   -4.552  1.00 63.55 ? 1   DT  C "O3'" 1 
ATOM   1308 C "C2'" . DT  C 3 5   ? 27.663  1.860   -3.495  1.00 62.93 ? 1   DT  C "C2'" 1 
ATOM   1309 C "C1'" . DT  C 3 5   ? 28.935  1.649   -2.691  1.00 62.49 ? 1   DT  C "C1'" 1 
ATOM   1310 N N1    . DT  C 3 5   ? 29.037  0.321   -1.997  1.00 62.34 ? 1   DT  C N1    1 
ATOM   1311 C C2    . DT  C 3 5   ? 29.747  -0.689  -2.606  1.00 62.83 ? 1   DT  C C2    1 
ATOM   1312 O O2    . DT  C 3 5   ? 30.280  -0.561  -3.691  1.00 64.13 ? 1   DT  C O2    1 
ATOM   1313 N N3    . DT  C 3 5   ? 29.809  -1.868  -1.901  1.00 62.83 ? 1   DT  C N3    1 
ATOM   1314 C C4    . DT  C 3 5   ? 29.239  -2.134  -0.670  1.00 62.70 ? 1   DT  C C4    1 
ATOM   1315 O O4    . DT  C 3 5   ? 29.335  -3.223  -0.113  1.00 61.46 ? 1   DT  C O4    1 
ATOM   1316 C C5    . DT  C 3 5   ? 28.511  -1.039  -0.078  1.00 63.21 ? 1   DT  C C5    1 
ATOM   1317 C C7    . DT  C 3 5   ? 27.862  -1.230  1.266   1.00 63.90 ? 1   DT  C C7    1 
ATOM   1318 C C6    . DT  C 3 5   ? 28.445  0.130   -0.759  1.00 62.40 ? 1   DT  C C6    1 
ATOM   1319 P P     . DG  C 3 6   ? 26.384  4.411   -5.500  1.00 65.06 ? 2   DG  C P     1 
ATOM   1320 O OP1   . DG  C 3 6   ? 26.614  5.762   -6.054  1.00 64.51 ? 2   DG  C OP1   1 
ATOM   1321 O OP2   . DG  C 3 6   ? 25.132  4.128   -4.773  1.00 64.99 ? 2   DG  C OP2   1 
ATOM   1322 O "O5'" . DG  C 3 6   ? 26.481  3.342   -6.680  1.00 65.75 ? 2   DG  C "O5'" 1 
ATOM   1323 C "C5'" . DG  C 3 6   ? 27.723  2.934   -7.192  1.00 67.03 ? 2   DG  C "C5'" 1 
ATOM   1324 C "C4'" . DG  C 3 6   ? 27.640  1.507   -7.714  1.00 68.81 ? 2   DG  C "C4'" 1 
ATOM   1325 O "O4'" . DG  C 3 6   ? 27.865  0.568   -6.634  1.00 69.10 ? 2   DG  C "O4'" 1 
ATOM   1326 C "C3'" . DG  C 3 6   ? 26.312  1.088   -8.359  1.00 69.57 ? 2   DG  C "C3'" 1 
ATOM   1327 O "O3'" . DG  C 3 6   ? 26.571  0.407   -9.561  1.00 71.25 ? 2   DG  C "O3'" 1 
ATOM   1328 C "C2'" . DG  C 3 6   ? 25.723  0.124   -7.346  1.00 69.32 ? 2   DG  C "C2'" 1 
ATOM   1329 C "C1'" . DG  C 3 6   ? 26.995  -0.513  -6.821  1.00 68.94 ? 2   DG  C "C1'" 1 
ATOM   1330 N N9    . DG  C 3 6   ? 26.827  -1.202  -5.557  1.00 69.60 ? 2   DG  C N9    1 
ATOM   1331 C C8    . DG  C 3 6   ? 25.984  -0.858  -4.535  1.00 70.17 ? 2   DG  C C8    1 
ATOM   1332 N N7    . DG  C 3 6   ? 26.043  -1.665  -3.518  1.00 70.57 ? 2   DG  C N7    1 
ATOM   1333 C C5    . DG  C 3 6   ? 26.985  -2.604  -3.889  1.00 71.01 ? 2   DG  C C5    1 
ATOM   1334 C C6    . DG  C 3 6   ? 27.466  -3.725  -3.183  1.00 71.78 ? 2   DG  C C6    1 
ATOM   1335 O O6    . DG  C 3 6   ? 27.133  -4.109  -2.059  1.00 72.77 ? 2   DG  C O6    1 
ATOM   1336 N N1    . DG  C 3 6   ? 28.424  -4.427  -3.908  1.00 71.78 ? 2   DG  C N1    1 
ATOM   1337 C C2    . DG  C 3 6   ? 28.858  -4.074  -5.165  1.00 72.37 ? 2   DG  C C2    1 
ATOM   1338 N N2    . DG  C 3 6   ? 29.786  -4.865  -5.715  1.00 73.36 ? 2   DG  C N2    1 
ATOM   1339 N N3    . DG  C 3 6   ? 28.414  -3.018  -5.840  1.00 71.89 ? 2   DG  C N3    1 
ATOM   1340 C C4    . DG  C 3 6   ? 27.480  -2.332  -5.141  1.00 70.66 ? 2   DG  C C4    1 
ATOM   1341 P P     . DG  C 3 7   ? 25.713  0.740   -10.854 1.00 72.61 ? 3   DG  C P     1 
ATOM   1342 O OP1   . DG  C 3 7   ? 26.394  1.812   -11.619 1.00 72.03 ? 3   DG  C OP1   1 
ATOM   1343 O OP2   . DG  C 3 7   ? 24.312  0.916   -10.415 1.00 72.37 ? 3   DG  C OP2   1 
ATOM   1344 O "O5'" . DG  C 3 7   ? 25.832  -0.609  -11.670 1.00 72.61 ? 3   DG  C "O5'" 1 
ATOM   1345 C "C5'" . DG  C 3 7   ? 26.925  -0.787  -12.521 1.00 73.81 ? 3   DG  C "C5'" 1 
ATOM   1346 C "C4'" . DG  C 3 7   ? 27.362  -2.223  -12.462 1.00 75.71 ? 3   DG  C "C4'" 1 
ATOM   1347 O "O4'" . DG  C 3 7   ? 27.517  -2.597  -11.079 1.00 75.56 ? 3   DG  C "O4'" 1 
ATOM   1348 C "C3'" . DG  C 3 7   ? 26.361  -3.198  -13.073 1.00 77.23 ? 3   DG  C "C3'" 1 
ATOM   1349 O "O3'" . DG  C 3 7   ? 26.966  -3.843  -14.216 1.00 79.55 ? 3   DG  C "O3'" 1 
ATOM   1350 C "C2'" . DG  C 3 7   ? 25.989  -4.149  -11.923 1.00 76.85 ? 3   DG  C "C2'" 1 
ATOM   1351 C "C1'" . DG  C 3 7   ? 27.084  -3.920  -10.897 1.00 76.31 ? 3   DG  C "C1'" 1 
ATOM   1352 N N9    . DG  C 3 7   ? 26.614  -4.006  -9.527  1.00 76.45 ? 3   DG  C N9    1 
ATOM   1353 C C8    . DG  C 3 7   ? 25.939  -3.028  -8.850  1.00 76.47 ? 3   DG  C C8    1 
ATOM   1354 N N7    . DG  C 3 7   ? 25.645  -3.353  -7.626  1.00 76.72 ? 3   DG  C N7    1 
ATOM   1355 C C5    . DG  C 3 7   ? 26.158  -4.627  -7.476  1.00 76.65 ? 3   DG  C C5    1 
ATOM   1356 C C6    . DG  C 3 7   ? 26.138  -5.481  -6.349  1.00 77.03 ? 3   DG  C C6    1 
ATOM   1357 O O6    . DG  C 3 7   ? 25.648  -5.269  -5.237  1.00 77.62 ? 3   DG  C O6    1 
ATOM   1358 N N1    . DG  C 3 7   ? 26.771  -6.692  -6.600  1.00 77.17 ? 3   DG  C N1    1 
ATOM   1359 C C2    . DG  C 3 7   ? 27.352  -7.033  -7.796  1.00 77.30 ? 3   DG  C C2    1 
ATOM   1360 N N2    . DG  C 3 7   ? 27.909  -8.250  -7.839  1.00 77.91 ? 3   DG  C N2    1 
ATOM   1361 N N3    . DG  C 3 7   ? 27.378  -6.242  -8.874  1.00 77.06 ? 3   DG  C N3    1 
ATOM   1362 C C4    . DG  C 3 7   ? 26.765  -5.050  -8.637  1.00 76.66 ? 3   DG  C C4    1 
ATOM   1363 P P     . DC  C 3 8   ? 26.650  -5.358  -14.634 1.00 81.20 ? 4   DC  C P     1 
ATOM   1364 O OP1   . DC  C 3 8   ? 27.456  -5.654  -15.842 1.00 80.92 ? 4   DC  C OP1   1 
ATOM   1365 O OP2   . DC  C 3 8   ? 25.174  -5.533  -14.657 1.00 80.34 ? 4   DC  C OP2   1 
ATOM   1366 O "O5'" . DC  C 3 8   ? 27.245  -6.192  -13.401 1.00 82.07 ? 4   DC  C "O5'" 1 
ATOM   1367 C "C5'" . DC  C 3 8   ? 28.059  -7.321  -13.623 1.00 83.70 ? 4   DC  C "C5'" 1 
ATOM   1368 C "C4'" . DC  C 3 8   ? 27.386  -8.544  -13.044 1.00 85.37 ? 4   DC  C "C4'" 1 
ATOM   1369 O "O4'" . DC  C 3 8   ? 27.000  -8.293  -11.659 1.00 85.28 ? 4   DC  C "O4'" 1 
ATOM   1370 C "C3'" . DC  C 3 8   ? 26.095  -8.962  -13.762 1.00 86.55 ? 4   DC  C "C3'" 1 
ATOM   1371 O "O3'" . DC  C 3 8   ? 25.986  -10.366 -13.739 1.00 87.80 ? 4   DC  C "O3'" 1 
ATOM   1372 C "C2'" . DC  C 3 8   ? 25.030  -8.384  -12.844 1.00 86.20 ? 4   DC  C "C2'" 1 
ATOM   1373 C "C1'" . DC  C 3 8   ? 25.680  -8.767  -11.525 1.00 85.57 ? 4   DC  C "C1'" 1 
ATOM   1374 N N1    . DC  C 3 8   ? 25.024  -8.209  -10.317 1.00 85.34 ? 4   DC  C N1    1 
ATOM   1375 C C2    . DC  C 3 8   ? 25.047  -8.945  -9.122  1.00 85.27 ? 4   DC  C C2    1 
ATOM   1376 O O2    . DC  C 3 8   ? 25.637  -10.035 -9.089  1.00 84.90 ? 4   DC  C O2    1 
ATOM   1377 N N3    . DC  C 3 8   ? 24.430  -8.429  -8.024  1.00 85.24 ? 4   DC  C N3    1 
ATOM   1378 C C4    . DC  C 3 8   ? 23.800  -7.248  -8.103  1.00 85.29 ? 4   DC  C C4    1 
ATOM   1379 N N4    . DC  C 3 8   ? 23.205  -6.777  -7.003  1.00 85.28 ? 4   DC  C N4    1 
ATOM   1380 C C5    . DC  C 3 8   ? 23.754  -6.496  -9.317  1.00 85.24 ? 4   DC  C C5    1 
ATOM   1381 C C6    . DC  C 3 8   ? 24.371  -7.008  -10.387 1.00 85.25 ? 4   DC  C C6    1 
ATOM   1382 P P     . DG  C 3 9   ? 26.371  -11.276 -14.989 1.00 88.03 ? 5   DG  C P     1 
ATOM   1383 O OP1   . DG  C 3 9   ? 27.831  -11.155 -15.209 1.00 88.05 ? 5   DG  C OP1   1 
ATOM   1384 O OP2   . DG  C 3 9   ? 25.423  -10.983 -16.096 1.00 87.30 ? 5   DG  C OP2   1 
ATOM   1385 O "O5'" . DG  C 3 9   ? 26.059  -12.733 -14.380 1.00 87.57 ? 5   DG  C "O5'" 1 
ATOM   1386 C "C5'" . DG  C 3 9   ? 26.669  -13.112 -13.121 1.00 86.81 ? 5   DG  C "C5'" 1 
ATOM   1387 C "C4'" . DG  C 3 9   ? 25.685  -13.728 -12.123 1.00 86.27 ? 5   DG  C "C4'" 1 
ATOM   1388 O "O4'" . DG  C 3 9   ? 25.065  -12.715 -11.275 1.00 85.88 ? 5   DG  C "O4'" 1 
ATOM   1389 C "C3'" . DG  C 3 9   ? 24.545  -14.559 -12.714 1.00 86.28 ? 5   DG  C "C3'" 1 
ATOM   1390 O "O3'" . DG  C 3 9   ? 24.598  -15.872 -12.133 1.00 87.28 ? 5   DG  C "O3'" 1 
ATOM   1391 C "C2'" . DG  C 3 9   ? 23.273  -13.788 -12.317 1.00 85.29 ? 5   DG  C "C2'" 1 
ATOM   1392 C "C1'" . DG  C 3 9   ? 23.705  -13.060 -11.044 1.00 84.50 ? 5   DG  C "C1'" 1 
ATOM   1393 N N9    . DG  C 3 9   ? 22.949  -11.823 -10.774 1.00 82.58 ? 5   DG  C N9    1 
ATOM   1394 C C8    . DG  C 3 9   ? 22.707  -10.814 -11.678 1.00 82.36 ? 5   DG  C C8    1 
ATOM   1395 N N7    . DG  C 3 9   ? 22.017  -9.821  -11.195 1.00 81.06 ? 5   DG  C N7    1 
ATOM   1396 C C5    . DG  C 3 9   ? 21.789  -10.175 -9.879  1.00 79.72 ? 5   DG  C C5    1 
ATOM   1397 C C6    . DG  C 3 9   ? 21.098  -9.466  -8.870  1.00 78.42 ? 5   DG  C C6    1 
ATOM   1398 O O6    . DG  C 3 9   ? 20.541  -8.368  -8.959  1.00 77.36 ? 5   DG  C O6    1 
ATOM   1399 N N1    . DG  C 3 9   ? 21.076  -10.160 -7.669  1.00 78.07 ? 5   DG  C N1    1 
ATOM   1400 C C2    . DG  C 3 9   ? 21.658  -11.388 -7.467  1.00 78.52 ? 5   DG  C C2    1 
ATOM   1401 N N2    . DG  C 3 9   ? 21.529  -11.895 -6.232  1.00 77.72 ? 5   DG  C N2    1 
ATOM   1402 N N3    . DG  C 3 9   ? 22.322  -12.069 -8.408  1.00 79.51 ? 5   DG  C N3    1 
ATOM   1403 C C4    . DG  C 3 9   ? 22.350  -11.405 -9.591  1.00 80.49 ? 5   DG  C C4    1 
ATOM   1404 P P     . DG  C 3 10  ? 23.684  -17.083 -12.672 1.00 87.54 ? 6   DG  C P     1 
ATOM   1405 O OP1   . DG  C 3 10  ? 24.295  -18.354 -12.202 1.00 87.53 ? 6   DG  C OP1   1 
ATOM   1406 O OP2   . DG  C 3 10  ? 23.422  -16.857 -14.119 1.00 87.17 ? 6   DG  C OP2   1 
ATOM   1407 O "O5'" . DG  C 3 10  ? 22.309  -16.857 -11.888 1.00 86.20 ? 6   DG  C "O5'" 1 
ATOM   1408 C "C5'" . DG  C 3 10  ? 22.182  -17.123 -10.486 1.00 83.68 ? 6   DG  C "C5'" 1 
ATOM   1409 C "C4'" . DG  C 3 10  ? 20.711  -17.062 -10.114 1.00 82.36 ? 6   DG  C "C4'" 1 
ATOM   1410 O "O4'" . DG  C 3 10  ? 20.293  -15.669 -10.018 1.00 81.41 ? 6   DG  C "O4'" 1 
ATOM   1411 C "C3'" . DG  C 3 10  ? 19.771  -17.710 -11.142 1.00 81.59 ? 6   DG  C "C3'" 1 
ATOM   1412 O "O3'" . DG  C 3 10  ? 18.694  -18.362 -10.482 1.00 81.45 ? 6   DG  C "O3'" 1 
ATOM   1413 C "C2'" . DG  C 3 10  ? 19.282  -16.525 -11.968 1.00 80.63 ? 6   DG  C "C2'" 1 
ATOM   1414 C "C1'" . DG  C 3 10  ? 19.188  -15.465 -10.878 1.00 79.97 ? 6   DG  C "C1'" 1 
ATOM   1415 N N9    . DG  C 3 10  ? 19.153  -14.079 -11.361 1.00 78.25 ? 6   DG  C N9    1 
ATOM   1416 C C8    . DG  C 3 10  ? 19.298  -13.631 -12.658 1.00 77.50 ? 6   DG  C C8    1 
ATOM   1417 N N7    . DG  C 3 10  ? 19.183  -12.334 -12.777 1.00 76.91 ? 6   DG  C N7    1 
ATOM   1418 C C5    . DG  C 3 10  ? 18.937  -11.893 -11.476 1.00 76.46 ? 6   DG  C C5    1 
ATOM   1419 C C6    . DG  C 3 10  ? 18.715  -10.579 -10.972 1.00 75.55 ? 6   DG  C C6    1 
ATOM   1420 O O6    . DG  C 3 10  ? 18.707  -9.502  -11.597 1.00 74.98 ? 6   DG  C O6    1 
ATOM   1421 N N1    . DG  C 3 10  ? 18.493  -10.590 -9.587  1.00 74.43 ? 6   DG  C N1    1 
ATOM   1422 C C2    . DG  C 3 10  ? 18.488  -11.722 -8.798  1.00 74.25 ? 6   DG  C C2    1 
ATOM   1423 N N2    . DG  C 3 10  ? 18.258  -11.544 -7.497  1.00 73.43 ? 6   DG  C N2    1 
ATOM   1424 N N3    . DG  C 3 10  ? 18.692  -12.950 -9.253  1.00 75.28 ? 6   DG  C N3    1 
ATOM   1425 C C4    . DG  C 3 10  ? 18.910  -12.962 -10.597 1.00 76.86 ? 6   DG  C C4    1 
ATOM   1426 P P     . DG  C 3 11  ? 18.744  -19.936 -10.230 1.00 80.50 ? 7   DG  C P     1 
ATOM   1427 O OP1   . DG  C 3 11  ? 20.111  -20.260 -9.740  1.00 80.09 ? 7   DG  C OP1   1 
ATOM   1428 O OP2   . DG  C 3 11  ? 18.195  -20.574 -11.448 1.00 79.68 ? 7   DG  C OP2   1 
ATOM   1429 O "O5'" . DG  C 3 11  ? 17.711  -20.170 -9.024  1.00 78.39 ? 7   DG  C "O5'" 1 
ATOM   1430 C "C5'" . DG  C 3 11  ? 18.205  -20.245 -7.679  1.00 76.23 ? 7   DG  C "C5'" 1 
ATOM   1431 C "C4'" . DG  C 3 11  ? 17.300  -19.495 -6.706  1.00 74.67 ? 7   DG  C "C4'" 1 
ATOM   1432 O "O4'" . DG  C 3 11  ? 17.217  -18.081 -7.051  1.00 73.50 ? 7   DG  C "O4'" 1 
ATOM   1433 C "C3'" . DG  C 3 11  ? 15.860  -19.996 -6.628  1.00 73.81 ? 7   DG  C "C3'" 1 
ATOM   1434 O "O3'" . DG  C 3 11  ? 15.449  -19.965 -5.270  1.00 73.86 ? 7   DG  C "O3'" 1 
ATOM   1435 C "C2'" . DG  C 3 11  ? 15.084  -18.995 -7.489  1.00 72.54 ? 7   DG  C "C2'" 1 
ATOM   1436 C "C1'" . DG  C 3 11  ? 15.862  -17.699 -7.245  1.00 71.34 ? 7   DG  C "C1'" 1 
ATOM   1437 N N9    . DG  C 3 11  ? 15.803  -16.724 -8.349  1.00 68.53 ? 7   DG  C N9    1 
ATOM   1438 C C8    . DG  C 3 11  ? 16.027  -16.968 -9.683  1.00 67.49 ? 7   DG  C C8    1 
ATOM   1439 N N7    . DG  C 3 11  ? 15.912  -15.912 -10.438 1.00 66.48 ? 7   DG  C N7    1 
ATOM   1440 C C5    . DG  C 3 11  ? 15.605  -14.890 -9.553  1.00 66.06 ? 7   DG  C C5    1 
ATOM   1441 C C6    . DG  C 3 11  ? 15.366  -13.509 -9.794  1.00 65.14 ? 7   DG  C C6    1 
ATOM   1442 O O6    . DG  C 3 11  ? 15.389  -12.912 -10.875 1.00 64.44 ? 7   DG  C O6    1 
ATOM   1443 N N1    . DG  C 3 11  ? 15.070  -12.806 -8.626  1.00 64.63 ? 7   DG  C N1    1 
ATOM   1444 C C2    . DG  C 3 11  ? 15.016  -13.378 -7.375  1.00 65.80 ? 7   DG  C C2    1 
ATOM   1445 N N2    . DG  C 3 11  ? 14.721  -12.556 -6.357  1.00 65.93 ? 7   DG  C N2    1 
ATOM   1446 N N3    . DG  C 3 11  ? 15.245  -14.671 -7.131  1.00 66.81 ? 7   DG  C N3    1 
ATOM   1447 C C4    . DG  C 3 11  ? 15.532  -15.370 -8.263  1.00 67.07 ? 7   DG  C C4    1 
ATOM   1448 P P     . DT  C 3 12  ? 14.002  -20.495 -4.847  1.00 74.42 ? 8   DT  C P     1 
ATOM   1449 O OP1   . DT  C 3 12  ? 14.108  -21.052 -3.475  1.00 73.77 ? 8   DT  C OP1   1 
ATOM   1450 O OP2   . DT  C 3 12  ? 13.473  -21.317 -5.964  1.00 74.00 ? 8   DT  C OP2   1 
ATOM   1451 O "O5'" . DT  C 3 12  ? 13.141  -19.148 -4.774  1.00 72.76 ? 8   DT  C "O5'" 1 
ATOM   1452 C "C5'" . DT  C 3 12  ? 13.411  -18.193 -3.748  1.00 69.03 ? 8   DT  C "C5'" 1 
ATOM   1453 C "C4'" . DT  C 3 12  ? 12.597  -16.939 -3.975  1.00 66.26 ? 8   DT  C "C4'" 1 
ATOM   1454 O "O4'" . DT  C 3 12  ? 12.887  -16.385 -5.278  1.00 64.40 ? 8   DT  C "O4'" 1 
ATOM   1455 C "C3'" . DT  C 3 12  ? 11.092  -17.156 -3.962  1.00 65.64 ? 8   DT  C "C3'" 1 
ATOM   1456 O "O3'" . DT  C 3 12  ? 10.504  -16.174 -3.144  1.00 65.82 ? 8   DT  C "O3'" 1 
ATOM   1457 C "C2'" . DT  C 3 12  ? 10.692  -16.976 -5.425  1.00 64.35 ? 8   DT  C "C2'" 1 
ATOM   1458 C "C1'" . DT  C 3 12  ? 11.689  -15.913 -5.819  1.00 62.78 ? 8   DT  C "C1'" 1 
ATOM   1459 N N1    . DT  C 3 12  ? 11.864  -15.700 -7.278  1.00 62.08 ? 8   DT  C N1    1 
ATOM   1460 C C2    . DT  C 3 12  ? 11.634  -14.438 -7.807  1.00 62.12 ? 8   DT  C C2    1 
ATOM   1461 O O2    . DT  C 3 12  ? 11.270  -13.480 -7.142  1.00 63.26 ? 8   DT  C O2    1 
ATOM   1462 N N3    . DT  C 3 12  ? 11.829  -14.331 -9.164  1.00 61.12 ? 8   DT  C N3    1 
ATOM   1463 C C4    . DT  C 3 12  ? 12.237  -15.335 -10.032 1.00 61.42 ? 8   DT  C C4    1 
ATOM   1464 O O4    . DT  C 3 12  ? 12.391  -15.134 -11.233 1.00 60.18 ? 8   DT  C O4    1 
ATOM   1465 C C5    . DT  C 3 12  ? 12.470  -16.632 -9.418  1.00 62.04 ? 8   DT  C C5    1 
ATOM   1466 C C7    . DT  C 3 12  ? 12.909  -17.797 -10.258 1.00 62.10 ? 8   DT  C C7    1 
ATOM   1467 C C6    . DT  C 3 12  ? 12.278  -16.750 -8.084  1.00 62.48 ? 8   DT  C C6    1 
ATOM   1468 P P     . DT  C 3 13  ? 9.134   -16.491 -2.394  1.00 66.18 ? 9   DT  C P     1 
ATOM   1469 O OP1   . DT  C 3 13  ? 9.356   -16.247 -0.945  1.00 66.13 ? 9   DT  C OP1   1 
ATOM   1470 O OP2   . DT  C 3 13  ? 8.656   -17.820 -2.860  1.00 65.91 ? 9   DT  C OP2   1 
ATOM   1471 O "O5'" . DT  C 3 13  ? 8.146   -15.378 -2.980  1.00 63.93 ? 9   DT  C "O5'" 1 
ATOM   1472 C "C5'" . DT  C 3 13  ? 8.377   -14.011 -2.692  1.00 61.57 ? 9   DT  C "C5'" 1 
ATOM   1473 C "C4'" . DT  C 3 13  ? 8.022   -13.153 -3.888  1.00 60.55 ? 9   DT  C "C4'" 1 
ATOM   1474 O "O4'" . DT  C 3 13  ? 8.592   -13.704 -5.098  1.00 58.62 ? 9   DT  C "O4'" 1 
ATOM   1475 C "C3'" . DT  C 3 13  ? 6.525   -13.036 -4.182  1.00 60.76 ? 9   DT  C "C3'" 1 
ATOM   1476 O "O3'" . DT  C 3 13  ? 6.024   -11.785 -3.682  1.00 61.36 ? 9   DT  C "O3'" 1 
ATOM   1477 C "C2'" . DT  C 3 13  ? 6.427   -13.150 -5.719  1.00 59.60 ? 9   DT  C "C2'" 1 
ATOM   1478 C "C1'" . DT  C 3 13  ? 7.884   -13.102 -6.151  1.00 58.13 ? 9   DT  C "C1'" 1 
ATOM   1479 N N1    . DT  C 3 13  ? 8.195   -13.800 -7.433  1.00 57.34 ? 9   DT  C N1    1 
ATOM   1480 C C2    . DT  C 3 13  ? 8.187   -13.079 -8.620  1.00 58.30 ? 9   DT  C C2    1 
ATOM   1481 O O2    . DT  C 3 13  ? 7.913   -11.883 -8.694  1.00 58.89 ? 9   DT  C O2    1 
ATOM   1482 N N3    . DT  C 3 13  ? 8.506   -13.811 -9.738  1.00 57.54 ? 9   DT  C N3    1 
ATOM   1483 C C4    . DT  C 3 13  ? 8.825   -15.154 -9.793  1.00 56.85 ? 9   DT  C C4    1 
ATOM   1484 O O4    . DT  C 3 13  ? 9.096   -15.713 -10.859 1.00 56.41 ? 9   DT  C O4    1 
ATOM   1485 C C5    . DT  C 3 13  ? 8.820   -15.845 -8.516  1.00 56.55 ? 9   DT  C C5    1 
ATOM   1486 C C7    . DT  C 3 13  ? 9.140   -17.311 -8.436  1.00 56.81 ? 9   DT  C C7    1 
ATOM   1487 C C6    . DT  C 3 13  ? 8.507   -15.142 -7.417  1.00 56.70 ? 9   DT  C C6    1 
ATOM   1488 P P     . DC  C 3 14  ? 4.520   -11.316 -3.994  1.00 61.79 ? 10  DC  C P     1 
ATOM   1489 O OP1   . DC  C 3 14  ? 4.224   -10.183 -3.096  1.00 62.07 ? 10  DC  C OP1   1 
ATOM   1490 O OP2   . DC  C 3 14  ? 3.647   -12.508 -3.996  1.00 63.17 ? 10  DC  C OP2   1 
ATOM   1491 O "O5'" . DC  C 3 14  ? 4.595   -10.775 -5.486  1.00 60.43 ? 10  DC  C "O5'" 1 
ATOM   1492 C "C5'" . DC  C 3 14  ? 5.369   -9.628  -5.713  1.00 61.19 ? 10  DC  C "C5'" 1 
ATOM   1493 C "C4'" . DC  C 3 14  ? 5.067   -9.029  -7.063  1.00 61.21 ? 10  DC  C "C4'" 1 
ATOM   1494 O "O4'" . DC  C 3 14  ? 5.582   -9.889  -8.107  1.00 62.06 ? 10  DC  C "O4'" 1 
ATOM   1495 C "C3'" . DC  C 3 14  ? 3.600   -8.816  -7.367  1.00 60.47 ? 10  DC  C "C3'" 1 
ATOM   1496 O "O3'" . DC  C 3 14  ? 3.502   -7.579  -7.985  1.00 60.08 ? 10  DC  C "O3'" 1 
ATOM   1497 C "C2'" . DC  C 3 14  ? 3.254   -9.966  -8.317  1.00 61.00 ? 10  DC  C "C2'" 1 
ATOM   1498 C "C1'" . DC  C 3 14  ? 4.574   -10.170 -9.050  1.00 61.11 ? 10  DC  C "C1'" 1 
ATOM   1499 N N1    . DC  C 3 14  ? 4.835   -11.564 -9.561  1.00 60.21 ? 10  DC  C N1    1 
ATOM   1500 C C2    . DC  C 3 14  ? 5.155   -11.757 -10.922 1.00 59.63 ? 10  DC  C C2    1 
ATOM   1501 O O2    . DC  C 3 14  ? 5.184   -10.783 -11.697 1.00 58.32 ? 10  DC  C O2    1 
ATOM   1502 N N3    . DC  C 3 14  ? 5.413   -13.017 -11.356 1.00 59.51 ? 10  DC  C N3    1 
ATOM   1503 C C4    . DC  C 3 14  ? 5.368   -14.041 -10.496 1.00 59.88 ? 10  DC  C C4    1 
ATOM   1504 N N4    . DC  C 3 14  ? 5.623   -15.259 -10.979 1.00 60.45 ? 10  DC  C N4    1 
ATOM   1505 C C5    . DC  C 3 14  ? 5.058   -13.866 -9.107  1.00 59.12 ? 10  DC  C C5    1 
ATOM   1506 C C6    . DC  C 3 14  ? 4.804   -12.624 -8.688  1.00 59.50 ? 10  DC  C C6    1 
ATOM   1507 P P     . DA  C 3 15  ? 2.084   -6.949  -8.293  1.00 61.41 ? 11  DA  C P     1 
ATOM   1508 O OP1   . DA  C 3 15  ? 2.215   -5.474  -8.247  1.00 60.98 ? 11  DA  C OP1   1 
ATOM   1509 O OP2   . DA  C 3 15  ? 1.084   -7.642  -7.452  1.00 61.24 ? 11  DA  C OP2   1 
ATOM   1510 O "O5'" . DA  C 3 15  ? 1.863   -7.397  -9.803  1.00 62.66 ? 11  DA  C "O5'" 1 
ATOM   1511 C "C5'" . DA  C 3 15  ? 2.670   -6.836  -10.827 1.00 63.85 ? 11  DA  C "C5'" 1 
ATOM   1512 C "C4'" . DA  C 3 15  ? 2.217   -7.328  -12.183 1.00 64.57 ? 11  DA  C "C4'" 1 
ATOM   1513 O "O4'" . DA  C 3 15  ? 2.661   -8.691  -12.358 1.00 63.79 ? 11  DA  C "O4'" 1 
ATOM   1514 C "C3'" . DA  C 3 15  ? 0.699   -7.336  -12.396 1.00 65.34 ? 11  DA  C "C3'" 1 
ATOM   1515 O "O3'" . DA  C 3 15  ? 0.393   -6.650  -13.613 1.00 68.33 ? 11  DA  C "O3'" 1 
ATOM   1516 C "C2'" . DA  C 3 15  ? 0.334   -8.824  -12.449 1.00 63.64 ? 11  DA  C "C2'" 1 
ATOM   1517 C "C1'" . DA  C 3 15  ? 1.628   -9.440  -12.951 1.00 62.58 ? 11  DA  C "C1'" 1 
ATOM   1518 N N9    . DA  C 3 15  ? 1.842   -10.832 -12.575 1.00 60.97 ? 11  DA  C N9    1 
ATOM   1519 C C8    . DA  C 3 15  ? 1.780   -11.373 -11.318 1.00 60.08 ? 11  DA  C C8    1 
ATOM   1520 N N7    . DA  C 3 15  ? 2.052   -12.661 -11.280 1.00 59.85 ? 11  DA  C N7    1 
ATOM   1521 C C5    . DA  C 3 15  ? 2.323   -12.984 -12.608 1.00 59.68 ? 11  DA  C C5    1 
ATOM   1522 C C6    . DA  C 3 15  ? 2.680   -14.201 -13.253 1.00 58.99 ? 11  DA  C C6    1 
ATOM   1523 N N6    . DA  C 3 15  ? 2.830   -15.358 -12.600 1.00 58.20 ? 11  DA  C N6    1 
ATOM   1524 N N1    . DA  C 3 15  ? 2.882   -14.178 -14.598 1.00 58.30 ? 11  DA  C N1    1 
ATOM   1525 C C2    . DA  C 3 15  ? 2.734   -13.010 -15.254 1.00 58.94 ? 11  DA  C C2    1 
ATOM   1526 N N3    . DA  C 3 15  ? 2.401   -11.805 -14.763 1.00 59.41 ? 11  DA  C N3    1 
ATOM   1527 C C4    . DA  C 3 15  ? 2.206   -11.863 -13.420 1.00 60.10 ? 11  DA  C C4    1 
ATOM   1528 P P     . DC  C 3 16  ? -1.094  -6.119  -13.931 1.00 70.17 ? 12  DC  C P     1 
ATOM   1529 O OP1   . DC  C 3 16  ? -0.977  -4.718  -14.427 1.00 69.47 ? 12  DC  C OP1   1 
ATOM   1530 O OP2   . DC  C 3 16  ? -1.969  -6.442  -12.767 1.00 69.60 ? 12  DC  C OP2   1 
ATOM   1531 O "O5'" . DC  C 3 16  ? -1.537  -7.057  -15.155 1.00 69.31 ? 12  DC  C "O5'" 1 
ATOM   1532 C "C5'" . DC  C 3 16  ? -0.776  -7.040  -16.361 1.00 68.76 ? 12  DC  C "C5'" 1 
ATOM   1533 C "C4'" . DC  C 3 16  ? -0.756  -8.408  -17.017 1.00 67.77 ? 12  DC  C "C4'" 1 
ATOM   1534 O "O4'" . DC  C 3 16  ? -0.429  -9.445  -16.050 1.00 66.55 ? 12  DC  C "O4'" 1 
ATOM   1535 C "C3'" . DC  C 3 16  ? -2.077  -8.844  -17.653 1.00 67.40 ? 12  DC  C "C3'" 1 
ATOM   1536 O "O3'" . DC  C 3 16  ? -1.814  -9.315  -18.976 1.00 67.82 ? 12  DC  C "O3'" 1 
ATOM   1537 C "C2'" . DC  C 3 16  ? -2.539  -9.978  -16.733 1.00 66.07 ? 12  DC  C "C2'" 1 
ATOM   1538 C "C1'" . DC  C 3 16  ? -1.183  -10.567 -16.408 1.00 64.62 ? 12  DC  C "C1'" 1 
ATOM   1539 N N1    . DC  C 3 16  ? -1.145  -11.545 -15.315 1.00 63.38 ? 12  DC  C N1    1 
ATOM   1540 C C2    . DC  C 3 16  ? -0.593  -12.812 -15.569 1.00 63.12 ? 12  DC  C C2    1 
ATOM   1541 O O2    . DC  C 3 16  ? -0.162  -13.071 -16.704 1.00 62.87 ? 12  DC  C O2    1 
ATOM   1542 N N3    . DC  C 3 16  ? -0.543  -13.719 -14.561 1.00 62.62 ? 12  DC  C N3    1 
ATOM   1543 C C4    . DC  C 3 16  ? -1.012  -13.399 -13.353 1.00 63.01 ? 12  DC  C C4    1 
ATOM   1544 N N4    . DC  C 3 16  ? -0.939  -14.329 -12.392 1.00 62.71 ? 12  DC  C N4    1 
ATOM   1545 C C5    . DC  C 3 16  ? -1.579  -12.111 -13.076 1.00 63.13 ? 12  DC  C C5    1 
ATOM   1546 C C6    . DC  C 3 16  ? -1.622  -11.223 -14.078 1.00 63.07 ? 12  DC  C C6    1 
HETATM 1547 O O     . HOH D 4 .   ? -13.828 -9.604  -2.302  1.00 37.19 ? 401 HOH A O     1 
HETATM 1548 O O     . HOH D 4 .   ? -11.895 -3.565  15.129  1.00 45.33 ? 402 HOH A O     1 
HETATM 1549 O O     . HOH D 4 .   ? -20.187 3.618   5.393   1.00 41.78 ? 403 HOH A O     1 
HETATM 1550 O O     . HOH D 4 .   ? 9.302   9.576   5.729   1.00 72.94 ? 404 HOH A O     1 
HETATM 1551 O O     . HOH D 4 .   ? -17.945 6.843   0.920   1.00 67.00 ? 405 HOH A O     1 
HETATM 1552 O O     . HOH D 4 .   ? -7.143  -1.846  -10.489 1.00 62.73 ? 406 HOH A O     1 
HETATM 1553 O O     . HOH D 4 .   ? 18.903  -3.261  -6.547  1.00 72.64 ? 407 HOH A O     1 
HETATM 1554 O O     . HOH D 4 .   ? 0.757   6.137   -11.579 0.50 51.00 ? 408 HOH A O     1 
HETATM 1555 O O     . HOH E 4 .   ? 37.546  -4.415  10.576  1.00 69.81 ? 101 HOH C O     1 
# 
loop_
_pdbx_poly_seq_scheme.asym_id 
_pdbx_poly_seq_scheme.entity_id 
_pdbx_poly_seq_scheme.seq_id 
_pdbx_poly_seq_scheme.mon_id 
_pdbx_poly_seq_scheme.ndb_seq_num 
_pdbx_poly_seq_scheme.pdb_seq_num 
_pdbx_poly_seq_scheme.auth_seq_num 
_pdbx_poly_seq_scheme.pdb_mon_id 
_pdbx_poly_seq_scheme.auth_mon_id 
_pdbx_poly_seq_scheme.pdb_strand_id 
_pdbx_poly_seq_scheme.pdb_ins_code 
_pdbx_poly_seq_scheme.hetero 
A 1 1   MET 1   194 ?   ?   ?   A . n 
A 1 2   GLY 2   195 ?   ?   ?   A . n 
A 1 3   SER 3   196 ?   ?   ?   A . n 
A 1 4   SER 4   197 ?   ?   ?   A . n 
A 1 5   HIS 5   198 ?   ?   ?   A . n 
A 1 6   HIS 6   199 ?   ?   ?   A . n 
A 1 7   HIS 7   200 ?   ?   ?   A . n 
A 1 8   HIS 8   201 ?   ?   ?   A . n 
A 1 9   HIS 9   202 ?   ?   ?   A . n 
A 1 10  HIS 10  203 ?   ?   ?   A . n 
A 1 11  SER 11  204 ?   ?   ?   A . n 
A 1 12  SER 12  205 ?   ?   ?   A . n 
A 1 13  GLY 13  206 ?   ?   ?   A . n 
A 1 14  LEU 14  207 ?   ?   ?   A . n 
A 1 15  VAL 15  208 ?   ?   ?   A . n 
A 1 16  PRO 16  209 ?   ?   ?   A . n 
A 1 17  ARG 17  210 ?   ?   ?   A . n 
A 1 18  GLY 18  211 ?   ?   ?   A . n 
A 1 19  SER 19  212 ?   ?   ?   A . n 
A 1 20  HIS 20  213 ?   ?   ?   A . n 
A 1 21  MET 21  214 ?   ?   ?   A . n 
A 1 22  GLY 22  215 ?   ?   ?   A . n 
A 1 23  GLN 23  216 ?   ?   ?   A . n 
A 1 24  GLU 24  217 ?   ?   ?   A . n 
A 1 25  ARG 25  218 ?   ?   ?   A . n 
A 1 26  TYR 26  219 ?   ?   ?   A . n 
A 1 27  LEU 27  220 ?   ?   ?   A . n 
A 1 28  ASP 28  221 ?   ?   ?   A . n 
A 1 29  ARG 29  222 ?   ?   ?   A . n 
A 1 30  SER 30  223 ?   ?   ?   A . n 
A 1 31  LEU 31  224 ?   ?   ?   A . n 
A 1 32  PRO 32  225 ?   ?   ?   A . n 
A 1 33  GLU 33  226 ?   ?   ?   A . n 
A 1 34  GLU 34  227 ?   ?   ?   A . n 
A 1 35  ILE 35  228 ?   ?   ?   A . n 
A 1 36  GLY 36  229 ?   ?   ?   A . n 
A 1 37  SER 37  230 230 SER SER A . n 
A 1 38  ASP 38  231 231 ASP ASP A . n 
A 1 39  PRO 39  232 232 PRO PRO A . n 
A 1 40  LEU 40  233 233 LEU LEU A . n 
A 1 41  ALA 41  234 234 ALA ALA A . n 
A 1 42  GLU 42  235 235 GLU GLU A . n 
A 1 43  VAL 43  236 236 VAL VAL A . n 
A 1 44  VAL 44  237 237 VAL VAL A . n 
A 1 45  ALA 45  238 238 ALA ALA A . n 
A 1 46  TRP 46  239 239 TRP TRP A . n 
A 1 47  ALA 47  240 240 ALA ALA A . n 
A 1 48  LEU 48  241 241 LEU LEU A . n 
A 1 49  GLU 49  242 242 GLU GLU A . n 
A 1 50  HIS 50  243 243 HIS HIS A . n 
A 1 51  LEU 51  244 244 LEU LEU A . n 
A 1 52  HIS 52  245 245 HIS HIS A . n 
A 1 53  GLU 53  246 246 GLU GLU A . n 
A 1 54  GLN 54  247 247 GLN GLN A . n 
A 1 55  PHE 55  248 248 PHE PHE A . n 
A 1 56  ASP 56  249 249 ASP ASP A . n 
A 1 57  VAL 57  250 250 VAL VAL A . n 
A 1 58  GLU 58  251 251 GLU GLU A . n 
A 1 59  THR 59  252 252 THR THR A . n 
A 1 60  LEU 60  253 253 LEU LEU A . n 
A 1 61  ALA 61  254 254 ALA ALA A . n 
A 1 62  ALA 62  255 255 ALA ALA A . n 
A 1 63  ARG 63  256 256 ARG ARG A . n 
A 1 64  ALA 64  257 257 ALA ALA A . n 
A 1 65  TYR 65  258 258 TYR TYR A . n 
A 1 66  MET 66  259 259 MET MET A . n 
A 1 67  SER 67  260 260 SER SER A . n 
A 1 68  ARG 68  261 261 ARG ARG A . n 
A 1 69  ARG 69  262 262 ARG ARG A . n 
A 1 70  THR 70  263 263 THR THR A . n 
A 1 71  PHE 71  264 264 PHE PHE A . n 
A 1 72  ASP 72  265 265 ASP ASP A . n 
A 1 73  ARG 73  266 266 ARG ARG A . n 
A 1 74  ARG 74  267 267 ARG ARG A . n 
A 1 75  PHE 75  268 268 PHE PHE A . n 
A 1 76  ARG 76  269 269 ARG ARG A . n 
A 1 77  SER 77  270 270 SER SER A . n 
A 1 78  LEU 78  271 271 LEU LEU A . n 
A 1 79  THR 79  272 272 THR THR A . n 
A 1 80  GLY 80  273 273 GLY GLY A . n 
A 1 81  SER 81  274 274 SER SER A . n 
A 1 82  ALA 82  275 275 ALA ALA A . n 
A 1 83  PRO 83  276 276 PRO PRO A . n 
A 1 84  LEU 84  277 277 LEU LEU A . n 
A 1 85  GLN 85  278 278 GLN GLN A . n 
A 1 86  TRP 86  279 279 TRP TRP A . n 
A 1 87  LEU 87  280 280 LEU LEU A . n 
A 1 88  ILE 88  281 281 ILE ILE A . n 
A 1 89  THR 89  282 282 THR THR A . n 
A 1 90  GLN 90  283 283 GLN GLN A . n 
A 1 91  ARG 91  284 284 ARG ARG A . n 
A 1 92  VAL 92  285 285 VAL VAL A . n 
A 1 93  LEU 93  286 286 LEU LEU A . n 
A 1 94  GLN 94  287 287 GLN GLN A . n 
A 1 95  ALA 95  288 288 ALA ALA A . n 
A 1 96  GLN 96  289 289 GLN GLN A . n 
A 1 97  ARG 97  290 290 ARG ARG A . n 
A 1 98  LEU 98  291 291 LEU LEU A . n 
A 1 99  LEU 99  292 292 LEU LEU A . n 
A 1 100 GLU 100 293 293 GLU GLU A . n 
A 1 101 THR 101 294 294 THR THR A . n 
A 1 102 SER 102 295 295 SER SER A . n 
A 1 103 ASP 103 296 296 ASP ASP A . n 
A 1 104 TYR 104 297 297 TYR TYR A . n 
A 1 105 SER 105 298 298 SER SER A . n 
A 1 106 VAL 106 299 299 VAL VAL A . n 
A 1 107 ASP 107 300 300 ASP ASP A . n 
A 1 108 GLU 108 301 301 GLU GLU A . n 
A 1 109 VAL 109 302 302 VAL VAL A . n 
A 1 110 ALA 110 303 303 ALA ALA A . n 
A 1 111 GLY 111 304 304 GLY GLY A . n 
A 1 112 ARG 112 305 305 ARG ARG A . n 
A 1 113 CYS 113 306 306 CYS CYS A . n 
A 1 114 GLY 114 307 307 GLY GLY A . n 
A 1 115 PHE 115 308 308 PHE PHE A . n 
A 1 116 ARG 116 309 309 ARG ARG A . n 
A 1 117 SER 117 310 310 SER SER A . n 
A 1 118 PRO 118 311 311 PRO PRO A . n 
A 1 119 VAL 119 312 312 VAL VAL A . n 
A 1 120 ALA 120 313 313 ALA ALA A . n 
A 1 121 LEU 121 314 314 LEU LEU A . n 
A 1 122 ARG 122 315 315 ARG ARG A . n 
A 1 123 GLY 123 316 316 GLY GLY A . n 
A 1 124 HIS 124 317 317 HIS HIS A . n 
A 1 125 PHE 125 318 318 PHE PHE A . n 
A 1 126 ARG 126 319 319 ARG ARG A . n 
A 1 127 ARG 127 320 320 ARG ARG A . n 
A 1 128 GLN 128 321 321 GLN GLN A . n 
A 1 129 LEU 129 322 322 LEU LEU A . n 
A 1 130 GLY 130 323 323 GLY GLY A . n 
A 1 131 SER 131 324 324 SER SER A . n 
A 1 132 SER 132 325 325 SER SER A . n 
A 1 133 PRO 133 326 326 PRO PRO A . n 
A 1 134 ALA 134 327 327 ALA ALA A . n 
A 1 135 ALA 135 328 328 ALA ALA A . n 
A 1 136 TYR 136 329 329 TYR TYR A . n 
A 1 137 ARG 137 330 330 ARG ARG A . n 
A 1 138 ALA 138 331 331 ALA ALA A . n 
A 1 139 ALA 139 332 332 ALA ALA A . n 
A 1 140 TYR 140 333 333 TYR TYR A . n 
A 1 141 ARG 141 334 334 ARG ARG A . n 
A 1 142 ALA 142 335 335 ALA ALA A . n 
A 1 143 ARG 143 336 336 ARG ARG A . n 
A 1 144 ARG 144 337 337 ARG ARG A . n 
A 1 145 PRO 145 338 338 PRO PRO A . n 
A 1 146 GLN 146 339 339 GLN GLN A . n 
A 1 147 GLY 147 340 340 GLY GLY A . n 
B 2 1   DC  1   -3  -3  DC  DC  B . n 
B 2 2   DT  2   -2  -2  DT  DT  B . n 
B 2 3   DG  3   -1  -1  DG  DG  B . n 
B 2 4   DT  4   0   0   DT  DT  B . n 
B 2 5   DG  5   1   1   DG  DG  B . n 
B 2 6   DA  6   2   2   DA  DA  B . n 
B 2 7   DA  7   3   3   DA  DA  B . n 
B 2 8   DC  8   4   4   DC  DC  B . n 
B 2 9   DC  9   5   5   DC  DC  B . n 
B 2 10  DC  10  6   6   DC  DC  B . n 
B 2 11  DG  11  7   7   DG  DG  B . n 
B 2 12  DC  12  8   8   DC  DC  B . n 
B 2 13  DC  13  9   9   DC  DC  B . n 
B 2 14  DA  14  10  10  DA  DA  B . n 
B 2 15  DA  15  11  11  DA  DA  B . n 
B 2 16  DC  16  12  12  DC  DC  B . n 
C 3 1   DA  1   -3  -3  DA  DA  C . n 
C 3 2   DG  2   -2  -2  DG  DG  C . n 
C 3 3   DG  3   -1  -1  DG  DG  C . n 
C 3 4   DT  4   0   0   DT  DT  C . n 
C 3 5   DT  5   1   1   DT  DT  C . n 
C 3 6   DG  6   2   2   DG  DG  C . n 
C 3 7   DG  7   3   3   DG  DG  C . n 
C 3 8   DC  8   4   4   DC  DC  C . n 
C 3 9   DG  9   5   5   DG  DG  C . n 
C 3 10  DG  10  6   6   DG  DG  C . n 
C 3 11  DG  11  7   7   DG  DG  C . n 
C 3 12  DT  12  8   8   DT  DT  C . n 
C 3 13  DT  13  9   9   DT  DT  C . n 
C 3 14  DC  14  10  10  DC  DC  C . n 
C 3 15  DA  15  11  11  DA  DA  C . n 
C 3 16  DC  16  12  12  DC  DC  C . n 
# 
loop_
_pdbx_nonpoly_scheme.asym_id 
_pdbx_nonpoly_scheme.entity_id 
_pdbx_nonpoly_scheme.mon_id 
_pdbx_nonpoly_scheme.ndb_seq_num 
_pdbx_nonpoly_scheme.pdb_seq_num 
_pdbx_nonpoly_scheme.auth_seq_num 
_pdbx_nonpoly_scheme.pdb_mon_id 
_pdbx_nonpoly_scheme.auth_mon_id 
_pdbx_nonpoly_scheme.pdb_strand_id 
_pdbx_nonpoly_scheme.pdb_ins_code 
D 4 HOH 1 401 1  HOH HOH A . 
D 4 HOH 2 402 4  HOH HOH A . 
D 4 HOH 3 403 7  HOH HOH A . 
D 4 HOH 4 404 9  HOH HOH A . 
D 4 HOH 5 405 16 HOH HOH A . 
D 4 HOH 6 406 29 HOH HOH A . 
D 4 HOH 7 407 31 HOH HOH A . 
D 4 HOH 8 408 34 HOH HOH A . 
E 4 HOH 1 101 2  HOH HOH C . 
# 
_pdbx_struct_assembly.id                   1 
_pdbx_struct_assembly.details              author_and_software_defined_assembly 
_pdbx_struct_assembly.method_details       PISA 
_pdbx_struct_assembly.oligomeric_details   trimeric 
_pdbx_struct_assembly.oligomeric_count     3 
# 
_pdbx_struct_assembly_gen.assembly_id       1 
_pdbx_struct_assembly_gen.oper_expression   1 
_pdbx_struct_assembly_gen.asym_id_list      A,B,C,D,E 
# 
loop_
_pdbx_struct_assembly_prop.biol_id 
_pdbx_struct_assembly_prop.type 
_pdbx_struct_assembly_prop.value 
_pdbx_struct_assembly_prop.details 
1 'ABSA (A^2)' 2890  ? 
1 MORE         -23   ? 
1 'SSA (A^2)'  11160 ? 
# 
_pdbx_struct_oper_list.id                   1 
_pdbx_struct_oper_list.type                 'identity operation' 
_pdbx_struct_oper_list.name                 1_555 
_pdbx_struct_oper_list.symmetry_operation   x,y,z 
_pdbx_struct_oper_list.matrix[1][1]         1.0000000000 
_pdbx_struct_oper_list.matrix[1][2]         0.0000000000 
_pdbx_struct_oper_list.matrix[1][3]         0.0000000000 
_pdbx_struct_oper_list.vector[1]            0.0000000000 
_pdbx_struct_oper_list.matrix[2][1]         0.0000000000 
_pdbx_struct_oper_list.matrix[2][2]         1.0000000000 
_pdbx_struct_oper_list.matrix[2][3]         0.0000000000 
_pdbx_struct_oper_list.vector[2]            0.0000000000 
_pdbx_struct_oper_list.matrix[3][1]         0.0000000000 
_pdbx_struct_oper_list.matrix[3][2]         0.0000000000 
_pdbx_struct_oper_list.matrix[3][3]         1.0000000000 
_pdbx_struct_oper_list.vector[3]            0.0000000000 
# 
loop_
_pdbx_audit_revision_history.ordinal 
_pdbx_audit_revision_history.data_content_type 
_pdbx_audit_revision_history.major_revision 
_pdbx_audit_revision_history.minor_revision 
_pdbx_audit_revision_history.revision_date 
1 'Structure model' 1 0 2013-09-18 
2 'Structure model' 1 1 2013-11-20 
3 'Structure model' 1 2 2023-11-08 
# 
_pdbx_audit_revision_details.ordinal             1 
_pdbx_audit_revision_details.revision_ordinal    1 
_pdbx_audit_revision_details.data_content_type   'Structure model' 
_pdbx_audit_revision_details.provider            repository 
_pdbx_audit_revision_details.type                'Initial release' 
_pdbx_audit_revision_details.description         ? 
_pdbx_audit_revision_details.details             ? 
# 
loop_
_pdbx_audit_revision_group.ordinal 
_pdbx_audit_revision_group.revision_ordinal 
_pdbx_audit_revision_group.data_content_type 
_pdbx_audit_revision_group.group 
1 2 'Structure model' 'Database references'    
2 3 'Structure model' 'Data collection'        
3 3 'Structure model' 'Database references'    
4 3 'Structure model' 'Refinement description' 
# 
loop_
_pdbx_audit_revision_category.ordinal 
_pdbx_audit_revision_category.revision_ordinal 
_pdbx_audit_revision_category.data_content_type 
_pdbx_audit_revision_category.category 
1 3 'Structure model' chem_comp_atom                
2 3 'Structure model' chem_comp_bond                
3 3 'Structure model' database_2                    
4 3 'Structure model' pdbx_initial_refinement_model 
5 3 'Structure model' struct_ref_seq_dif            
# 
loop_
_pdbx_audit_revision_item.ordinal 
_pdbx_audit_revision_item.revision_ordinal 
_pdbx_audit_revision_item.data_content_type 
_pdbx_audit_revision_item.item 
1 3 'Structure model' '_database_2.pdbx_DOI'                
2 3 'Structure model' '_database_2.pdbx_database_accession' 
3 3 'Structure model' '_struct_ref_seq_dif.details'         
# 
loop_
_software.name 
_software.classification 
_software.version 
_software.citation_id 
_software.pdbx_ordinal 
ADSC     'data collection' Quantum  ? 1 
XDS      'data scaling'    .        ? 2 
REFMAC   refinement        5.5.0109 ? 3 
HKL-2000 'data reduction'  .        ? 4 
# 
loop_
_pdbx_validate_rmsd_angle.id 
_pdbx_validate_rmsd_angle.PDB_model_num 
_pdbx_validate_rmsd_angle.auth_atom_id_1 
_pdbx_validate_rmsd_angle.auth_asym_id_1 
_pdbx_validate_rmsd_angle.auth_comp_id_1 
_pdbx_validate_rmsd_angle.auth_seq_id_1 
_pdbx_validate_rmsd_angle.PDB_ins_code_1 
_pdbx_validate_rmsd_angle.label_alt_id_1 
_pdbx_validate_rmsd_angle.auth_atom_id_2 
_pdbx_validate_rmsd_angle.auth_asym_id_2 
_pdbx_validate_rmsd_angle.auth_comp_id_2 
_pdbx_validate_rmsd_angle.auth_seq_id_2 
_pdbx_validate_rmsd_angle.PDB_ins_code_2 
_pdbx_validate_rmsd_angle.label_alt_id_2 
_pdbx_validate_rmsd_angle.auth_atom_id_3 
_pdbx_validate_rmsd_angle.auth_asym_id_3 
_pdbx_validate_rmsd_angle.auth_comp_id_3 
_pdbx_validate_rmsd_angle.auth_seq_id_3 
_pdbx_validate_rmsd_angle.PDB_ins_code_3 
_pdbx_validate_rmsd_angle.label_alt_id_3 
_pdbx_validate_rmsd_angle.angle_value 
_pdbx_validate_rmsd_angle.angle_target_value 
_pdbx_validate_rmsd_angle.angle_deviation 
_pdbx_validate_rmsd_angle.angle_standard_deviation 
_pdbx_validate_rmsd_angle.linker_flag 
1 1 "O4'" B DG -1 ? ? "C1'" B DG -1 ? ? N9    B DG -1 ? ? 111.05 108.30 2.75  0.30 N 
2 1 "O4'" B DG 1  ? ? "C1'" B DG 1  ? ? N9    B DG 1  ? ? 111.32 108.30 3.02  0.30 N 
3 1 "O4'" B DC 8  ? ? "C1'" B DC 8  ? ? N1    B DC 8  ? ? 111.03 108.30 2.73  0.30 N 
4 1 "O4'" B DC 9  ? ? "C1'" B DC 9  ? ? N1    B DC 9  ? ? 111.08 108.30 2.78  0.30 N 
5 1 "O4'" C DG -1 ? ? "C4'" C DG -1 ? ? "C3'" C DG -1 ? ? 100.89 104.50 -3.61 0.40 N 
6 1 "O4'" C DG -1 ? ? "C1'" C DG -1 ? ? N9    C DG -1 ? ? 110.75 108.30 2.45  0.30 N 
7 1 "C3'" C DC 4  ? ? "C2'" C DC 4  ? ? "C1'" C DC 4  ? ? 97.41  102.40 -4.99 0.80 N 
8 1 "O4'" C DC 4  ? ? "C1'" C DC 4  ? ? N1    C DC 4  ? ? 111.43 108.30 3.13  0.30 N 
9 1 "O4'" C DG 6  ? ? "C1'" C DG 6  ? ? N9    C DG 6  ? ? 110.85 108.30 2.55  0.30 N 
# 
loop_
_pdbx_unobs_or_zero_occ_residues.id 
_pdbx_unobs_or_zero_occ_residues.PDB_model_num 
_pdbx_unobs_or_zero_occ_residues.polymer_flag 
_pdbx_unobs_or_zero_occ_residues.occupancy_flag 
_pdbx_unobs_or_zero_occ_residues.auth_asym_id 
_pdbx_unobs_or_zero_occ_residues.auth_comp_id 
_pdbx_unobs_or_zero_occ_residues.auth_seq_id 
_pdbx_unobs_or_zero_occ_residues.PDB_ins_code 
_pdbx_unobs_or_zero_occ_residues.label_asym_id 
_pdbx_unobs_or_zero_occ_residues.label_comp_id 
_pdbx_unobs_or_zero_occ_residues.label_seq_id 
1  1 Y 1 A MET 194 ? A MET 1  
2  1 Y 1 A GLY 195 ? A GLY 2  
3  1 Y 1 A SER 196 ? A SER 3  
4  1 Y 1 A SER 197 ? A SER 4  
5  1 Y 1 A HIS 198 ? A HIS 5  
6  1 Y 1 A HIS 199 ? A HIS 6  
7  1 Y 1 A HIS 200 ? A HIS 7  
8  1 Y 1 A HIS 201 ? A HIS 8  
9  1 Y 1 A HIS 202 ? A HIS 9  
10 1 Y 1 A HIS 203 ? A HIS 10 
11 1 Y 1 A SER 204 ? A SER 11 
12 1 Y 1 A SER 205 ? A SER 12 
13 1 Y 1 A GLY 206 ? A GLY 13 
14 1 Y 1 A LEU 207 ? A LEU 14 
15 1 Y 1 A VAL 208 ? A VAL 15 
16 1 Y 1 A PRO 209 ? A PRO 16 
17 1 Y 1 A ARG 210 ? A ARG 17 
18 1 Y 1 A GLY 211 ? A GLY 18 
19 1 Y 1 A SER 212 ? A SER 19 
20 1 Y 1 A HIS 213 ? A HIS 20 
21 1 Y 1 A MET 214 ? A MET 21 
22 1 Y 1 A GLY 215 ? A GLY 22 
23 1 Y 1 A GLN 216 ? A GLN 23 
24 1 Y 1 A GLU 217 ? A GLU 24 
25 1 Y 1 A ARG 218 ? A ARG 25 
26 1 Y 1 A TYR 219 ? A TYR 26 
27 1 Y 1 A LEU 220 ? A LEU 27 
28 1 Y 1 A ASP 221 ? A ASP 28 
29 1 Y 1 A ARG 222 ? A ARG 29 
30 1 Y 1 A SER 223 ? A SER 30 
31 1 Y 1 A LEU 224 ? A LEU 31 
32 1 Y 1 A PRO 225 ? A PRO 32 
33 1 Y 1 A GLU 226 ? A GLU 33 
34 1 Y 1 A GLU 227 ? A GLU 34 
35 1 Y 1 A ILE 228 ? A ILE 35 
36 1 Y 1 A GLY 229 ? A GLY 36 
# 
loop_
_chem_comp_atom.comp_id 
_chem_comp_atom.atom_id 
_chem_comp_atom.type_symbol 
_chem_comp_atom.pdbx_aromatic_flag 
_chem_comp_atom.pdbx_stereo_config 
_chem_comp_atom.pdbx_ordinal 
ALA N      N N N 1   
ALA CA     C N S 2   
ALA C      C N N 3   
ALA O      O N N 4   
ALA CB     C N N 5   
ALA OXT    O N N 6   
ALA H      H N N 7   
ALA H2     H N N 8   
ALA HA     H N N 9   
ALA HB1    H N N 10  
ALA HB2    H N N 11  
ALA HB3    H N N 12  
ALA HXT    H N N 13  
ARG N      N N N 14  
ARG CA     C N S 15  
ARG C      C N N 16  
ARG O      O N N 17  
ARG CB     C N N 18  
ARG CG     C N N 19  
ARG CD     C N N 20  
ARG NE     N N N 21  
ARG CZ     C N N 22  
ARG NH1    N N N 23  
ARG NH2    N N N 24  
ARG OXT    O N N 25  
ARG H      H N N 26  
ARG H2     H N N 27  
ARG HA     H N N 28  
ARG HB2    H N N 29  
ARG HB3    H N N 30  
ARG HG2    H N N 31  
ARG HG3    H N N 32  
ARG HD2    H N N 33  
ARG HD3    H N N 34  
ARG HE     H N N 35  
ARG HH11   H N N 36  
ARG HH12   H N N 37  
ARG HH21   H N N 38  
ARG HH22   H N N 39  
ARG HXT    H N N 40  
ASP N      N N N 41  
ASP CA     C N S 42  
ASP C      C N N 43  
ASP O      O N N 44  
ASP CB     C N N 45  
ASP CG     C N N 46  
ASP OD1    O N N 47  
ASP OD2    O N N 48  
ASP OXT    O N N 49  
ASP H      H N N 50  
ASP H2     H N N 51  
ASP HA     H N N 52  
ASP HB2    H N N 53  
ASP HB3    H N N 54  
ASP HD2    H N N 55  
ASP HXT    H N N 56  
CYS N      N N N 57  
CYS CA     C N R 58  
CYS C      C N N 59  
CYS O      O N N 60  
CYS CB     C N N 61  
CYS SG     S N N 62  
CYS OXT    O N N 63  
CYS H      H N N 64  
CYS H2     H N N 65  
CYS HA     H N N 66  
CYS HB2    H N N 67  
CYS HB3    H N N 68  
CYS HG     H N N 69  
CYS HXT    H N N 70  
DA  OP3    O N N 71  
DA  P      P N N 72  
DA  OP1    O N N 73  
DA  OP2    O N N 74  
DA  "O5'"  O N N 75  
DA  "C5'"  C N N 76  
DA  "C4'"  C N R 77  
DA  "O4'"  O N N 78  
DA  "C3'"  C N S 79  
DA  "O3'"  O N N 80  
DA  "C2'"  C N N 81  
DA  "C1'"  C N R 82  
DA  N9     N Y N 83  
DA  C8     C Y N 84  
DA  N7     N Y N 85  
DA  C5     C Y N 86  
DA  C6     C Y N 87  
DA  N6     N N N 88  
DA  N1     N Y N 89  
DA  C2     C Y N 90  
DA  N3     N Y N 91  
DA  C4     C Y N 92  
DA  HOP3   H N N 93  
DA  HOP2   H N N 94  
DA  "H5'"  H N N 95  
DA  "H5''" H N N 96  
DA  "H4'"  H N N 97  
DA  "H3'"  H N N 98  
DA  "HO3'" H N N 99  
DA  "H2'"  H N N 100 
DA  "H2''" H N N 101 
DA  "H1'"  H N N 102 
DA  H8     H N N 103 
DA  H61    H N N 104 
DA  H62    H N N 105 
DA  H2     H N N 106 
DC  OP3    O N N 107 
DC  P      P N N 108 
DC  OP1    O N N 109 
DC  OP2    O N N 110 
DC  "O5'"  O N N 111 
DC  "C5'"  C N N 112 
DC  "C4'"  C N R 113 
DC  "O4'"  O N N 114 
DC  "C3'"  C N S 115 
DC  "O3'"  O N N 116 
DC  "C2'"  C N N 117 
DC  "C1'"  C N R 118 
DC  N1     N N N 119 
DC  C2     C N N 120 
DC  O2     O N N 121 
DC  N3     N N N 122 
DC  C4     C N N 123 
DC  N4     N N N 124 
DC  C5     C N N 125 
DC  C6     C N N 126 
DC  HOP3   H N N 127 
DC  HOP2   H N N 128 
DC  "H5'"  H N N 129 
DC  "H5''" H N N 130 
DC  "H4'"  H N N 131 
DC  "H3'"  H N N 132 
DC  "HO3'" H N N 133 
DC  "H2'"  H N N 134 
DC  "H2''" H N N 135 
DC  "H1'"  H N N 136 
DC  H41    H N N 137 
DC  H42    H N N 138 
DC  H5     H N N 139 
DC  H6     H N N 140 
DG  OP3    O N N 141 
DG  P      P N N 142 
DG  OP1    O N N 143 
DG  OP2    O N N 144 
DG  "O5'"  O N N 145 
DG  "C5'"  C N N 146 
DG  "C4'"  C N R 147 
DG  "O4'"  O N N 148 
DG  "C3'"  C N S 149 
DG  "O3'"  O N N 150 
DG  "C2'"  C N N 151 
DG  "C1'"  C N R 152 
DG  N9     N Y N 153 
DG  C8     C Y N 154 
DG  N7     N Y N 155 
DG  C5     C Y N 156 
DG  C6     C N N 157 
DG  O6     O N N 158 
DG  N1     N N N 159 
DG  C2     C N N 160 
DG  N2     N N N 161 
DG  N3     N N N 162 
DG  C4     C Y N 163 
DG  HOP3   H N N 164 
DG  HOP2   H N N 165 
DG  "H5'"  H N N 166 
DG  "H5''" H N N 167 
DG  "H4'"  H N N 168 
DG  "H3'"  H N N 169 
DG  "HO3'" H N N 170 
DG  "H2'"  H N N 171 
DG  "H2''" H N N 172 
DG  "H1'"  H N N 173 
DG  H8     H N N 174 
DG  H1     H N N 175 
DG  H21    H N N 176 
DG  H22    H N N 177 
DT  OP3    O N N 178 
DT  P      P N N 179 
DT  OP1    O N N 180 
DT  OP2    O N N 181 
DT  "O5'"  O N N 182 
DT  "C5'"  C N N 183 
DT  "C4'"  C N R 184 
DT  "O4'"  O N N 185 
DT  "C3'"  C N S 186 
DT  "O3'"  O N N 187 
DT  "C2'"  C N N 188 
DT  "C1'"  C N R 189 
DT  N1     N N N 190 
DT  C2     C N N 191 
DT  O2     O N N 192 
DT  N3     N N N 193 
DT  C4     C N N 194 
DT  O4     O N N 195 
DT  C5     C N N 196 
DT  C7     C N N 197 
DT  C6     C N N 198 
DT  HOP3   H N N 199 
DT  HOP2   H N N 200 
DT  "H5'"  H N N 201 
DT  "H5''" H N N 202 
DT  "H4'"  H N N 203 
DT  "H3'"  H N N 204 
DT  "HO3'" H N N 205 
DT  "H2'"  H N N 206 
DT  "H2''" H N N 207 
DT  "H1'"  H N N 208 
DT  H3     H N N 209 
DT  H71    H N N 210 
DT  H72    H N N 211 
DT  H73    H N N 212 
DT  H6     H N N 213 
GLN N      N N N 214 
GLN CA     C N S 215 
GLN C      C N N 216 
GLN O      O N N 217 
GLN CB     C N N 218 
GLN CG     C N N 219 
GLN CD     C N N 220 
GLN OE1    O N N 221 
GLN NE2    N N N 222 
GLN OXT    O N N 223 
GLN H      H N N 224 
GLN H2     H N N 225 
GLN HA     H N N 226 
GLN HB2    H N N 227 
GLN HB3    H N N 228 
GLN HG2    H N N 229 
GLN HG3    H N N 230 
GLN HE21   H N N 231 
GLN HE22   H N N 232 
GLN HXT    H N N 233 
GLU N      N N N 234 
GLU CA     C N S 235 
GLU C      C N N 236 
GLU O      O N N 237 
GLU CB     C N N 238 
GLU CG     C N N 239 
GLU CD     C N N 240 
GLU OE1    O N N 241 
GLU OE2    O N N 242 
GLU OXT    O N N 243 
GLU H      H N N 244 
GLU H2     H N N 245 
GLU HA     H N N 246 
GLU HB2    H N N 247 
GLU HB3    H N N 248 
GLU HG2    H N N 249 
GLU HG3    H N N 250 
GLU HE2    H N N 251 
GLU HXT    H N N 252 
GLY N      N N N 253 
GLY CA     C N N 254 
GLY C      C N N 255 
GLY O      O N N 256 
GLY OXT    O N N 257 
GLY H      H N N 258 
GLY H2     H N N 259 
GLY HA2    H N N 260 
GLY HA3    H N N 261 
GLY HXT    H N N 262 
HIS N      N N N 263 
HIS CA     C N S 264 
HIS C      C N N 265 
HIS O      O N N 266 
HIS CB     C N N 267 
HIS CG     C Y N 268 
HIS ND1    N Y N 269 
HIS CD2    C Y N 270 
HIS CE1    C Y N 271 
HIS NE2    N Y N 272 
HIS OXT    O N N 273 
HIS H      H N N 274 
HIS H2     H N N 275 
HIS HA     H N N 276 
HIS HB2    H N N 277 
HIS HB3    H N N 278 
HIS HD1    H N N 279 
HIS HD2    H N N 280 
HIS HE1    H N N 281 
HIS HE2    H N N 282 
HIS HXT    H N N 283 
HOH O      O N N 284 
HOH H1     H N N 285 
HOH H2     H N N 286 
ILE N      N N N 287 
ILE CA     C N S 288 
ILE C      C N N 289 
ILE O      O N N 290 
ILE CB     C N S 291 
ILE CG1    C N N 292 
ILE CG2    C N N 293 
ILE CD1    C N N 294 
ILE OXT    O N N 295 
ILE H      H N N 296 
ILE H2     H N N 297 
ILE HA     H N N 298 
ILE HB     H N N 299 
ILE HG12   H N N 300 
ILE HG13   H N N 301 
ILE HG21   H N N 302 
ILE HG22   H N N 303 
ILE HG23   H N N 304 
ILE HD11   H N N 305 
ILE HD12   H N N 306 
ILE HD13   H N N 307 
ILE HXT    H N N 308 
LEU N      N N N 309 
LEU CA     C N S 310 
LEU C      C N N 311 
LEU O      O N N 312 
LEU CB     C N N 313 
LEU CG     C N N 314 
LEU CD1    C N N 315 
LEU CD2    C N N 316 
LEU OXT    O N N 317 
LEU H      H N N 318 
LEU H2     H N N 319 
LEU HA     H N N 320 
LEU HB2    H N N 321 
LEU HB3    H N N 322 
LEU HG     H N N 323 
LEU HD11   H N N 324 
LEU HD12   H N N 325 
LEU HD13   H N N 326 
LEU HD21   H N N 327 
LEU HD22   H N N 328 
LEU HD23   H N N 329 
LEU HXT    H N N 330 
MET N      N N N 331 
MET CA     C N S 332 
MET C      C N N 333 
MET O      O N N 334 
MET CB     C N N 335 
MET CG     C N N 336 
MET SD     S N N 337 
MET CE     C N N 338 
MET OXT    O N N 339 
MET H      H N N 340 
MET H2     H N N 341 
MET HA     H N N 342 
MET HB2    H N N 343 
MET HB3    H N N 344 
MET HG2    H N N 345 
MET HG3    H N N 346 
MET HE1    H N N 347 
MET HE2    H N N 348 
MET HE3    H N N 349 
MET HXT    H N N 350 
PHE N      N N N 351 
PHE CA     C N S 352 
PHE C      C N N 353 
PHE O      O N N 354 
PHE CB     C N N 355 
PHE CG     C Y N 356 
PHE CD1    C Y N 357 
PHE CD2    C Y N 358 
PHE CE1    C Y N 359 
PHE CE2    C Y N 360 
PHE CZ     C Y N 361 
PHE OXT    O N N 362 
PHE H      H N N 363 
PHE H2     H N N 364 
PHE HA     H N N 365 
PHE HB2    H N N 366 
PHE HB3    H N N 367 
PHE HD1    H N N 368 
PHE HD2    H N N 369 
PHE HE1    H N N 370 
PHE HE2    H N N 371 
PHE HZ     H N N 372 
PHE HXT    H N N 373 
PRO N      N N N 374 
PRO CA     C N S 375 
PRO C      C N N 376 
PRO O      O N N 377 
PRO CB     C N N 378 
PRO CG     C N N 379 
PRO CD     C N N 380 
PRO OXT    O N N 381 
PRO H      H N N 382 
PRO HA     H N N 383 
PRO HB2    H N N 384 
PRO HB3    H N N 385 
PRO HG2    H N N 386 
PRO HG3    H N N 387 
PRO HD2    H N N 388 
PRO HD3    H N N 389 
PRO HXT    H N N 390 
SER N      N N N 391 
SER CA     C N S 392 
SER C      C N N 393 
SER O      O N N 394 
SER CB     C N N 395 
SER OG     O N N 396 
SER OXT    O N N 397 
SER H      H N N 398 
SER H2     H N N 399 
SER HA     H N N 400 
SER HB2    H N N 401 
SER HB3    H N N 402 
SER HG     H N N 403 
SER HXT    H N N 404 
THR N      N N N 405 
THR CA     C N S 406 
THR C      C N N 407 
THR O      O N N 408 
THR CB     C N R 409 
THR OG1    O N N 410 
THR CG2    C N N 411 
THR OXT    O N N 412 
THR H      H N N 413 
THR H2     H N N 414 
THR HA     H N N 415 
THR HB     H N N 416 
THR HG1    H N N 417 
THR HG21   H N N 418 
THR HG22   H N N 419 
THR HG23   H N N 420 
THR HXT    H N N 421 
TRP N      N N N 422 
TRP CA     C N S 423 
TRP C      C N N 424 
TRP O      O N N 425 
TRP CB     C N N 426 
TRP CG     C Y N 427 
TRP CD1    C Y N 428 
TRP CD2    C Y N 429 
TRP NE1    N Y N 430 
TRP CE2    C Y N 431 
TRP CE3    C Y N 432 
TRP CZ2    C Y N 433 
TRP CZ3    C Y N 434 
TRP CH2    C Y N 435 
TRP OXT    O N N 436 
TRP H      H N N 437 
TRP H2     H N N 438 
TRP HA     H N N 439 
TRP HB2    H N N 440 
TRP HB3    H N N 441 
TRP HD1    H N N 442 
TRP HE1    H N N 443 
TRP HE3    H N N 444 
TRP HZ2    H N N 445 
TRP HZ3    H N N 446 
TRP HH2    H N N 447 
TRP HXT    H N N 448 
TYR N      N N N 449 
TYR CA     C N S 450 
TYR C      C N N 451 
TYR O      O N N 452 
TYR CB     C N N 453 
TYR CG     C Y N 454 
TYR CD1    C Y N 455 
TYR CD2    C Y N 456 
TYR CE1    C Y N 457 
TYR CE2    C Y N 458 
TYR CZ     C Y N 459 
TYR OH     O N N 460 
TYR OXT    O N N 461 
TYR H      H N N 462 
TYR H2     H N N 463 
TYR HA     H N N 464 
TYR HB2    H N N 465 
TYR HB3    H N N 466 
TYR HD1    H N N 467 
TYR HD2    H N N 468 
TYR HE1    H N N 469 
TYR HE2    H N N 470 
TYR HH     H N N 471 
TYR HXT    H N N 472 
VAL N      N N N 473 
VAL CA     C N S 474 
VAL C      C N N 475 
VAL O      O N N 476 
VAL CB     C N N 477 
VAL CG1    C N N 478 
VAL CG2    C N N 479 
VAL OXT    O N N 480 
VAL H      H N N 481 
VAL H2     H N N 482 
VAL HA     H N N 483 
VAL HB     H N N 484 
VAL HG11   H N N 485 
VAL HG12   H N N 486 
VAL HG13   H N N 487 
VAL HG21   H N N 488 
VAL HG22   H N N 489 
VAL HG23   H N N 490 
VAL HXT    H N N 491 
# 
loop_
_chem_comp_bond.comp_id 
_chem_comp_bond.atom_id_1 
_chem_comp_bond.atom_id_2 
_chem_comp_bond.value_order 
_chem_comp_bond.pdbx_aromatic_flag 
_chem_comp_bond.pdbx_stereo_config 
_chem_comp_bond.pdbx_ordinal 
ALA N     CA     sing N N 1   
ALA N     H      sing N N 2   
ALA N     H2     sing N N 3   
ALA CA    C      sing N N 4   
ALA CA    CB     sing N N 5   
ALA CA    HA     sing N N 6   
ALA C     O      doub N N 7   
ALA C     OXT    sing N N 8   
ALA CB    HB1    sing N N 9   
ALA CB    HB2    sing N N 10  
ALA CB    HB3    sing N N 11  
ALA OXT   HXT    sing N N 12  
ARG N     CA     sing N N 13  
ARG N     H      sing N N 14  
ARG N     H2     sing N N 15  
ARG CA    C      sing N N 16  
ARG CA    CB     sing N N 17  
ARG CA    HA     sing N N 18  
ARG C     O      doub N N 19  
ARG C     OXT    sing N N 20  
ARG CB    CG     sing N N 21  
ARG CB    HB2    sing N N 22  
ARG CB    HB3    sing N N 23  
ARG CG    CD     sing N N 24  
ARG CG    HG2    sing N N 25  
ARG CG    HG3    sing N N 26  
ARG CD    NE     sing N N 27  
ARG CD    HD2    sing N N 28  
ARG CD    HD3    sing N N 29  
ARG NE    CZ     sing N N 30  
ARG NE    HE     sing N N 31  
ARG CZ    NH1    sing N N 32  
ARG CZ    NH2    doub N N 33  
ARG NH1   HH11   sing N N 34  
ARG NH1   HH12   sing N N 35  
ARG NH2   HH21   sing N N 36  
ARG NH2   HH22   sing N N 37  
ARG OXT   HXT    sing N N 38  
ASP N     CA     sing N N 39  
ASP N     H      sing N N 40  
ASP N     H2     sing N N 41  
ASP CA    C      sing N N 42  
ASP CA    CB     sing N N 43  
ASP CA    HA     sing N N 44  
ASP C     O      doub N N 45  
ASP C     OXT    sing N N 46  
ASP CB    CG     sing N N 47  
ASP CB    HB2    sing N N 48  
ASP CB    HB3    sing N N 49  
ASP CG    OD1    doub N N 50  
ASP CG    OD2    sing N N 51  
ASP OD2   HD2    sing N N 52  
ASP OXT   HXT    sing N N 53  
CYS N     CA     sing N N 54  
CYS N     H      sing N N 55  
CYS N     H2     sing N N 56  
CYS CA    C      sing N N 57  
CYS CA    CB     sing N N 58  
CYS CA    HA     sing N N 59  
CYS C     O      doub N N 60  
CYS C     OXT    sing N N 61  
CYS CB    SG     sing N N 62  
CYS CB    HB2    sing N N 63  
CYS CB    HB3    sing N N 64  
CYS SG    HG     sing N N 65  
CYS OXT   HXT    sing N N 66  
DA  OP3   P      sing N N 67  
DA  OP3   HOP3   sing N N 68  
DA  P     OP1    doub N N 69  
DA  P     OP2    sing N N 70  
DA  P     "O5'"  sing N N 71  
DA  OP2   HOP2   sing N N 72  
DA  "O5'" "C5'"  sing N N 73  
DA  "C5'" "C4'"  sing N N 74  
DA  "C5'" "H5'"  sing N N 75  
DA  "C5'" "H5''" sing N N 76  
DA  "C4'" "O4'"  sing N N 77  
DA  "C4'" "C3'"  sing N N 78  
DA  "C4'" "H4'"  sing N N 79  
DA  "O4'" "C1'"  sing N N 80  
DA  "C3'" "O3'"  sing N N 81  
DA  "C3'" "C2'"  sing N N 82  
DA  "C3'" "H3'"  sing N N 83  
DA  "O3'" "HO3'" sing N N 84  
DA  "C2'" "C1'"  sing N N 85  
DA  "C2'" "H2'"  sing N N 86  
DA  "C2'" "H2''" sing N N 87  
DA  "C1'" N9     sing N N 88  
DA  "C1'" "H1'"  sing N N 89  
DA  N9    C8     sing Y N 90  
DA  N9    C4     sing Y N 91  
DA  C8    N7     doub Y N 92  
DA  C8    H8     sing N N 93  
DA  N7    C5     sing Y N 94  
DA  C5    C6     sing Y N 95  
DA  C5    C4     doub Y N 96  
DA  C6    N6     sing N N 97  
DA  C6    N1     doub Y N 98  
DA  N6    H61    sing N N 99  
DA  N6    H62    sing N N 100 
DA  N1    C2     sing Y N 101 
DA  C2    N3     doub Y N 102 
DA  C2    H2     sing N N 103 
DA  N3    C4     sing Y N 104 
DC  OP3   P      sing N N 105 
DC  OP3   HOP3   sing N N 106 
DC  P     OP1    doub N N 107 
DC  P     OP2    sing N N 108 
DC  P     "O5'"  sing N N 109 
DC  OP2   HOP2   sing N N 110 
DC  "O5'" "C5'"  sing N N 111 
DC  "C5'" "C4'"  sing N N 112 
DC  "C5'" "H5'"  sing N N 113 
DC  "C5'" "H5''" sing N N 114 
DC  "C4'" "O4'"  sing N N 115 
DC  "C4'" "C3'"  sing N N 116 
DC  "C4'" "H4'"  sing N N 117 
DC  "O4'" "C1'"  sing N N 118 
DC  "C3'" "O3'"  sing N N 119 
DC  "C3'" "C2'"  sing N N 120 
DC  "C3'" "H3'"  sing N N 121 
DC  "O3'" "HO3'" sing N N 122 
DC  "C2'" "C1'"  sing N N 123 
DC  "C2'" "H2'"  sing N N 124 
DC  "C2'" "H2''" sing N N 125 
DC  "C1'" N1     sing N N 126 
DC  "C1'" "H1'"  sing N N 127 
DC  N1    C2     sing N N 128 
DC  N1    C6     sing N N 129 
DC  C2    O2     doub N N 130 
DC  C2    N3     sing N N 131 
DC  N3    C4     doub N N 132 
DC  C4    N4     sing N N 133 
DC  C4    C5     sing N N 134 
DC  N4    H41    sing N N 135 
DC  N4    H42    sing N N 136 
DC  C5    C6     doub N N 137 
DC  C5    H5     sing N N 138 
DC  C6    H6     sing N N 139 
DG  OP3   P      sing N N 140 
DG  OP3   HOP3   sing N N 141 
DG  P     OP1    doub N N 142 
DG  P     OP2    sing N N 143 
DG  P     "O5'"  sing N N 144 
DG  OP2   HOP2   sing N N 145 
DG  "O5'" "C5'"  sing N N 146 
DG  "C5'" "C4'"  sing N N 147 
DG  "C5'" "H5'"  sing N N 148 
DG  "C5'" "H5''" sing N N 149 
DG  "C4'" "O4'"  sing N N 150 
DG  "C4'" "C3'"  sing N N 151 
DG  "C4'" "H4'"  sing N N 152 
DG  "O4'" "C1'"  sing N N 153 
DG  "C3'" "O3'"  sing N N 154 
DG  "C3'" "C2'"  sing N N 155 
DG  "C3'" "H3'"  sing N N 156 
DG  "O3'" "HO3'" sing N N 157 
DG  "C2'" "C1'"  sing N N 158 
DG  "C2'" "H2'"  sing N N 159 
DG  "C2'" "H2''" sing N N 160 
DG  "C1'" N9     sing N N 161 
DG  "C1'" "H1'"  sing N N 162 
DG  N9    C8     sing Y N 163 
DG  N9    C4     sing Y N 164 
DG  C8    N7     doub Y N 165 
DG  C8    H8     sing N N 166 
DG  N7    C5     sing Y N 167 
DG  C5    C6     sing N N 168 
DG  C5    C4     doub Y N 169 
DG  C6    O6     doub N N 170 
DG  C6    N1     sing N N 171 
DG  N1    C2     sing N N 172 
DG  N1    H1     sing N N 173 
DG  C2    N2     sing N N 174 
DG  C2    N3     doub N N 175 
DG  N2    H21    sing N N 176 
DG  N2    H22    sing N N 177 
DG  N3    C4     sing N N 178 
DT  OP3   P      sing N N 179 
DT  OP3   HOP3   sing N N 180 
DT  P     OP1    doub N N 181 
DT  P     OP2    sing N N 182 
DT  P     "O5'"  sing N N 183 
DT  OP2   HOP2   sing N N 184 
DT  "O5'" "C5'"  sing N N 185 
DT  "C5'" "C4'"  sing N N 186 
DT  "C5'" "H5'"  sing N N 187 
DT  "C5'" "H5''" sing N N 188 
DT  "C4'" "O4'"  sing N N 189 
DT  "C4'" "C3'"  sing N N 190 
DT  "C4'" "H4'"  sing N N 191 
DT  "O4'" "C1'"  sing N N 192 
DT  "C3'" "O3'"  sing N N 193 
DT  "C3'" "C2'"  sing N N 194 
DT  "C3'" "H3'"  sing N N 195 
DT  "O3'" "HO3'" sing N N 196 
DT  "C2'" "C1'"  sing N N 197 
DT  "C2'" "H2'"  sing N N 198 
DT  "C2'" "H2''" sing N N 199 
DT  "C1'" N1     sing N N 200 
DT  "C1'" "H1'"  sing N N 201 
DT  N1    C2     sing N N 202 
DT  N1    C6     sing N N 203 
DT  C2    O2     doub N N 204 
DT  C2    N3     sing N N 205 
DT  N3    C4     sing N N 206 
DT  N3    H3     sing N N 207 
DT  C4    O4     doub N N 208 
DT  C4    C5     sing N N 209 
DT  C5    C7     sing N N 210 
DT  C5    C6     doub N N 211 
DT  C7    H71    sing N N 212 
DT  C7    H72    sing N N 213 
DT  C7    H73    sing N N 214 
DT  C6    H6     sing N N 215 
GLN N     CA     sing N N 216 
GLN N     H      sing N N 217 
GLN N     H2     sing N N 218 
GLN CA    C      sing N N 219 
GLN CA    CB     sing N N 220 
GLN CA    HA     sing N N 221 
GLN C     O      doub N N 222 
GLN C     OXT    sing N N 223 
GLN CB    CG     sing N N 224 
GLN CB    HB2    sing N N 225 
GLN CB    HB3    sing N N 226 
GLN CG    CD     sing N N 227 
GLN CG    HG2    sing N N 228 
GLN CG    HG3    sing N N 229 
GLN CD    OE1    doub N N 230 
GLN CD    NE2    sing N N 231 
GLN NE2   HE21   sing N N 232 
GLN NE2   HE22   sing N N 233 
GLN OXT   HXT    sing N N 234 
GLU N     CA     sing N N 235 
GLU N     H      sing N N 236 
GLU N     H2     sing N N 237 
GLU CA    C      sing N N 238 
GLU CA    CB     sing N N 239 
GLU CA    HA     sing N N 240 
GLU C     O      doub N N 241 
GLU C     OXT    sing N N 242 
GLU CB    CG     sing N N 243 
GLU CB    HB2    sing N N 244 
GLU CB    HB3    sing N N 245 
GLU CG    CD     sing N N 246 
GLU CG    HG2    sing N N 247 
GLU CG    HG3    sing N N 248 
GLU CD    OE1    doub N N 249 
GLU CD    OE2    sing N N 250 
GLU OE2   HE2    sing N N 251 
GLU OXT   HXT    sing N N 252 
GLY N     CA     sing N N 253 
GLY N     H      sing N N 254 
GLY N     H2     sing N N 255 
GLY CA    C      sing N N 256 
GLY CA    HA2    sing N N 257 
GLY CA    HA3    sing N N 258 
GLY C     O      doub N N 259 
GLY C     OXT    sing N N 260 
GLY OXT   HXT    sing N N 261 
HIS N     CA     sing N N 262 
HIS N     H      sing N N 263 
HIS N     H2     sing N N 264 
HIS CA    C      sing N N 265 
HIS CA    CB     sing N N 266 
HIS CA    HA     sing N N 267 
HIS C     O      doub N N 268 
HIS C     OXT    sing N N 269 
HIS CB    CG     sing N N 270 
HIS CB    HB2    sing N N 271 
HIS CB    HB3    sing N N 272 
HIS CG    ND1    sing Y N 273 
HIS CG    CD2    doub Y N 274 
HIS ND1   CE1    doub Y N 275 
HIS ND1   HD1    sing N N 276 
HIS CD2   NE2    sing Y N 277 
HIS CD2   HD2    sing N N 278 
HIS CE1   NE2    sing Y N 279 
HIS CE1   HE1    sing N N 280 
HIS NE2   HE2    sing N N 281 
HIS OXT   HXT    sing N N 282 
HOH O     H1     sing N N 283 
HOH O     H2     sing N N 284 
ILE N     CA     sing N N 285 
ILE N     H      sing N N 286 
ILE N     H2     sing N N 287 
ILE CA    C      sing N N 288 
ILE CA    CB     sing N N 289 
ILE CA    HA     sing N N 290 
ILE C     O      doub N N 291 
ILE C     OXT    sing N N 292 
ILE CB    CG1    sing N N 293 
ILE CB    CG2    sing N N 294 
ILE CB    HB     sing N N 295 
ILE CG1   CD1    sing N N 296 
ILE CG1   HG12   sing N N 297 
ILE CG1   HG13   sing N N 298 
ILE CG2   HG21   sing N N 299 
ILE CG2   HG22   sing N N 300 
ILE CG2   HG23   sing N N 301 
ILE CD1   HD11   sing N N 302 
ILE CD1   HD12   sing N N 303 
ILE CD1   HD13   sing N N 304 
ILE OXT   HXT    sing N N 305 
LEU N     CA     sing N N 306 
LEU N     H      sing N N 307 
LEU N     H2     sing N N 308 
LEU CA    C      sing N N 309 
LEU CA    CB     sing N N 310 
LEU CA    HA     sing N N 311 
LEU C     O      doub N N 312 
LEU C     OXT    sing N N 313 
LEU CB    CG     sing N N 314 
LEU CB    HB2    sing N N 315 
LEU CB    HB3    sing N N 316 
LEU CG    CD1    sing N N 317 
LEU CG    CD2    sing N N 318 
LEU CG    HG     sing N N 319 
LEU CD1   HD11   sing N N 320 
LEU CD1   HD12   sing N N 321 
LEU CD1   HD13   sing N N 322 
LEU CD2   HD21   sing N N 323 
LEU CD2   HD22   sing N N 324 
LEU CD2   HD23   sing N N 325 
LEU OXT   HXT    sing N N 326 
MET N     CA     sing N N 327 
MET N     H      sing N N 328 
MET N     H2     sing N N 329 
MET CA    C      sing N N 330 
MET CA    CB     sing N N 331 
MET CA    HA     sing N N 332 
MET C     O      doub N N 333 
MET C     OXT    sing N N 334 
MET CB    CG     sing N N 335 
MET CB    HB2    sing N N 336 
MET CB    HB3    sing N N 337 
MET CG    SD     sing N N 338 
MET CG    HG2    sing N N 339 
MET CG    HG3    sing N N 340 
MET SD    CE     sing N N 341 
MET CE    HE1    sing N N 342 
MET CE    HE2    sing N N 343 
MET CE    HE3    sing N N 344 
MET OXT   HXT    sing N N 345 
PHE N     CA     sing N N 346 
PHE N     H      sing N N 347 
PHE N     H2     sing N N 348 
PHE CA    C      sing N N 349 
PHE CA    CB     sing N N 350 
PHE CA    HA     sing N N 351 
PHE C     O      doub N N 352 
PHE C     OXT    sing N N 353 
PHE CB    CG     sing N N 354 
PHE CB    HB2    sing N N 355 
PHE CB    HB3    sing N N 356 
PHE CG    CD1    doub Y N 357 
PHE CG    CD2    sing Y N 358 
PHE CD1   CE1    sing Y N 359 
PHE CD1   HD1    sing N N 360 
PHE CD2   CE2    doub Y N 361 
PHE CD2   HD2    sing N N 362 
PHE CE1   CZ     doub Y N 363 
PHE CE1   HE1    sing N N 364 
PHE CE2   CZ     sing Y N 365 
PHE CE2   HE2    sing N N 366 
PHE CZ    HZ     sing N N 367 
PHE OXT   HXT    sing N N 368 
PRO N     CA     sing N N 369 
PRO N     CD     sing N N 370 
PRO N     H      sing N N 371 
PRO CA    C      sing N N 372 
PRO CA    CB     sing N N 373 
PRO CA    HA     sing N N 374 
PRO C     O      doub N N 375 
PRO C     OXT    sing N N 376 
PRO CB    CG     sing N N 377 
PRO CB    HB2    sing N N 378 
PRO CB    HB3    sing N N 379 
PRO CG    CD     sing N N 380 
PRO CG    HG2    sing N N 381 
PRO CG    HG3    sing N N 382 
PRO CD    HD2    sing N N 383 
PRO CD    HD3    sing N N 384 
PRO OXT   HXT    sing N N 385 
SER N     CA     sing N N 386 
SER N     H      sing N N 387 
SER N     H2     sing N N 388 
SER CA    C      sing N N 389 
SER CA    CB     sing N N 390 
SER CA    HA     sing N N 391 
SER C     O      doub N N 392 
SER C     OXT    sing N N 393 
SER CB    OG     sing N N 394 
SER CB    HB2    sing N N 395 
SER CB    HB3    sing N N 396 
SER OG    HG     sing N N 397 
SER OXT   HXT    sing N N 398 
THR N     CA     sing N N 399 
THR N     H      sing N N 400 
THR N     H2     sing N N 401 
THR CA    C      sing N N 402 
THR CA    CB     sing N N 403 
THR CA    HA     sing N N 404 
THR C     O      doub N N 405 
THR C     OXT    sing N N 406 
THR CB    OG1    sing N N 407 
THR CB    CG2    sing N N 408 
THR CB    HB     sing N N 409 
THR OG1   HG1    sing N N 410 
THR CG2   HG21   sing N N 411 
THR CG2   HG22   sing N N 412 
THR CG2   HG23   sing N N 413 
THR OXT   HXT    sing N N 414 
TRP N     CA     sing N N 415 
TRP N     H      sing N N 416 
TRP N     H2     sing N N 417 
TRP CA    C      sing N N 418 
TRP CA    CB     sing N N 419 
TRP CA    HA     sing N N 420 
TRP C     O      doub N N 421 
TRP C     OXT    sing N N 422 
TRP CB    CG     sing N N 423 
TRP CB    HB2    sing N N 424 
TRP CB    HB3    sing N N 425 
TRP CG    CD1    doub Y N 426 
TRP CG    CD2    sing Y N 427 
TRP CD1   NE1    sing Y N 428 
TRP CD1   HD1    sing N N 429 
TRP CD2   CE2    doub Y N 430 
TRP CD2   CE3    sing Y N 431 
TRP NE1   CE2    sing Y N 432 
TRP NE1   HE1    sing N N 433 
TRP CE2   CZ2    sing Y N 434 
TRP CE3   CZ3    doub Y N 435 
TRP CE3   HE3    sing N N 436 
TRP CZ2   CH2    doub Y N 437 
TRP CZ2   HZ2    sing N N 438 
TRP CZ3   CH2    sing Y N 439 
TRP CZ3   HZ3    sing N N 440 
TRP CH2   HH2    sing N N 441 
TRP OXT   HXT    sing N N 442 
TYR N     CA     sing N N 443 
TYR N     H      sing N N 444 
TYR N     H2     sing N N 445 
TYR CA    C      sing N N 446 
TYR CA    CB     sing N N 447 
TYR CA    HA     sing N N 448 
TYR C     O      doub N N 449 
TYR C     OXT    sing N N 450 
TYR CB    CG     sing N N 451 
TYR CB    HB2    sing N N 452 
TYR CB    HB3    sing N N 453 
TYR CG    CD1    doub Y N 454 
TYR CG    CD2    sing Y N 455 
TYR CD1   CE1    sing Y N 456 
TYR CD1   HD1    sing N N 457 
TYR CD2   CE2    doub Y N 458 
TYR CD2   HD2    sing N N 459 
TYR CE1   CZ     doub Y N 460 
TYR CE1   HE1    sing N N 461 
TYR CE2   CZ     sing Y N 462 
TYR CE2   HE2    sing N N 463 
TYR CZ    OH     sing N N 464 
TYR OH    HH     sing N N 465 
TYR OXT   HXT    sing N N 466 
VAL N     CA     sing N N 467 
VAL N     H      sing N N 468 
VAL N     H2     sing N N 469 
VAL CA    C      sing N N 470 
VAL CA    CB     sing N N 471 
VAL CA    HA     sing N N 472 
VAL C     O      doub N N 473 
VAL C     OXT    sing N N 474 
VAL CB    CG1    sing N N 475 
VAL CB    CG2    sing N N 476 
VAL CB    HB     sing N N 477 
VAL CG1   HG11   sing N N 478 
VAL CG1   HG12   sing N N 479 
VAL CG1   HG13   sing N N 480 
VAL CG2   HG21   sing N N 481 
VAL CG2   HG22   sing N N 482 
VAL CG2   HG23   sing N N 483 
VAL OXT   HXT    sing N N 484 
# 
loop_
_ndb_struct_conf_na.entry_id 
_ndb_struct_conf_na.feature 
3W6V 'double helix'         
3W6V 'b-form double helix'  
3W6V 'mismatched base pair' 
# 
loop_
_ndb_struct_na_base_pair.model_number 
_ndb_struct_na_base_pair.i_label_asym_id 
_ndb_struct_na_base_pair.i_label_comp_id 
_ndb_struct_na_base_pair.i_label_seq_id 
_ndb_struct_na_base_pair.i_symmetry 
_ndb_struct_na_base_pair.j_label_asym_id 
_ndb_struct_na_base_pair.j_label_comp_id 
_ndb_struct_na_base_pair.j_label_seq_id 
_ndb_struct_na_base_pair.j_symmetry 
_ndb_struct_na_base_pair.shear 
_ndb_struct_na_base_pair.stretch 
_ndb_struct_na_base_pair.stagger 
_ndb_struct_na_base_pair.buckle 
_ndb_struct_na_base_pair.propeller 
_ndb_struct_na_base_pair.opening 
_ndb_struct_na_base_pair.pair_number 
_ndb_struct_na_base_pair.pair_name 
_ndb_struct_na_base_pair.i_auth_asym_id 
_ndb_struct_na_base_pair.i_auth_seq_id 
_ndb_struct_na_base_pair.i_PDB_ins_code 
_ndb_struct_na_base_pair.j_auth_asym_id 
_ndb_struct_na_base_pair.j_auth_seq_id 
_ndb_struct_na_base_pair.j_PDB_ins_code 
_ndb_struct_na_base_pair.hbond_type_28 
_ndb_struct_na_base_pair.hbond_type_12 
1 B DG 3  1_555 C DC 16 1_555 -0.718 -0.263 -0.174 -6.790  -9.152  0.936  1  B_DG-1:DC12_C B -1 ? C 12 ? 19 1 
1 B DT 4  1_555 C DA 15 1_555 -0.556 -0.223 -0.060 8.429   -0.980  -0.886 2  B_DT0:DA11_C  B 0  ? C 11 ? 20 1 
1 B DG 5  1_555 C DC 14 1_555 -0.478 -0.304 -0.045 6.837   -6.864  -3.439 3  B_DG1:DC10_C  B 1  ? C 10 ? 19 1 
1 B DA 6  1_555 C DT 13 1_555 0.152  -0.047 0.269  10.639  -13.389 -7.879 4  B_DA2:DT9_C   B 2  ? C 9  ? 20 1 
1 B DA 7  1_555 C DT 12 1_555 0.414  -0.214 0.129  3.949   -15.182 -3.601 5  B_DA3:DT8_C   B 3  ? C 8  ? 20 1 
1 B DC 8  1_555 C DG 11 1_555 0.165  -0.230 0.402  -15.654 -13.612 -5.513 6  B_DC4:DG7_C   B 4  ? C 7  ? 19 1 
1 B DC 9  1_555 C DG 10 1_555 -0.806 0.010  -0.419 -8.939  -0.981  5.908  7  B_DC5:DG6_C   B 5  ? C 6  ? 19 1 
1 B DC 10 1_555 C DG 9  1_555 0.258  0.197  -0.085 15.012  -13.162 5.529  8  B_DC6:DG5_C   B 6  ? C 5  ? 19 1 
1 B DG 11 1_555 C DC 8  1_555 0.632  -0.262 0.099  2.418   -15.701 -6.330 9  B_DG7:DC4_C   B 7  ? C 4  ? 19 1 
1 B DC 12 1_555 C DG 7  1_555 0.097  0.100  0.056  7.897   -5.850  -5.841 10 B_DC8:DG3_C   B 8  ? C 3  ? 19 1 
1 B DC 13 1_555 C DG 6  1_555 0.237  -0.167 0.401  2.722   -1.965  5.936  11 B_DC9:DG2_C   B 9  ? C 2  ? 19 1 
1 B DA 14 1_555 C DT 5  1_555 -0.313 0.036  1.085  18.119  -19.856 0.398  12 B_DA10:DT1_C  B 10 ? C 1  ? ?  ? 
1 B DA 15 1_555 C DT 4  1_555 1.062  -0.137 0.532  12.976  -17.536 -0.710 13 B_DA11:DT0_C  B 11 ? C 0  ? 20 1 
1 B DC 16 1_555 C DG 3  1_555 -0.796 -0.027 0.103  9.756   -21.285 -2.963 14 B_DC12:DG-1_C B 12 ? C -1 ? 19 1 
# 
loop_
_ndb_struct_na_base_pair_step.model_number 
_ndb_struct_na_base_pair_step.i_label_asym_id_1 
_ndb_struct_na_base_pair_step.i_label_comp_id_1 
_ndb_struct_na_base_pair_step.i_label_seq_id_1 
_ndb_struct_na_base_pair_step.i_symmetry_1 
_ndb_struct_na_base_pair_step.j_label_asym_id_1 
_ndb_struct_na_base_pair_step.j_label_comp_id_1 
_ndb_struct_na_base_pair_step.j_label_seq_id_1 
_ndb_struct_na_base_pair_step.j_symmetry_1 
_ndb_struct_na_base_pair_step.i_label_asym_id_2 
_ndb_struct_na_base_pair_step.i_label_comp_id_2 
_ndb_struct_na_base_pair_step.i_label_seq_id_2 
_ndb_struct_na_base_pair_step.i_symmetry_2 
_ndb_struct_na_base_pair_step.j_label_asym_id_2 
_ndb_struct_na_base_pair_step.j_label_comp_id_2 
_ndb_struct_na_base_pair_step.j_label_seq_id_2 
_ndb_struct_na_base_pair_step.j_symmetry_2 
_ndb_struct_na_base_pair_step.shift 
_ndb_struct_na_base_pair_step.slide 
_ndb_struct_na_base_pair_step.rise 
_ndb_struct_na_base_pair_step.tilt 
_ndb_struct_na_base_pair_step.roll 
_ndb_struct_na_base_pair_step.twist 
_ndb_struct_na_base_pair_step.x_displacement 
_ndb_struct_na_base_pair_step.y_displacement 
_ndb_struct_na_base_pair_step.helical_rise 
_ndb_struct_na_base_pair_step.inclination 
_ndb_struct_na_base_pair_step.tip 
_ndb_struct_na_base_pair_step.helical_twist 
_ndb_struct_na_base_pair_step.step_number 
_ndb_struct_na_base_pair_step.step_name 
_ndb_struct_na_base_pair_step.i_auth_asym_id_1 
_ndb_struct_na_base_pair_step.i_auth_seq_id_1 
_ndb_struct_na_base_pair_step.i_PDB_ins_code_1 
_ndb_struct_na_base_pair_step.j_auth_asym_id_1 
_ndb_struct_na_base_pair_step.j_auth_seq_id_1 
_ndb_struct_na_base_pair_step.j_PDB_ins_code_1 
_ndb_struct_na_base_pair_step.i_auth_asym_id_2 
_ndb_struct_na_base_pair_step.i_auth_seq_id_2 
_ndb_struct_na_base_pair_step.i_PDB_ins_code_2 
_ndb_struct_na_base_pair_step.j_auth_asym_id_2 
_ndb_struct_na_base_pair_step.j_auth_seq_id_2 
_ndb_struct_na_base_pair_step.j_PDB_ins_code_2 
1 B DG 3  1_555 C DC 16 1_555 B DT 4  1_555 C DA 15 1_555 -0.503 -0.042 2.961 -1.353 0.926  33.844 -0.207 0.666  2.977 1.590  
2.323   33.883 1  BB_DG-1DT0:DA11DC12_CC B -1 ? C 12 ? B 0  ? C 11 ? 
1 B DT 4  1_555 C DA 15 1_555 B DG 5  1_555 C DC 14 1_555 0.118  -0.545 3.260 0.337  4.663  30.772 -1.894 -0.156 3.146 8.725  
-0.631  31.116 2  BB_DT0DG1:DC10DA11_CC  B 0  ? C 11 ? B 1  ? C 10 ? 
1 B DG 5  1_555 C DC 14 1_555 B DA 6  1_555 C DT 13 1_555 0.143  -0.582 3.216 0.931  -5.461 40.035 -0.232 -0.102 3.266 -7.931 
-1.352  40.401 3  BB_DG1DA2:DT9DC10_CC   B 1  ? C 10 ? B 2  ? C 9  ? 
1 B DA 6  1_555 C DT 13 1_555 B DA 7  1_555 C DT 12 1_555 -0.019 -0.581 3.208 2.241  -0.626 39.243 -0.790 0.289  3.210 -0.931 
-3.334  39.309 4  BB_DA2DA3:DT8DT9_CC    B 2  ? C 9  ? B 3  ? C 8  ? 
1 B DA 7  1_555 C DT 12 1_555 B DC 8  1_555 C DG 11 1_555 -0.204 -0.794 3.738 -2.553 1.876  33.091 -1.745 -0.129 3.693 3.284  
4.470   33.238 5  BB_DA3DC4:DG7DT8_CC    B 3  ? C 8  ? B 4  ? C 7  ? 
1 B DC 8  1_555 C DG 11 1_555 B DC 9  1_555 C DG 10 1_555 1.405  1.023  3.248 9.533  -1.018 35.331 1.777  -0.866 3.469 -1.641 
-15.361 36.569 6  BB_DC4DC5:DG6DG7_CC    B 4  ? C 7  ? B 5  ? C 6  ? 
1 B DC 9  1_555 C DG 10 1_555 B DC 10 1_555 C DG 9  1_555 -0.868 1.334  2.780 -5.026 7.556  31.677 1.171  0.744  3.105 13.499 
8.980   32.919 7  BB_DC5DC6:DG5DG6_CC    B 5  ? C 6  ? B 6  ? C 5  ? 
1 B DC 10 1_555 C DG 9  1_555 B DG 11 1_555 C DC 8  1_555 -0.770 0.850  3.735 -0.280 2.992  41.243 0.834  1.056  3.790 4.240  
0.397   41.347 8  BB_DC6DG7:DC4DG5_CC    B 6  ? C 5  ? B 7  ? C 4  ? 
1 B DG 11 1_555 C DC 8  1_555 B DC 12 1_555 C DG 7  1_555 0.417  -0.853 3.022 0.302  3.422  27.115 -2.579 -0.814 2.899 7.262  
-0.641  27.328 9  BB_DG7DC8:DG3DC4_CC    B 7  ? C 4  ? B 8  ? C 3  ? 
1 B DC 12 1_555 C DG 7  1_555 B DC 13 1_555 C DG 6  1_555 1.838  0.227  3.403 7.007  15.068 33.818 -1.839 -1.835 3.494 24.176 
-11.243 37.573 10 BB_DC8DC9:DG2DG3_CC    B 8  ? C 3  ? B 9  ? C 2  ? 
1 B DC 13 1_555 C DG 6  1_555 B DA 14 1_555 C DT 5  1_555 -0.627 0.814  3.013 -5.272 -1.896 31.594 1.790  0.254  3.023 -3.448 
9.588   32.074 11 BB_DC9DA10:DT1DG2_CC   B 9  ? C 2  ? B 10 ? C 1  ? 
1 B DA 14 1_555 C DT 5  1_555 B DA 15 1_555 C DT 4  1_555 0.271  -0.937 3.350 4.694  -2.471 39.574 -1.077 0.164  3.409 -3.630 
-6.896  39.914 12 BB_DA10DA11:DT0DT1_CC  B 10 ? C 1  ? B 11 ? C 0  ? 
1 B DA 15 1_555 C DT 4  1_555 B DC 16 1_555 C DG 3  1_555 0.051  -1.003 3.165 -0.456 8.351  25.261 -4.200 -0.220 2.699 18.460 
1.007   26.588 13 BB_DA11DC12:DG-1DT0_CC B 11 ? C 0  ? B 12 ? C -1 ? 
# 
_pdbx_entity_nonpoly.entity_id   4 
_pdbx_entity_nonpoly.name        water 
_pdbx_entity_nonpoly.comp_id     HOH 
# 
loop_
_pdbx_initial_refinement_model.id 
_pdbx_initial_refinement_model.entity_id_list 
_pdbx_initial_refinement_model.type 
_pdbx_initial_refinement_model.source_name 
_pdbx_initial_refinement_model.accession_code 
_pdbx_initial_refinement_model.details 
1 ? 'experimental model' PDB 1D5Y '1D5Y, 1BL0' 
2 ? 'experimental model' PDB 1BL0 '1D5Y, 1BL0' 
# 
